data_5SKS
#
_entry.id   5SKS
#
_cell.length_a   134.920
_cell.length_b   134.920
_cell.length_c   235.240
_cell.angle_alpha   90.000
_cell.angle_beta   90.000
_cell.angle_gamma   120.000
#
_symmetry.space_group_name_H-M   'H 3'
#
loop_
_entity.id
_entity.type
_entity.pdbx_description
1 polymer "cAMP and cAMP-inhibited cGMP 3',5'-cyclic phosphodiesterase 10A"
2 non-polymer 'ZINC ION'
3 non-polymer 'MAGNESIUM ION'
4 non-polymer "diethyl 1,1'-[oxydi(3,1-phenylene)]bis(5-methyl-1H-imidazole-4-carboxylate)"
5 non-polymer GLYCEROL
6 water water
#
_entity_poly.entity_id   1
_entity_poly.type   'polypeptide(L)'
_entity_poly.pdbx_seq_one_letter_code
;GSSICTSEEWQGLMQFTLPVRLCKEIELFHFDIGPFENMWPGIFVYMVHRSCGTSCFELEKL(CME)RFIMSVKKNYRRV
PYHNWKHAVTVAHCMYAILQNNHTLFTDLERKGLLIACLCHDLDHRGFSNSYLQKFDHPLAALYSTSTMEQHHFSQTVSI
LQLEGHNIFSTLSSSEYEQVLEIIRKAIIATDLALYFGNRKQLEEMYQTGSLNLNNQSHRDRVIGLMMTACDLCSVTKLW
PVTKLTANDIYAEFWAEGDEMKKLGIQPIPMMDRDKKDEVPQGQLGFYNAVAIPCYTTLTQILPPTEPLLKACRDNLSQW
EKVIRGEETATWISSPSVAQKAAASED
;
_entity_poly.pdbx_strand_id   A,B,C,D
#
loop_
_chem_comp.id
_chem_comp.type
_chem_comp.name
_chem_comp.formula
GOL non-polymer GLYCEROL 'C3 H8 O3'
KIS non-polymer 'diethyl 1,1'-[oxydi(3,1-phenylene)]bis(5-methyl-1H-imidazole-4-carboxylate)' 'C26 H26 N4 O5'
MG non-polymer 'MAGNESIUM ION' 'Mg 2'
ZN non-polymer 'ZINC ION' 'Zn 2'
#
# COMPACT_ATOMS: atom_id res chain seq x y z
N LEU A 13 -38.35 -3.73 -29.63
CA LEU A 13 -37.92 -5.15 -29.97
C LEU A 13 -36.61 -5.55 -29.26
N MET A 14 -36.29 -4.87 -28.16
CA MET A 14 -35.09 -5.06 -27.31
C MET A 14 -35.54 -5.60 -25.94
N GLN A 15 -35.83 -6.91 -25.90
CA GLN A 15 -35.99 -7.74 -24.67
C GLN A 15 -34.62 -7.99 -24.00
N PHE A 16 -34.39 -7.37 -22.86
CA PHE A 16 -33.42 -7.79 -21.80
C PHE A 16 -33.56 -9.28 -21.47
N THR A 17 -32.42 -9.99 -21.40
CA THR A 17 -32.33 -11.44 -21.05
C THR A 17 -31.13 -11.69 -20.14
N LEU A 18 -31.23 -12.75 -19.38
CA LEU A 18 -30.23 -13.11 -18.38
C LEU A 18 -29.70 -14.45 -18.80
N PRO A 19 -28.50 -14.80 -18.36
CA PRO A 19 -28.02 -16.15 -18.50
C PRO A 19 -29.05 -17.09 -17.90
N VAL A 20 -28.98 -18.31 -18.39
CA VAL A 20 -29.96 -19.38 -18.11
C VAL A 20 -30.11 -19.56 -16.60
N ARG A 21 -29.04 -19.71 -15.81
CA ARG A 21 -29.28 -20.01 -14.37
C ARG A 21 -30.05 -18.86 -13.70
N LEU A 22 -29.81 -17.62 -14.11
CA LEU A 22 -30.47 -16.42 -13.53
C LEU A 22 -31.89 -16.35 -14.10
N CYS A 23 -32.03 -16.57 -15.41
CA CYS A 23 -33.34 -16.48 -16.08
CA CYS A 23 -33.34 -16.54 -16.12
C CYS A 23 -34.31 -17.37 -15.29
N LYS A 24 -33.86 -18.53 -14.84
CA LYS A 24 -34.78 -19.44 -14.14
C LYS A 24 -34.91 -19.13 -12.66
N GLU A 25 -33.79 -18.90 -12.01
CA GLU A 25 -33.74 -18.78 -10.53
CA GLU A 25 -33.73 -18.75 -10.53
C GLU A 25 -34.36 -17.41 -10.12
N ILE A 26 -34.33 -16.40 -10.98
CA ILE A 26 -34.87 -15.06 -10.63
C ILE A 26 -36.37 -15.15 -10.34
N GLU A 27 -37.04 -16.16 -10.86
CA GLU A 27 -38.52 -16.29 -10.69
C GLU A 27 -38.83 -16.81 -9.29
N LEU A 28 -37.81 -17.31 -8.59
CA LEU A 28 -37.97 -17.93 -7.26
C LEU A 28 -37.77 -16.90 -6.16
N PHE A 29 -38.49 -17.09 -5.05
CA PHE A 29 -38.50 -16.15 -3.92
C PHE A 29 -37.09 -16.07 -3.31
N HIS A 30 -36.35 -17.17 -3.30
CA HIS A 30 -35.04 -17.25 -2.59
C HIS A 30 -33.88 -16.78 -3.48
N PHE A 31 -34.10 -16.29 -4.70
CA PHE A 31 -33.00 -15.80 -5.56
C PHE A 31 -32.16 -14.77 -4.81
N ASP A 32 -30.84 -14.97 -4.79
CA ASP A 32 -29.81 -13.96 -4.44
C ASP A 32 -29.31 -13.27 -5.72
N ILE A 33 -29.22 -11.94 -5.76
CA ILE A 33 -28.86 -11.18 -6.99
C ILE A 33 -27.34 -11.27 -7.23
N GLY A 34 -26.57 -11.90 -6.36
CA GLY A 34 -25.14 -12.10 -6.66
C GLY A 34 -24.26 -10.88 -6.39
N PRO A 35 -22.93 -11.12 -6.36
CA PRO A 35 -21.94 -10.13 -6.01
C PRO A 35 -21.45 -9.29 -7.18
N PHE A 36 -22.03 -9.39 -8.36
CA PHE A 36 -21.63 -8.58 -9.55
C PHE A 36 -22.57 -7.37 -9.66
N GLU A 37 -22.13 -6.33 -8.97
CA GLU A 37 -22.79 -5.03 -8.85
C GLU A 37 -23.31 -4.55 -10.21
N ASN A 38 -22.49 -4.65 -11.25
CA ASN A 38 -22.82 -4.14 -12.61
C ASN A 38 -23.94 -4.93 -13.26
N MET A 39 -24.34 -6.11 -12.75
CA MET A 39 -25.52 -6.82 -13.29
C MET A 39 -26.81 -6.39 -12.60
N TRP A 40 -26.75 -5.67 -11.48
CA TRP A 40 -27.99 -5.37 -10.74
C TRP A 40 -28.95 -4.52 -11.54
N PRO A 41 -28.53 -3.43 -12.23
CA PRO A 41 -29.45 -2.63 -13.05
C PRO A 41 -30.20 -3.41 -14.14
N GLY A 42 -29.50 -4.30 -14.82
CA GLY A 42 -30.10 -5.17 -15.86
C GLY A 42 -31.07 -6.16 -15.24
N ILE A 43 -30.73 -6.70 -14.07
CA ILE A 43 -31.67 -7.59 -13.31
C ILE A 43 -32.96 -6.82 -13.03
N PHE A 44 -32.84 -5.60 -12.57
CA PHE A 44 -34.03 -4.79 -12.26
C PHE A 44 -34.85 -4.50 -13.53
N VAL A 45 -34.19 -4.14 -14.63
CA VAL A 45 -34.87 -3.82 -15.91
C VAL A 45 -35.57 -5.09 -16.37
N TYR A 46 -34.88 -6.21 -16.34
CA TYR A 46 -35.48 -7.53 -16.66
C TYR A 46 -36.78 -7.74 -15.89
N MET A 47 -36.78 -7.35 -14.62
CA MET A 47 -37.95 -7.59 -13.75
C MET A 47 -39.09 -6.63 -14.12
N VAL A 48 -38.82 -5.34 -14.35
CA VAL A 48 -39.85 -4.35 -14.75
C VAL A 48 -40.45 -4.86 -16.07
N HIS A 49 -39.61 -5.27 -17.01
CA HIS A 49 -40.06 -5.67 -18.36
C HIS A 49 -40.99 -6.87 -18.23
N ARG A 50 -40.68 -7.81 -17.33
CA ARG A 50 -41.49 -9.06 -17.21
C ARG A 50 -42.74 -8.85 -16.36
N SER A 51 -42.66 -7.95 -15.39
CA SER A 51 -43.69 -7.68 -14.35
C SER A 51 -44.74 -6.69 -14.88
N CYS A 52 -44.28 -5.80 -15.77
CA CYS A 52 -44.96 -4.55 -16.15
C CYS A 52 -45.11 -4.49 -17.66
N GLY A 53 -44.04 -4.82 -18.39
CA GLY A 53 -43.97 -4.81 -19.86
C GLY A 53 -42.78 -3.98 -20.33
N THR A 54 -42.37 -4.15 -21.58
CA THR A 54 -41.33 -3.30 -22.22
C THR A 54 -41.86 -1.87 -22.42
N SER A 55 -43.17 -1.68 -22.28
CA SER A 55 -43.94 -0.46 -22.64
C SER A 55 -44.14 0.47 -21.43
N CYS A 56 -43.99 -0.01 -20.19
CA CYS A 56 -44.41 0.79 -19.02
CA CYS A 56 -44.34 0.75 -18.97
C CYS A 56 -43.49 2.01 -18.83
N PHE A 57 -42.20 1.91 -19.20
CA PHE A 57 -41.20 2.99 -19.06
C PHE A 57 -40.36 3.08 -20.33
N GLU A 58 -40.03 4.32 -20.72
CA GLU A 58 -39.03 4.65 -21.75
C GLU A 58 -37.67 4.19 -21.20
N LEU A 59 -36.99 3.34 -21.95
CA LEU A 59 -35.79 2.64 -21.51
C LEU A 59 -34.70 3.64 -21.12
N GLU A 60 -34.52 4.68 -21.91
CA GLU A 60 -33.45 5.68 -21.70
C GLU A 60 -33.69 6.42 -20.37
N LYS A 61 -34.94 6.72 -20.04
CA LYS A 61 -35.29 7.42 -18.78
C LYS A 61 -35.17 6.45 -17.60
N LEU A 62 -35.52 5.19 -17.80
CA LEU A 62 -35.54 4.24 -16.68
C LEU A 62 -34.06 4.04 -16.28
N CME A 63 -33.22 3.89 -17.28
CA CME A 63 -31.76 3.64 -17.11
CB CME A 63 -31.09 3.37 -18.43
SG CME A 63 -31.37 1.65 -18.97
SD CME A 63 -30.15 0.68 -17.62
CE CME A 63 -29.03 -0.34 -18.62
CZ CME A 63 -28.82 -1.66 -17.93
OH CME A 63 -27.57 -2.17 -18.32
C CME A 63 -31.14 4.80 -16.35
O CME A 63 -30.29 4.52 -15.44
N ARG A 64 -31.56 6.01 -16.69
CA ARG A 64 -31.05 7.27 -16.09
C ARG A 64 -31.56 7.33 -14.64
N PHE A 65 -32.79 6.89 -14.43
CA PHE A 65 -33.41 6.90 -13.08
C PHE A 65 -32.70 5.89 -12.16
N ILE A 66 -32.56 4.66 -12.62
CA ILE A 66 -31.85 3.56 -11.89
C ILE A 66 -30.45 4.02 -11.49
N MET A 67 -29.73 4.63 -12.41
CA MET A 67 -28.33 5.06 -12.17
C MET A 67 -28.28 6.23 -11.18
N SER A 68 -29.27 7.13 -11.17
CA SER A 68 -29.30 8.21 -10.15
C SER A 68 -29.73 7.62 -8.81
N VAL A 69 -30.68 6.69 -8.83
CA VAL A 69 -31.03 5.94 -7.60
C VAL A 69 -29.77 5.26 -7.05
N LYS A 70 -29.01 4.61 -7.91
CA LYS A 70 -27.83 3.87 -7.41
C LYS A 70 -26.89 4.88 -6.73
N LYS A 71 -26.61 5.98 -7.42
CA LYS A 71 -25.65 7.01 -6.96
C LYS A 71 -26.11 7.53 -5.59
N ASN A 72 -27.40 7.50 -5.28
CA ASN A 72 -27.94 8.12 -4.04
C ASN A 72 -28.09 7.10 -2.89
N TYR A 73 -27.67 5.86 -3.09
CA TYR A 73 -27.43 4.87 -2.01
C TYR A 73 -25.98 4.98 -1.58
N ARG A 74 -25.76 4.87 -0.30
CA ARG A 74 -24.43 5.05 0.31
C ARG A 74 -23.76 3.70 0.48
N ARG A 75 -22.47 3.72 0.76
CA ARG A 75 -21.64 2.47 0.81
C ARG A 75 -21.63 1.98 2.25
N VAL A 76 -22.81 1.81 2.82
CA VAL A 76 -22.99 1.26 4.18
C VAL A 76 -23.06 -0.25 4.08
N PRO A 77 -22.82 -0.95 5.20
CA PRO A 77 -22.75 -2.42 5.13
C PRO A 77 -24.04 -3.17 4.75
N TYR A 78 -25.23 -2.58 4.93
CA TYR A 78 -26.51 -3.29 4.74
C TYR A 78 -27.47 -2.45 3.92
N HIS A 79 -27.73 -1.21 4.34
CA HIS A 79 -28.75 -0.34 3.69
C HIS A 79 -28.15 0.37 2.48
N ASN A 80 -27.82 -0.42 1.49
CA ASN A 80 -27.07 -0.03 0.29
C ASN A 80 -27.87 -0.48 -0.91
N TRP A 81 -27.27 -0.25 -2.07
CA TRP A 81 -27.84 -0.51 -3.38
C TRP A 81 -28.19 -2.00 -3.50
N LYS A 82 -27.36 -2.90 -2.99
CA LYS A 82 -27.71 -4.35 -3.08
C LYS A 82 -29.01 -4.62 -2.34
N HIS A 83 -29.24 -4.01 -1.19
CA HIS A 83 -30.50 -4.19 -0.44
C HIS A 83 -31.66 -3.66 -1.27
N ALA A 84 -31.48 -2.49 -1.93
CA ALA A 84 -32.55 -1.89 -2.75
C ALA A 84 -33.00 -2.93 -3.77
N VAL A 85 -32.04 -3.53 -4.48
CA VAL A 85 -32.35 -4.39 -5.65
C VAL A 85 -32.89 -5.74 -5.10
N THR A 86 -32.37 -6.19 -3.99
CA THR A 86 -32.85 -7.43 -3.33
C THR A 86 -34.33 -7.29 -2.95
N VAL A 87 -34.68 -6.18 -2.32
CA VAL A 87 -36.10 -5.89 -1.89
C VAL A 87 -37.01 -5.76 -3.13
N ALA A 88 -36.55 -5.16 -4.25
CA ALA A 88 -37.32 -5.09 -5.52
C ALA A 88 -37.52 -6.51 -6.07
N HIS A 89 -36.52 -7.37 -6.01
CA HIS A 89 -36.62 -8.73 -6.56
C HIS A 89 -37.69 -9.50 -5.79
N CYS A 90 -37.71 -9.50 -4.46
CA CYS A 90 -38.81 -10.13 -3.69
C CYS A 90 -40.16 -9.55 -4.14
N MET A 91 -40.26 -8.23 -4.35
CA MET A 91 -41.57 -7.65 -4.73
C MET A 91 -41.94 -8.27 -6.08
N TYR A 92 -40.96 -8.38 -6.98
CA TYR A 92 -41.17 -8.92 -8.34
C TYR A 92 -41.75 -10.35 -8.24
N ALA A 93 -41.19 -11.17 -7.35
CA ALA A 93 -41.61 -12.56 -7.09
C ALA A 93 -43.06 -12.55 -6.61
N ILE A 94 -43.41 -11.70 -5.67
CA ILE A 94 -44.81 -11.63 -5.17
C ILE A 94 -45.73 -11.25 -6.33
N LEU A 95 -45.35 -10.22 -7.07
CA LEU A 95 -46.17 -9.69 -8.20
C LEU A 95 -46.35 -10.79 -9.24
N GLN A 96 -45.31 -11.52 -9.58
CA GLN A 96 -45.41 -12.53 -10.66
C GLN A 96 -46.16 -13.77 -10.16
N ASN A 97 -46.26 -13.98 -8.87
CA ASN A 97 -47.01 -15.15 -8.31
C ASN A 97 -48.48 -14.77 -8.03
N ASN A 98 -48.84 -13.48 -8.17
CA ASN A 98 -50.21 -12.95 -7.91
C ASN A 98 -50.59 -11.95 -9.00
N HIS A 99 -50.22 -12.27 -10.23
CA HIS A 99 -50.48 -11.58 -11.52
C HIS A 99 -51.75 -10.72 -11.44
N THR A 100 -52.89 -11.40 -11.38
CA THR A 100 -54.23 -10.81 -11.63
C THR A 100 -54.77 -10.06 -10.41
N LEU A 101 -54.09 -9.99 -9.26
CA LEU A 101 -54.58 -9.20 -8.10
C LEU A 101 -54.14 -7.73 -8.20
N PHE A 102 -53.23 -7.35 -9.08
CA PHE A 102 -52.68 -5.99 -8.97
C PHE A 102 -52.95 -5.18 -10.23
N THR A 103 -53.20 -3.89 -10.00
CA THR A 103 -53.43 -2.89 -11.08
C THR A 103 -52.12 -2.61 -11.81
N ASP A 104 -52.25 -1.93 -12.94
CA ASP A 104 -51.13 -1.59 -13.87
C ASP A 104 -50.27 -0.54 -13.13
N LEU A 105 -50.92 0.38 -12.42
CA LEU A 105 -50.29 1.46 -11.67
C LEU A 105 -49.56 0.84 -10.48
N GLU A 106 -50.12 -0.20 -9.85
CA GLU A 106 -49.49 -0.83 -8.65
C GLU A 106 -48.21 -1.53 -9.10
N ARG A 107 -48.22 -2.19 -10.24
CA ARG A 107 -47.04 -2.98 -10.69
C ARG A 107 -45.87 -2.04 -10.97
N LYS A 108 -46.18 -0.95 -11.68
CA LYS A 108 -45.24 0.16 -12.01
C LYS A 108 -44.70 0.81 -10.73
N GLY A 109 -45.59 1.16 -9.80
CA GLY A 109 -45.22 1.89 -8.59
C GLY A 109 -44.37 1.06 -7.64
N LEU A 110 -44.72 -0.21 -7.45
CA LEU A 110 -44.21 -0.98 -6.30
C LEU A 110 -42.76 -1.43 -6.53
N LEU A 111 -42.36 -1.74 -7.76
CA LEU A 111 -40.96 -2.16 -8.00
C LEU A 111 -40.09 -0.93 -7.80
N ILE A 112 -40.62 0.22 -8.22
CA ILE A 112 -39.91 1.52 -8.11
C ILE A 112 -39.81 1.87 -6.62
N ALA A 113 -40.93 1.68 -5.91
CA ALA A 113 -40.98 1.99 -4.47
C ALA A 113 -39.88 1.19 -3.78
N CYS A 114 -39.71 -0.07 -4.16
CA CYS A 114 -38.76 -0.98 -3.49
C CYS A 114 -37.32 -0.54 -3.78
N LEU A 115 -37.04 -0.22 -5.04
CA LEU A 115 -35.71 0.29 -5.44
C LEU A 115 -35.36 1.53 -4.64
N CYS A 116 -36.37 2.38 -4.37
CA CYS A 116 -36.15 3.71 -3.76
C CYS A 116 -36.31 3.72 -2.25
N HIS A 117 -36.68 2.60 -1.61
CA HIS A 117 -37.34 2.66 -0.27
C HIS A 117 -36.33 3.00 0.80
N ASP A 118 -35.04 2.88 0.51
CA ASP A 118 -34.01 3.21 1.56
C ASP A 118 -33.03 4.28 1.02
N LEU A 119 -33.41 5.03 -0.02
CA LEU A 119 -32.57 6.08 -0.64
C LEU A 119 -31.86 6.92 0.40
N ASP A 120 -30.54 7.01 0.28
CA ASP A 120 -29.70 7.96 1.05
C ASP A 120 -29.80 7.59 2.53
N HIS A 121 -29.96 6.31 2.82
CA HIS A 121 -29.84 5.79 4.18
C HIS A 121 -28.40 6.03 4.63
N ARG A 122 -28.22 6.30 5.90
CA ARG A 122 -26.88 6.57 6.47
C ARG A 122 -26.47 5.41 7.39
N GLY A 123 -27.28 4.37 7.57
CA GLY A 123 -26.90 3.22 8.39
C GLY A 123 -27.25 3.42 9.86
N PHE A 124 -28.16 4.35 10.13
CA PHE A 124 -28.64 4.63 11.51
C PHE A 124 -30.15 4.60 11.54
N SER A 125 -30.71 4.22 12.68
CA SER A 125 -32.18 4.14 12.93
C SER A 125 -32.79 5.52 13.11
N ASN A 126 -34.11 5.57 12.98
CA ASN A 126 -34.89 6.79 13.28
C ASN A 126 -34.55 7.23 14.71
N SER A 127 -34.42 6.28 15.64
CA SER A 127 -34.09 6.59 17.05
C SER A 127 -32.84 7.42 17.10
N TYR A 128 -31.75 6.96 16.47
CA TYR A 128 -30.42 7.60 16.61
C TYR A 128 -30.50 9.03 16.04
N LEU A 129 -31.15 9.21 14.91
CA LEU A 129 -31.38 10.54 14.31
C LEU A 129 -32.01 11.43 15.38
N GLN A 130 -32.98 10.91 16.14
CA GLN A 130 -33.76 11.69 17.12
C GLN A 130 -32.85 12.01 18.29
N LYS A 131 -32.09 11.05 18.78
CA LYS A 131 -31.20 11.33 19.93
C LYS A 131 -30.04 12.24 19.51
N PHE A 132 -29.57 12.14 18.29
CA PHE A 132 -28.45 12.97 17.81
C PHE A 132 -28.96 14.39 17.65
N ASP A 133 -30.26 14.50 17.34
CA ASP A 133 -30.94 15.78 17.01
C ASP A 133 -30.56 16.14 15.57
N HIS A 134 -30.58 15.16 14.67
CA HIS A 134 -30.26 15.39 13.23
C HIS A 134 -31.33 16.30 12.63
N PRO A 135 -30.98 17.20 11.72
CA PRO A 135 -31.99 18.06 11.07
C PRO A 135 -33.18 17.30 10.48
N LEU A 136 -32.97 16.10 9.98
CA LEU A 136 -34.09 15.33 9.36
C LEU A 136 -35.14 15.03 10.45
N ALA A 137 -34.75 14.91 11.74
CA ALA A 137 -35.63 14.57 12.87
C ALA A 137 -36.48 15.78 13.27
N ALA A 138 -36.09 17.00 12.88
CA ALA A 138 -36.89 18.23 13.05
C ALA A 138 -37.86 18.39 11.89
N LEU A 139 -37.44 18.08 10.69
CA LEU A 139 -38.30 18.13 9.48
C LEU A 139 -39.38 17.04 9.49
N TYR A 140 -39.09 15.86 10.05
CA TYR A 140 -39.94 14.64 9.99
C TYR A 140 -39.93 13.96 11.37
N SER A 141 -40.94 14.25 12.20
CA SER A 141 -40.97 13.85 13.63
C SER A 141 -41.12 12.33 13.75
N THR A 142 -41.87 11.69 12.86
CA THR A 142 -42.02 10.22 12.82
C THR A 142 -41.72 9.70 11.42
N SER A 143 -41.42 8.42 11.41
CA SER A 143 -40.90 7.68 10.24
C SER A 143 -39.87 8.57 9.52
N THR A 144 -38.88 9.05 10.29
CA THR A 144 -37.91 10.11 9.90
C THR A 144 -37.21 9.72 8.60
N MET A 145 -36.49 8.58 8.57
CA MET A 145 -35.73 8.23 7.35
C MET A 145 -36.72 7.93 6.23
N GLU A 146 -37.87 7.37 6.56
CA GLU A 146 -38.77 6.88 5.50
C GLU A 146 -39.37 8.11 4.80
N GLN A 147 -39.63 9.21 5.49
CA GLN A 147 -40.13 10.42 4.76
C GLN A 147 -38.98 10.98 3.91
N HIS A 148 -37.77 10.90 4.43
CA HIS A 148 -36.56 11.29 3.69
C HIS A 148 -36.45 10.46 2.42
N HIS A 149 -36.64 9.13 2.50
CA HIS A 149 -36.46 8.23 1.32
C HIS A 149 -37.47 8.63 0.24
N PHE A 150 -38.71 8.88 0.63
CA PHE A 150 -39.73 9.29 -0.40
C PHE A 150 -39.30 10.62 -1.04
N SER A 151 -38.90 11.55 -0.17
CA SER A 151 -38.47 12.91 -0.57
C SER A 151 -37.33 12.77 -1.59
N GLN A 152 -36.35 11.92 -1.30
CA GLN A 152 -35.27 11.66 -2.29
C GLN A 152 -35.82 11.06 -3.58
N THR A 153 -36.77 10.14 -3.51
CA THR A 153 -37.44 9.53 -4.70
C THR A 153 -38.03 10.63 -5.60
N VAL A 154 -38.81 11.52 -5.01
CA VAL A 154 -39.47 12.64 -5.73
C VAL A 154 -38.41 13.55 -6.37
N SER A 155 -37.35 13.88 -5.64
CA SER A 155 -36.20 14.69 -6.13
C SER A 155 -35.55 14.07 -7.36
N ILE A 156 -35.46 12.75 -7.42
CA ILE A 156 -34.75 12.07 -8.53
C ILE A 156 -35.71 12.05 -9.72
N LEU A 157 -37.01 11.81 -9.49
CA LEU A 157 -38.04 11.88 -10.55
C LEU A 157 -38.06 13.28 -11.22
N GLN A 158 -37.65 14.31 -10.52
CA GLN A 158 -37.77 15.70 -11.04
C GLN A 158 -36.47 16.13 -11.70
N LEU A 159 -35.42 15.33 -11.66
CA LEU A 159 -34.22 15.56 -12.46
C LEU A 159 -34.64 15.50 -13.94
N GLU A 160 -34.02 16.33 -14.77
CA GLU A 160 -34.26 16.31 -16.22
C GLU A 160 -34.02 14.91 -16.77
N GLY A 161 -34.95 14.40 -17.56
CA GLY A 161 -34.81 13.11 -18.26
C GLY A 161 -34.97 11.93 -17.32
N HIS A 162 -35.45 12.15 -16.08
CA HIS A 162 -35.58 11.06 -15.06
C HIS A 162 -37.04 10.75 -14.81
N ASN A 163 -37.98 11.46 -15.44
CA ASN A 163 -39.41 11.22 -15.13
C ASN A 163 -39.92 10.03 -15.95
N ILE A 164 -39.78 8.86 -15.34
CA ILE A 164 -40.20 7.55 -15.90
C ILE A 164 -41.72 7.53 -15.95
N PHE A 165 -42.41 8.41 -15.22
CA PHE A 165 -43.89 8.47 -15.12
C PHE A 165 -44.47 9.57 -16.04
N SER A 166 -43.63 10.27 -16.81
CA SER A 166 -43.98 11.21 -17.93
C SER A 166 -45.24 10.81 -18.73
N THR A 167 -45.34 9.57 -19.22
CA THR A 167 -46.49 9.11 -20.05
C THR A 167 -47.83 9.13 -19.29
N LEU A 168 -47.86 9.04 -17.96
CA LEU A 168 -49.11 8.88 -17.17
C LEU A 168 -49.91 10.17 -17.22
N SER A 169 -51.23 10.09 -17.10
CA SER A 169 -52.08 11.28 -16.90
C SER A 169 -51.75 11.92 -15.56
N SER A 170 -52.25 13.13 -15.39
CA SER A 170 -52.13 13.91 -14.15
C SER A 170 -52.65 13.05 -12.97
N SER A 171 -53.71 12.27 -13.25
CA SER A 171 -54.49 11.44 -12.29
C SER A 171 -53.62 10.27 -11.81
N GLU A 172 -53.14 9.54 -12.82
CA GLU A 172 -52.38 8.28 -12.69
C GLU A 172 -51.08 8.62 -11.95
N TYR A 173 -50.51 9.77 -12.27
CA TYR A 173 -49.23 10.28 -11.74
C TYR A 173 -49.42 10.49 -10.25
N GLU A 174 -50.48 11.19 -9.86
CA GLU A 174 -50.76 11.48 -8.43
C GLU A 174 -50.99 10.12 -7.74
N GLN A 175 -51.67 9.20 -8.40
CA GLN A 175 -52.04 7.88 -7.85
C GLN A 175 -50.77 7.06 -7.61
N VAL A 176 -49.84 7.04 -8.58
CA VAL A 176 -48.61 6.22 -8.48
C VAL A 176 -47.70 6.81 -7.41
N LEU A 177 -47.59 8.15 -7.31
CA LEU A 177 -46.67 8.79 -6.34
C LEU A 177 -47.21 8.56 -4.94
N GLU A 178 -48.53 8.46 -4.82
CA GLU A 178 -49.21 8.13 -3.54
C GLU A 178 -49.07 6.63 -3.20
N ILE A 179 -49.14 5.72 -4.15
CA ILE A 179 -48.80 4.29 -3.91
C ILE A 179 -47.34 4.22 -3.41
N ILE A 180 -46.45 4.99 -4.01
CA ILE A 180 -44.99 4.88 -3.67
C ILE A 180 -44.79 5.46 -2.27
N ARG A 181 -45.48 6.55 -1.95
CA ARG A 181 -45.29 7.23 -0.65
C ARG A 181 -45.71 6.25 0.45
N LYS A 182 -46.92 5.73 0.33
CA LYS A 182 -47.47 4.79 1.34
C LYS A 182 -46.59 3.55 1.42
N ALA A 183 -46.13 3.02 0.27
CA ALA A 183 -45.26 1.82 0.17
C ALA A 183 -44.01 2.08 1.01
N ILE A 184 -43.41 3.26 0.83
CA ILE A 184 -42.09 3.57 1.45
C ILE A 184 -42.29 3.80 2.95
N ILE A 185 -43.34 4.51 3.33
CA ILE A 185 -43.66 4.84 4.74
C ILE A 185 -43.89 3.53 5.46
N ALA A 186 -44.49 2.55 4.80
CA ALA A 186 -44.84 1.26 5.46
C ALA A 186 -43.58 0.49 5.87
N THR A 187 -42.45 0.73 5.23
CA THR A 187 -41.16 0.07 5.56
C THR A 187 -40.67 0.56 6.91
N ASP A 188 -41.36 1.47 7.55
CA ASP A 188 -40.98 1.86 8.93
C ASP A 188 -41.51 0.74 9.81
N LEU A 189 -40.64 -0.09 10.31
CA LEU A 189 -41.07 -1.34 10.99
C LEU A 189 -41.81 -1.00 12.31
N ALA A 190 -41.74 0.22 12.83
CA ALA A 190 -42.58 0.62 13.98
C ALA A 190 -44.04 0.56 13.53
N LEU A 191 -44.32 0.72 12.25
CA LEU A 191 -45.73 0.80 11.76
C LEU A 191 -46.23 -0.62 11.45
N TYR A 192 -45.32 -1.55 11.30
CA TYR A 192 -45.60 -2.92 10.83
C TYR A 192 -46.59 -3.58 11.81
N PHE A 193 -46.27 -3.56 13.09
CA PHE A 193 -47.01 -4.30 14.16
C PHE A 193 -48.50 -3.99 14.11
N GLY A 194 -48.87 -2.73 14.13
CA GLY A 194 -50.28 -2.35 14.08
C GLY A 194 -50.86 -2.77 12.76
N ASN A 195 -50.12 -2.64 11.67
CA ASN A 195 -50.66 -2.93 10.34
C ASN A 195 -51.01 -4.42 10.29
N ARG A 196 -50.13 -5.26 10.78
CA ARG A 196 -50.33 -6.71 10.64
C ARG A 196 -51.47 -7.16 11.55
N LYS A 197 -51.54 -6.65 12.79
CA LYS A 197 -52.65 -6.92 13.76
C LYS A 197 -53.98 -6.63 13.07
N GLN A 198 -54.13 -5.47 12.46
CA GLN A 198 -55.35 -5.05 11.74
C GLN A 198 -55.64 -5.98 10.58
N LEU A 199 -54.62 -6.34 9.82
CA LEU A 199 -54.82 -7.21 8.63
C LEU A 199 -55.24 -8.61 9.11
N GLU A 200 -54.64 -9.11 10.18
CA GLU A 200 -54.93 -10.44 10.78
C GLU A 200 -56.44 -10.44 11.13
N GLU A 201 -56.89 -9.44 11.90
CA GLU A 201 -58.29 -9.35 12.41
C GLU A 201 -59.22 -9.29 11.22
N MET A 202 -58.93 -8.42 10.25
CA MET A 202 -59.78 -8.28 9.03
C MET A 202 -59.87 -9.62 8.29
N TYR A 203 -58.76 -10.32 8.12
CA TYR A 203 -58.74 -11.62 7.42
C TYR A 203 -59.63 -12.64 8.15
N GLN A 204 -59.57 -12.69 9.48
CA GLN A 204 -60.27 -13.69 10.34
C GLN A 204 -61.76 -13.38 10.47
N THR A 205 -62.13 -12.13 10.67
CA THR A 205 -63.54 -11.68 10.69
C THR A 205 -64.11 -11.67 9.26
N GLY A 206 -63.31 -11.83 8.21
CA GLY A 206 -63.82 -11.88 6.83
C GLY A 206 -64.19 -10.50 6.30
N SER A 207 -63.91 -9.43 7.06
CA SER A 207 -64.10 -8.02 6.61
C SER A 207 -63.09 -7.64 5.51
N LEU A 208 -62.01 -8.39 5.33
CA LEU A 208 -60.93 -8.03 4.37
C LEU A 208 -61.54 -7.93 2.97
N ASN A 209 -61.30 -6.79 2.32
CA ASN A 209 -61.95 -6.45 1.03
C ASN A 209 -60.95 -5.70 0.15
N LEU A 210 -60.42 -6.37 -0.88
CA LEU A 210 -59.30 -5.84 -1.73
C LEU A 210 -59.87 -4.71 -2.60
N ASN A 211 -61.18 -4.50 -2.59
CA ASN A 211 -61.83 -3.40 -3.33
C ASN A 211 -61.80 -2.13 -2.48
N ASN A 212 -61.63 -2.27 -1.17
CA ASN A 212 -61.49 -1.11 -0.26
C ASN A 212 -60.05 -0.61 -0.33
N GLN A 213 -59.80 0.52 -0.99
CA GLN A 213 -58.46 1.12 -1.15
C GLN A 213 -57.69 1.11 0.18
N SER A 214 -58.34 1.42 1.28
CA SER A 214 -57.72 1.48 2.63
C SER A 214 -57.15 0.10 2.99
N HIS A 215 -57.76 -0.96 2.48
CA HIS A 215 -57.42 -2.38 2.75
C HIS A 215 -56.25 -2.75 1.84
N ARG A 216 -56.40 -2.48 0.55
CA ARG A 216 -55.29 -2.57 -0.40
C ARG A 216 -54.05 -1.88 0.18
N ASP A 217 -54.21 -0.67 0.73
CA ASP A 217 -53.06 0.07 1.29
C ASP A 217 -52.37 -0.81 2.35
N ARG A 218 -53.14 -1.40 3.26
CA ARG A 218 -52.60 -2.19 4.37
C ARG A 218 -51.87 -3.41 3.82
N VAL A 219 -52.48 -4.09 2.84
CA VAL A 219 -51.93 -5.30 2.14
C VAL A 219 -50.61 -4.94 1.45
N ILE A 220 -50.56 -3.82 0.72
CA ILE A 220 -49.30 -3.37 0.08
C ILE A 220 -48.26 -3.07 1.16
N GLY A 221 -48.67 -2.52 2.28
CA GLY A 221 -47.77 -2.25 3.40
C GLY A 221 -47.15 -3.52 3.93
N LEU A 222 -47.93 -4.59 3.99
CA LEU A 222 -47.43 -5.88 4.53
C LEU A 222 -46.46 -6.48 3.52
N MET A 223 -46.80 -6.43 2.25
CA MET A 223 -45.88 -6.86 1.15
C MET A 223 -44.55 -6.12 1.27
N MET A 224 -44.59 -4.81 1.59
CA MET A 224 -43.37 -3.99 1.70
C MET A 224 -42.54 -4.53 2.86
N THR A 225 -43.12 -4.78 4.02
CA THR A 225 -42.38 -5.36 5.19
C THR A 225 -41.79 -6.71 4.76
N ALA A 226 -42.57 -7.56 4.08
CA ALA A 226 -42.12 -8.91 3.64
C ALA A 226 -40.88 -8.82 2.73
N CYS A 227 -40.94 -7.96 1.73
CA CYS A 227 -39.79 -7.70 0.81
C CYS A 227 -38.59 -7.14 1.57
N ASP A 228 -38.86 -6.21 2.46
CA ASP A 228 -37.81 -5.54 3.27
C ASP A 228 -37.11 -6.53 4.18
N LEU A 229 -37.78 -7.56 4.64
CA LEU A 229 -37.19 -8.54 5.58
C LEU A 229 -36.66 -9.75 4.84
N CYS A 230 -36.64 -9.73 3.51
CA CYS A 230 -36.54 -10.97 2.70
C CYS A 230 -35.20 -11.67 2.86
N SER A 231 -34.22 -11.05 3.50
CA SER A 231 -32.93 -11.75 3.82
C SER A 231 -33.19 -13.01 4.64
N VAL A 232 -34.28 -13.03 5.42
CA VAL A 232 -34.60 -14.19 6.31
C VAL A 232 -35.19 -15.33 5.47
N THR A 233 -35.34 -15.19 4.16
CA THR A 233 -36.10 -16.16 3.33
C THR A 233 -35.16 -16.74 2.31
N LYS A 234 -33.87 -16.49 2.49
CA LYS A 234 -32.83 -16.91 1.52
C LYS A 234 -32.16 -18.18 2.02
N LEU A 235 -31.36 -18.76 1.17
CA LEU A 235 -30.50 -19.91 1.51
C LEU A 235 -29.71 -19.51 2.75
N TRP A 236 -29.53 -20.42 3.68
CA TRP A 236 -28.92 -20.12 5.01
C TRP A 236 -27.60 -19.35 4.91
N PRO A 237 -26.65 -19.68 4.01
CA PRO A 237 -25.40 -18.89 3.89
C PRO A 237 -25.64 -17.40 3.51
N VAL A 238 -26.65 -17.12 2.69
CA VAL A 238 -27.09 -15.71 2.34
C VAL A 238 -27.64 -15.07 3.62
N THR A 239 -28.58 -15.73 4.26
CA THR A 239 -29.22 -15.26 5.53
C THR A 239 -28.17 -14.94 6.62
N LYS A 240 -27.30 -15.86 6.90
CA LYS A 240 -26.27 -15.69 7.94
C LYS A 240 -25.30 -14.56 7.59
N LEU A 241 -24.76 -14.53 6.37
CA LEU A 241 -23.82 -13.45 5.94
C LEU A 241 -24.50 -12.09 5.86
N THR A 242 -25.77 -12.02 5.48
CA THR A 242 -26.49 -10.74 5.49
C THR A 242 -26.69 -10.28 6.95
N ALA A 243 -26.93 -11.20 7.90
CA ALA A 243 -27.12 -10.84 9.31
C ALA A 243 -25.86 -10.13 9.79
N ASN A 244 -24.69 -10.62 9.40
CA ASN A 244 -23.39 -10.00 9.79
C ASN A 244 -23.38 -8.55 9.30
N ASP A 245 -23.91 -8.27 8.12
CA ASP A 245 -23.91 -6.89 7.58
C ASP A 245 -24.85 -6.02 8.38
N ILE A 246 -26.02 -6.55 8.73
CA ILE A 246 -26.99 -5.63 9.39
C ILE A 246 -26.50 -5.35 10.82
N TYR A 247 -25.89 -6.31 11.49
CA TYR A 247 -25.36 -6.05 12.85
C TYR A 247 -24.14 -5.09 12.81
N ALA A 248 -23.40 -5.06 11.70
CA ALA A 248 -22.26 -4.13 11.52
C ALA A 248 -22.83 -2.72 11.63
N GLU A 249 -23.98 -2.48 11.00
CA GLU A 249 -24.62 -1.15 11.12
C GLU A 249 -25.10 -0.97 12.57
N PHE A 250 -25.79 -1.95 13.10
CA PHE A 250 -26.48 -1.83 14.40
C PHE A 250 -25.43 -1.50 15.45
N TRP A 251 -24.29 -2.16 15.41
CA TRP A 251 -23.21 -1.96 16.42
C TRP A 251 -22.49 -0.61 16.23
N ALA A 252 -22.28 -0.14 15.00
CA ALA A 252 -21.74 1.22 14.76
C ALA A 252 -22.74 2.21 15.38
N GLU A 253 -24.03 1.98 15.23
CA GLU A 253 -25.02 2.86 15.89
C GLU A 253 -24.87 2.79 17.41
N GLY A 254 -24.69 1.60 17.94
CA GLY A 254 -24.51 1.44 19.39
C GLY A 254 -23.29 2.23 19.85
N ASP A 255 -22.19 2.16 19.09
CA ASP A 255 -20.96 2.95 19.33
C ASP A 255 -21.33 4.44 19.38
N GLU A 256 -22.13 4.91 18.44
CA GLU A 256 -22.50 6.32 18.39
C GLU A 256 -23.39 6.69 19.58
N MET A 257 -24.29 5.80 19.99
CA MET A 257 -25.16 6.05 21.17
C MET A 257 -24.22 6.24 22.39
N LYS A 258 -23.20 5.40 22.54
CA LYS A 258 -22.25 5.48 23.68
C LYS A 258 -21.49 6.81 23.65
N LYS A 259 -21.12 7.27 22.46
CA LYS A 259 -20.48 8.59 22.24
C LYS A 259 -21.38 9.73 22.66
N LEU A 260 -22.70 9.61 22.53
CA LEU A 260 -23.65 10.61 23.08
C LEU A 260 -23.93 10.39 24.59
N GLY A 261 -23.38 9.36 25.23
CA GLY A 261 -23.56 9.13 26.67
C GLY A 261 -24.78 8.28 26.94
N ILE A 262 -25.26 7.53 25.96
CA ILE A 262 -26.49 6.71 26.08
C ILE A 262 -26.10 5.24 25.95
N GLN A 263 -26.43 4.39 26.93
CA GLN A 263 -26.25 2.90 26.82
C GLN A 263 -27.21 2.46 25.73
N PRO A 264 -26.74 1.83 24.63
CA PRO A 264 -27.69 1.38 23.63
C PRO A 264 -28.49 0.15 24.07
N ILE A 265 -29.57 -0.11 23.35
CA ILE A 265 -30.28 -1.42 23.45
C ILE A 265 -29.29 -2.53 23.13
N PRO A 266 -29.55 -3.74 23.67
CA PRO A 266 -28.65 -4.88 23.40
C PRO A 266 -28.41 -5.15 21.90
N MET A 267 -29.45 -5.00 21.09
CA MET A 267 -29.34 -5.31 19.65
C MET A 267 -28.23 -4.46 19.02
N MET A 268 -27.86 -3.34 19.62
CA MET A 268 -26.89 -2.38 19.05
C MET A 268 -25.62 -2.37 19.89
N ASP A 269 -25.53 -3.29 20.85
CA ASP A 269 -24.34 -3.37 21.70
C ASP A 269 -23.47 -4.50 21.19
N ARG A 270 -22.30 -4.16 20.71
CA ARG A 270 -21.34 -5.13 20.15
C ARG A 270 -20.78 -5.96 21.31
N ASP A 271 -20.91 -5.52 22.56
CA ASP A 271 -20.48 -6.36 23.71
C ASP A 271 -21.45 -7.54 23.88
N LYS A 272 -22.63 -7.50 23.26
CA LYS A 272 -23.65 -8.57 23.38
C LYS A 272 -23.78 -9.35 22.08
N LYS A 273 -22.67 -9.49 21.34
CA LYS A 273 -22.46 -10.39 20.18
C LYS A 273 -23.02 -11.78 20.52
N ASP A 274 -22.55 -12.32 21.64
CA ASP A 274 -22.87 -13.67 22.19
C ASP A 274 -24.37 -13.93 21.99
N GLU A 275 -25.23 -12.92 22.26
CA GLU A 275 -26.73 -12.99 22.32
C GLU A 275 -27.41 -12.87 20.94
N VAL A 276 -26.68 -12.92 19.81
CA VAL A 276 -27.26 -12.63 18.47
C VAL A 276 -28.23 -13.75 18.11
N PRO A 277 -27.80 -15.02 18.26
CA PRO A 277 -28.66 -16.16 17.96
C PRO A 277 -30.04 -16.01 18.60
N GLN A 278 -30.08 -15.73 19.89
CA GLN A 278 -31.35 -15.64 20.65
C GLN A 278 -32.21 -14.45 20.18
N GLY A 279 -31.57 -13.30 19.93
CA GLY A 279 -32.16 -12.08 19.31
C GLY A 279 -32.73 -12.34 17.92
N GLN A 280 -32.08 -13.17 17.12
CA GLN A 280 -32.66 -13.60 15.83
C GLN A 280 -33.93 -14.42 16.08
N LEU A 281 -33.92 -15.32 17.10
CA LEU A 281 -35.14 -16.09 17.47
C LEU A 281 -36.29 -15.11 17.76
N GLY A 282 -36.02 -14.13 18.62
CA GLY A 282 -37.07 -13.14 18.98
C GLY A 282 -37.63 -12.45 17.76
N PHE A 283 -36.73 -12.09 16.86
CA PHE A 283 -36.99 -11.37 15.60
C PHE A 283 -37.81 -12.25 14.68
N TYR A 284 -37.39 -13.50 14.50
CA TYR A 284 -38.15 -14.45 13.64
C TYR A 284 -39.56 -14.66 14.24
N ASN A 285 -39.66 -14.85 15.57
CA ASN A 285 -40.95 -15.13 16.28
C ASN A 285 -41.82 -13.85 16.35
N ALA A 286 -41.23 -12.69 16.66
CA ALA A 286 -42.02 -11.45 16.88
C ALA A 286 -42.31 -10.71 15.57
N VAL A 287 -41.53 -10.94 14.50
CA VAL A 287 -41.68 -10.06 13.30
C VAL A 287 -41.80 -10.86 12.06
N ALA A 288 -40.74 -11.60 11.74
CA ALA A 288 -40.62 -12.23 10.42
C ALA A 288 -41.77 -13.26 10.25
N ILE A 289 -41.84 -14.27 11.14
CA ILE A 289 -42.83 -15.41 10.98
C ILE A 289 -44.24 -14.86 10.88
N PRO A 290 -44.67 -14.03 11.84
CA PRO A 290 -46.01 -13.45 11.76
C PRO A 290 -46.25 -12.67 10.46
N CYS A 291 -45.21 -11.98 9.99
CA CYS A 291 -45.32 -11.16 8.77
C CYS A 291 -45.66 -12.05 7.58
N TYR A 292 -44.86 -13.08 7.35
CA TYR A 292 -45.05 -13.97 6.20
C TYR A 292 -46.26 -14.88 6.43
N THR A 293 -46.57 -15.20 7.68
CA THR A 293 -47.80 -15.95 8.05
C THR A 293 -49.03 -15.18 7.51
N THR A 294 -49.20 -13.93 7.92
CA THR A 294 -50.37 -13.12 7.52
C THR A 294 -50.32 -12.95 6.01
N LEU A 295 -49.12 -12.78 5.44
CA LEU A 295 -49.00 -12.54 3.98
C LEU A 295 -49.48 -13.77 3.21
N THR A 296 -49.10 -14.95 3.68
CA THR A 296 -49.46 -16.21 3.02
C THR A 296 -50.99 -16.44 3.11
N GLN A 297 -51.60 -16.01 4.22
CA GLN A 297 -53.06 -16.10 4.41
C GLN A 297 -53.71 -15.24 3.33
N ILE A 298 -53.18 -14.04 3.11
CA ILE A 298 -53.89 -13.07 2.24
C ILE A 298 -53.56 -13.38 0.80
N LEU A 299 -52.32 -13.84 0.51
CA LEU A 299 -51.84 -14.19 -0.84
C LEU A 299 -51.18 -15.57 -0.79
N PRO A 300 -51.99 -16.63 -0.87
CA PRO A 300 -51.49 -17.99 -0.79
C PRO A 300 -50.22 -18.28 -1.59
N PRO A 301 -50.03 -17.83 -2.85
CA PRO A 301 -48.80 -18.15 -3.58
C PRO A 301 -47.49 -17.58 -3.00
N THR A 302 -47.54 -16.73 -1.98
CA THR A 302 -46.33 -16.27 -1.26
C THR A 302 -45.83 -17.31 -0.26
N GLU A 303 -46.46 -18.45 -0.19
CA GLU A 303 -46.14 -19.41 0.90
C GLU A 303 -44.64 -19.75 0.98
N PRO A 304 -43.89 -19.82 -0.15
CA PRO A 304 -42.46 -20.14 -0.06
C PRO A 304 -41.67 -19.16 0.85
N LEU A 305 -42.10 -17.90 0.97
CA LEU A 305 -41.42 -16.96 1.89
C LEU A 305 -41.59 -17.46 3.32
N LEU A 306 -42.79 -17.84 3.71
CA LEU A 306 -43.02 -18.38 5.10
C LEU A 306 -42.18 -19.66 5.32
N LYS A 307 -42.24 -20.58 4.39
CA LYS A 307 -41.57 -21.88 4.57
C LYS A 307 -40.04 -21.61 4.68
N ALA A 308 -39.46 -20.73 3.86
CA ALA A 308 -38.00 -20.42 3.92
C ALA A 308 -37.67 -19.75 5.26
N CYS A 309 -38.52 -18.86 5.73
CA CYS A 309 -38.27 -18.13 6.99
C CYS A 309 -38.18 -19.13 8.15
N ARG A 310 -39.16 -20.02 8.21
CA ARG A 310 -39.26 -21.11 9.21
C ARG A 310 -37.99 -21.95 9.13
N ASP A 311 -37.58 -22.30 7.93
CA ASP A 311 -36.31 -23.09 7.74
C ASP A 311 -35.15 -22.32 8.38
N ASN A 312 -35.08 -21.00 8.18
CA ASN A 312 -33.93 -20.18 8.66
C ASN A 312 -34.08 -20.06 10.18
N LEU A 313 -35.29 -19.98 10.73
CA LEU A 313 -35.44 -19.95 12.21
C LEU A 313 -34.78 -21.22 12.77
N SER A 314 -34.97 -22.31 12.07
CA SER A 314 -34.50 -23.61 12.57
C SER A 314 -32.97 -23.69 12.46
N GLN A 315 -32.38 -23.00 11.48
CA GLN A 315 -30.89 -22.85 11.41
C GLN A 315 -30.37 -22.04 12.62
N TRP A 316 -31.03 -20.94 13.00
CA TRP A 316 -30.66 -20.12 14.19
C TRP A 316 -30.79 -20.96 15.49
N GLU A 317 -31.84 -21.78 15.59
CA GLU A 317 -31.98 -22.73 16.74
C GLU A 317 -30.79 -23.70 16.77
N LYS A 318 -30.42 -24.23 15.60
CA LYS A 318 -29.20 -25.07 15.51
C LYS A 318 -27.99 -24.27 15.95
N VAL A 319 -27.86 -23.02 15.57
CA VAL A 319 -26.65 -22.27 16.02
C VAL A 319 -26.64 -22.31 17.54
N ILE A 320 -27.80 -22.10 18.16
CA ILE A 320 -27.88 -21.93 19.64
C ILE A 320 -27.47 -23.23 20.33
N ARG A 321 -27.91 -24.37 19.79
CA ARG A 321 -27.58 -25.74 20.29
C ARG A 321 -26.11 -26.10 20.03
N GLY A 322 -25.31 -25.18 19.49
CA GLY A 322 -23.94 -25.52 19.07
C GLY A 322 -23.86 -26.62 17.99
N GLU A 323 -24.96 -27.00 17.34
CA GLU A 323 -24.93 -27.88 16.13
C GLU A 323 -24.43 -27.09 14.91
N GLU A 324 -24.09 -25.80 15.09
CA GLU A 324 -23.28 -24.94 14.18
C GLU A 324 -23.18 -23.51 14.73
N GLN B 11 11.36 17.90 -25.88
CA GLN B 11 10.72 17.25 -24.70
C GLN B 11 10.68 15.73 -24.88
N GLY B 12 11.82 15.11 -25.15
CA GLY B 12 11.98 13.65 -25.20
C GLY B 12 13.33 13.24 -24.64
N LEU B 13 14.08 14.22 -24.12
CA LEU B 13 15.25 14.02 -23.21
C LEU B 13 14.79 14.24 -21.75
N MET B 14 13.61 13.69 -21.42
CA MET B 14 13.04 13.53 -20.05
C MET B 14 13.16 12.06 -19.63
N GLN B 15 14.27 11.65 -19.02
CA GLN B 15 14.34 10.39 -18.26
C GLN B 15 13.38 10.56 -17.07
N PHE B 16 12.52 9.58 -16.79
CA PHE B 16 11.93 9.43 -15.43
C PHE B 16 13.03 9.03 -14.47
N THR B 17 12.93 9.55 -13.26
CA THR B 17 13.87 9.27 -12.15
C THR B 17 13.08 8.91 -10.90
N LEU B 18 13.70 8.12 -10.07
CA LEU B 18 13.11 7.72 -8.80
C LEU B 18 14.03 8.25 -7.70
N PRO B 19 13.51 8.35 -6.46
CA PRO B 19 14.34 8.58 -5.30
C PRO B 19 15.43 7.50 -5.29
N VAL B 20 16.57 7.87 -4.76
CA VAL B 20 17.79 7.03 -4.63
C VAL B 20 17.39 5.62 -4.18
N ARG B 21 16.67 5.45 -3.05
CA ARG B 21 16.43 4.08 -2.53
C ARG B 21 15.65 3.22 -3.55
N LEU B 22 14.72 3.78 -4.30
CA LEU B 22 13.92 3.03 -5.29
C LEU B 22 14.79 2.73 -6.51
N CYS B 23 15.56 3.72 -6.92
CA CYS B 23 16.45 3.62 -8.11
CA CYS B 23 16.45 3.61 -8.11
C CYS B 23 17.28 2.33 -7.97
N LYS B 24 17.85 2.10 -6.78
CA LYS B 24 18.76 0.96 -6.57
C LYS B 24 17.94 -0.34 -6.37
N GLU B 25 16.82 -0.27 -5.65
CA GLU B 25 16.11 -1.50 -5.13
C GLU B 25 15.24 -2.02 -6.29
N ILE B 26 14.80 -1.12 -7.15
CA ILE B 26 13.88 -1.53 -8.24
C ILE B 26 14.56 -2.61 -9.07
N GLU B 27 15.88 -2.68 -9.04
CA GLU B 27 16.66 -3.56 -9.97
C GLU B 27 16.62 -4.97 -9.37
N LEU B 28 16.26 -5.09 -8.10
CA LEU B 28 16.21 -6.36 -7.35
C LEU B 28 14.86 -7.08 -7.54
N PHE B 29 14.93 -8.39 -7.68
CA PHE B 29 13.73 -9.21 -7.87
C PHE B 29 12.75 -8.99 -6.72
N HIS B 30 13.22 -8.79 -5.49
CA HIS B 30 12.34 -8.78 -4.30
C HIS B 30 11.81 -7.38 -4.01
N PHE B 31 11.98 -6.43 -4.93
CA PHE B 31 11.53 -5.04 -4.73
C PHE B 31 10.02 -5.05 -4.45
N ASP B 32 9.60 -4.35 -3.41
CA ASP B 32 8.19 -4.03 -3.14
C ASP B 32 7.96 -2.58 -3.59
N ILE B 33 6.91 -2.35 -4.37
CA ILE B 33 6.63 -1.04 -5.00
C ILE B 33 6.02 -0.07 -3.96
N GLY B 34 5.70 -0.53 -2.77
CA GLY B 34 5.37 0.40 -1.71
C GLY B 34 3.92 0.83 -1.76
N PRO B 35 3.49 1.51 -0.66
CA PRO B 35 2.08 1.82 -0.41
C PRO B 35 1.60 3.12 -1.05
N PHE B 36 2.49 3.88 -1.65
CA PHE B 36 2.09 5.18 -2.28
C PHE B 36 1.59 4.94 -3.70
N GLU B 37 0.27 4.79 -3.84
CA GLU B 37 -0.38 4.50 -5.16
C GLU B 37 0.05 5.49 -6.23
N ASN B 38 0.20 6.76 -5.84
CA ASN B 38 0.50 7.86 -6.80
C ASN B 38 1.94 7.72 -7.33
N MET B 39 2.80 6.92 -6.69
CA MET B 39 4.11 6.54 -7.25
C MET B 39 4.10 5.41 -8.28
N TRP B 40 3.10 4.56 -8.35
CA TRP B 40 3.20 3.36 -9.21
C TRP B 40 3.28 3.72 -10.70
N PRO B 41 2.48 4.65 -11.26
CA PRO B 41 2.58 5.00 -12.68
C PRO B 41 3.98 5.41 -13.08
N GLY B 42 4.60 6.25 -12.26
CA GLY B 42 5.97 6.72 -12.47
C GLY B 42 6.94 5.57 -12.42
N ILE B 43 6.77 4.63 -11.50
CA ILE B 43 7.60 3.39 -11.37
C ILE B 43 7.48 2.58 -12.66
N PHE B 44 6.28 2.43 -13.17
CA PHE B 44 6.08 1.69 -14.44
C PHE B 44 6.81 2.40 -15.60
N VAL B 45 6.56 3.72 -15.78
CA VAL B 45 7.16 4.50 -16.90
C VAL B 45 8.67 4.39 -16.80
N TYR B 46 9.21 4.57 -15.59
CA TYR B 46 10.64 4.38 -15.37
C TYR B 46 11.06 3.03 -15.90
N MET B 47 10.30 1.99 -15.52
CA MET B 47 10.63 0.60 -15.95
C MET B 47 10.65 0.54 -17.46
N VAL B 48 9.63 1.08 -18.11
CA VAL B 48 9.53 1.03 -19.58
C VAL B 48 10.77 1.73 -20.16
N HIS B 49 11.19 2.86 -19.63
CA HIS B 49 12.22 3.70 -20.28
C HIS B 49 13.56 3.00 -20.20
N ARG B 50 13.86 2.39 -19.07
CA ARG B 50 15.15 1.68 -18.84
C ARG B 50 15.12 0.34 -19.58
N SER B 51 13.96 -0.16 -19.91
CA SER B 51 13.77 -1.56 -20.34
C SER B 51 13.85 -1.60 -21.85
N CYS B 52 13.11 -0.73 -22.52
CA CYS B 52 13.12 -0.75 -24.00
C CYS B 52 13.44 0.64 -24.55
N GLY B 53 13.41 1.69 -23.74
CA GLY B 53 13.92 3.01 -24.15
C GLY B 53 12.91 4.14 -24.04
N THR B 54 13.42 5.38 -24.08
CA THR B 54 12.62 6.63 -23.97
C THR B 54 11.77 6.81 -25.23
N SER B 55 12.10 6.07 -26.26
CA SER B 55 11.59 6.28 -27.63
C SER B 55 10.51 5.25 -27.89
N CYS B 56 10.32 4.28 -26.98
CA CYS B 56 9.44 3.11 -27.22
C CYS B 56 8.01 3.61 -27.42
N PHE B 57 7.63 4.62 -26.66
CA PHE B 57 6.26 5.13 -26.59
C PHE B 57 6.31 6.64 -26.45
N GLU B 58 5.39 7.28 -27.16
CA GLU B 58 5.11 8.71 -26.98
C GLU B 58 4.54 8.87 -25.55
N LEU B 59 5.22 9.68 -24.74
CA LEU B 59 4.97 9.78 -23.30
C LEU B 59 3.53 10.21 -23.03
N GLU B 60 3.00 11.15 -23.78
CA GLU B 60 1.59 11.59 -23.59
C GLU B 60 0.72 10.35 -23.59
N LYS B 61 0.81 9.58 -24.68
CA LYS B 61 -0.04 8.40 -24.98
C LYS B 61 0.17 7.32 -23.91
N LEU B 62 1.40 7.07 -23.52
CA LEU B 62 1.73 6.05 -22.50
C LEU B 62 0.98 6.42 -21.23
N CME B 63 1.05 7.69 -20.89
CA CME B 63 0.57 8.22 -19.60
CB CME B 63 1.16 9.59 -19.27
SG CME B 63 2.82 9.61 -18.48
SD CME B 63 2.61 8.55 -16.68
CE CME B 63 2.11 9.66 -15.33
CZ CME B 63 3.23 10.08 -14.43
OH CME B 63 3.12 11.49 -14.27
C CME B 63 -0.95 8.14 -19.65
O CME B 63 -1.58 7.81 -18.66
N ARG B 64 -1.51 8.30 -20.82
CA ARG B 64 -2.99 8.26 -20.98
C ARG B 64 -3.46 6.80 -20.89
N PHE B 65 -2.64 5.89 -21.42
CA PHE B 65 -2.90 4.43 -21.43
C PHE B 65 -2.86 3.91 -19.98
N ILE B 66 -1.81 4.25 -19.28
CA ILE B 66 -1.55 3.82 -17.89
C ILE B 66 -2.76 4.25 -17.05
N MET B 67 -3.21 5.48 -17.22
CA MET B 67 -4.28 6.02 -16.34
C MET B 67 -5.59 5.30 -16.66
N SER B 68 -5.89 5.03 -17.93
CA SER B 68 -7.11 4.29 -18.27
C SER B 68 -6.97 2.84 -17.76
N VAL B 69 -5.79 2.25 -17.75
CA VAL B 69 -5.63 0.86 -17.22
C VAL B 69 -5.92 0.93 -15.72
N LYS B 70 -5.25 1.83 -15.03
CA LYS B 70 -5.44 1.95 -13.57
C LYS B 70 -6.94 2.04 -13.27
N LYS B 71 -7.62 2.93 -13.95
CA LYS B 71 -9.06 3.22 -13.70
C LYS B 71 -9.89 1.95 -13.90
N ASN B 72 -9.40 1.01 -14.68
CA ASN B 72 -10.19 -0.19 -15.09
C ASN B 72 -9.80 -1.39 -14.23
N TYR B 73 -8.98 -1.17 -13.20
CA TYR B 73 -8.75 -2.14 -12.10
C TYR B 73 -9.72 -1.79 -10.98
N ARG B 74 -10.24 -2.80 -10.31
CA ARG B 74 -11.20 -2.65 -9.19
C ARG B 74 -10.46 -2.66 -7.85
N ARG B 75 -11.16 -2.19 -6.84
CA ARG B 75 -10.63 -2.03 -5.46
C ARG B 75 -10.95 -3.31 -4.71
N VAL B 76 -10.39 -4.38 -5.25
CA VAL B 76 -10.44 -5.74 -4.67
C VAL B 76 -9.20 -5.91 -3.82
N PRO B 77 -9.25 -6.85 -2.87
CA PRO B 77 -8.16 -7.09 -1.93
C PRO B 77 -6.81 -7.45 -2.58
N TYR B 78 -6.81 -8.14 -3.72
CA TYR B 78 -5.54 -8.67 -4.29
C TYR B 78 -5.42 -8.36 -5.77
N HIS B 79 -6.43 -8.68 -6.60
CA HIS B 79 -6.38 -8.51 -8.07
C HIS B 79 -6.65 -7.05 -8.43
N ASN B 80 -5.81 -6.19 -7.86
CA ASN B 80 -5.92 -4.74 -8.01
C ASN B 80 -4.72 -4.17 -8.77
N TRP B 81 -4.75 -2.87 -8.89
CA TRP B 81 -3.76 -2.05 -9.60
C TRP B 81 -2.39 -2.29 -9.01
N LYS B 82 -2.32 -2.40 -7.69
CA LYS B 82 -1.01 -2.71 -7.07
C LYS B 82 -0.42 -4.02 -7.60
N HIS B 83 -1.27 -5.05 -7.73
CA HIS B 83 -0.89 -6.37 -8.28
C HIS B 83 -0.41 -6.14 -9.72
N ALA B 84 -1.11 -5.35 -10.51
CA ALA B 84 -0.71 -5.19 -11.95
C ALA B 84 0.75 -4.71 -12.01
N VAL B 85 1.09 -3.73 -11.20
CA VAL B 85 2.37 -3.01 -11.33
C VAL B 85 3.42 -3.93 -10.74
N THR B 86 3.12 -4.56 -9.61
CA THR B 86 4.01 -5.57 -9.01
C THR B 86 4.40 -6.65 -10.06
N VAL B 87 3.43 -7.20 -10.78
CA VAL B 87 3.69 -8.25 -11.81
C VAL B 87 4.57 -7.62 -12.92
N ALA B 88 4.30 -6.38 -13.34
CA ALA B 88 5.15 -5.68 -14.34
C ALA B 88 6.57 -5.53 -13.77
N HIS B 89 6.70 -5.10 -12.53
CA HIS B 89 8.04 -4.94 -11.90
C HIS B 89 8.83 -6.27 -12.00
N CYS B 90 8.27 -7.42 -11.59
CA CYS B 90 8.96 -8.75 -11.73
C CYS B 90 9.41 -8.95 -13.18
N MET B 91 8.57 -8.61 -14.13
CA MET B 91 8.91 -8.89 -15.53
C MET B 91 10.05 -7.94 -15.91
N TYR B 92 10.03 -6.73 -15.37
CA TYR B 92 11.10 -5.73 -15.65
C TYR B 92 12.41 -6.37 -15.20
N ALA B 93 12.38 -7.02 -14.03
CA ALA B 93 13.58 -7.62 -13.40
C ALA B 93 14.09 -8.74 -14.30
N ILE B 94 13.18 -9.52 -14.85
CA ILE B 94 13.59 -10.67 -15.71
C ILE B 94 14.21 -10.12 -16.97
N LEU B 95 13.51 -9.20 -17.62
CA LEU B 95 14.03 -8.56 -18.87
C LEU B 95 15.37 -7.85 -18.61
N GLN B 96 15.57 -7.16 -17.50
CA GLN B 96 16.85 -6.43 -17.31
C GLN B 96 18.01 -7.44 -17.13
N ASN B 97 17.80 -8.59 -16.48
CA ASN B 97 18.82 -9.65 -16.26
C ASN B 97 18.92 -10.63 -17.45
N ASN B 98 18.13 -10.51 -18.51
CA ASN B 98 18.29 -11.37 -19.72
C ASN B 98 18.08 -10.50 -20.95
N HIS B 99 18.73 -9.34 -21.04
CA HIS B 99 18.31 -8.27 -21.98
C HIS B 99 18.53 -8.75 -23.42
N THR B 100 19.57 -9.53 -23.71
CA THR B 100 19.91 -9.92 -25.09
C THR B 100 18.96 -10.99 -25.62
N LEU B 101 18.27 -11.70 -24.74
CA LEU B 101 17.39 -12.82 -25.17
C LEU B 101 16.15 -12.32 -25.90
N PHE B 102 15.72 -11.08 -25.72
CA PHE B 102 14.35 -10.68 -26.13
C PHE B 102 14.40 -9.66 -27.23
N THR B 103 13.46 -9.71 -28.16
CA THR B 103 13.29 -8.71 -29.24
C THR B 103 12.68 -7.44 -28.66
N ASP B 104 12.79 -6.37 -29.46
CA ASP B 104 12.36 -5.00 -29.07
C ASP B 104 10.86 -5.05 -28.74
N LEU B 105 10.11 -5.67 -29.65
CA LEU B 105 8.66 -5.91 -29.58
C LEU B 105 8.28 -6.65 -28.30
N GLU B 106 9.08 -7.64 -27.90
CA GLU B 106 8.78 -8.51 -26.75
C GLU B 106 8.96 -7.67 -25.50
N ARG B 107 10.02 -6.85 -25.46
CA ARG B 107 10.22 -5.94 -24.30
C ARG B 107 9.01 -5.00 -24.17
N LYS B 108 8.57 -4.40 -25.28
CA LYS B 108 7.39 -3.51 -25.32
C LYS B 108 6.14 -4.25 -24.87
N GLY B 109 5.90 -5.38 -25.52
CA GLY B 109 4.72 -6.25 -25.32
C GLY B 109 4.56 -6.68 -23.89
N LEU B 110 5.63 -7.08 -23.24
CA LEU B 110 5.52 -7.92 -22.05
C LEU B 110 5.28 -7.05 -20.82
N LEU B 111 5.82 -5.85 -20.80
CA LEU B 111 5.58 -4.94 -19.65
C LEU B 111 4.14 -4.47 -19.71
N ILE B 112 3.63 -4.23 -20.91
CA ILE B 112 2.21 -3.83 -21.14
C ILE B 112 1.31 -5.01 -20.78
N ALA B 113 1.67 -6.21 -21.22
CA ALA B 113 0.88 -7.42 -20.93
C ALA B 113 0.73 -7.56 -19.41
N CYS B 114 1.83 -7.42 -18.71
CA CYS B 114 1.84 -7.57 -17.25
C CYS B 114 0.89 -6.56 -16.60
N LEU B 115 0.96 -5.31 -17.03
CA LEU B 115 0.19 -4.20 -16.42
C LEU B 115 -1.29 -4.45 -16.67
N CYS B 116 -1.62 -5.05 -17.81
CA CYS B 116 -3.01 -5.27 -18.28
C CYS B 116 -3.53 -6.66 -17.94
N HIS B 117 -2.74 -7.54 -17.35
CA HIS B 117 -3.05 -9.01 -17.30
C HIS B 117 -4.23 -9.36 -16.39
N ASP B 118 -4.63 -8.53 -15.44
CA ASP B 118 -5.82 -8.83 -14.62
C ASP B 118 -6.90 -7.75 -14.83
N LEU B 119 -6.84 -6.99 -15.91
CA LEU B 119 -7.77 -5.86 -16.12
C LEU B 119 -9.20 -6.26 -15.78
N ASP B 120 -9.83 -5.49 -14.90
CA ASP B 120 -11.29 -5.51 -14.66
C ASP B 120 -11.62 -6.81 -13.95
N HIS B 121 -10.65 -7.35 -13.22
CA HIS B 121 -10.82 -8.51 -12.34
C HIS B 121 -11.87 -8.13 -11.31
N ARG B 122 -12.74 -9.09 -10.93
CA ARG B 122 -13.83 -8.81 -9.95
C ARG B 122 -13.50 -9.45 -8.62
N GLY B 123 -12.41 -10.19 -8.50
CA GLY B 123 -11.97 -10.85 -7.26
C GLY B 123 -12.44 -12.30 -7.20
N PHE B 124 -12.93 -12.81 -8.34
CA PHE B 124 -13.55 -14.14 -8.47
C PHE B 124 -12.88 -14.93 -9.60
N SER B 125 -12.73 -16.24 -9.33
CA SER B 125 -12.13 -17.26 -10.19
C SER B 125 -13.06 -17.55 -11.36
N ASN B 126 -12.45 -18.08 -12.41
CA ASN B 126 -13.17 -18.61 -13.60
C ASN B 126 -14.24 -19.62 -13.16
N SER B 127 -13.93 -20.52 -12.22
CA SER B 127 -14.90 -21.56 -11.76
C SER B 127 -16.15 -20.85 -11.25
N TYR B 128 -15.97 -19.78 -10.46
CA TYR B 128 -17.09 -19.07 -9.82
C TYR B 128 -17.94 -18.40 -10.90
N LEU B 129 -17.32 -17.73 -11.87
CA LEU B 129 -18.06 -17.06 -12.97
C LEU B 129 -18.80 -18.16 -13.74
N GLN B 130 -18.18 -19.33 -13.88
CA GLN B 130 -18.83 -20.52 -14.54
C GLN B 130 -20.01 -21.00 -13.69
N LYS B 131 -19.85 -21.19 -12.38
CA LYS B 131 -20.94 -21.71 -11.53
C LYS B 131 -22.04 -20.64 -11.34
N PHE B 132 -21.70 -19.37 -11.35
CA PHE B 132 -22.69 -18.29 -11.19
C PHE B 132 -23.50 -18.16 -12.48
N ASP B 133 -22.87 -18.58 -13.58
CA ASP B 133 -23.38 -18.36 -14.95
C ASP B 133 -23.29 -16.87 -15.30
N HIS B 134 -22.23 -16.21 -14.91
CA HIS B 134 -21.92 -14.84 -15.41
C HIS B 134 -21.87 -14.79 -16.95
N PRO B 135 -22.40 -13.72 -17.58
CA PRO B 135 -22.26 -13.52 -19.05
C PRO B 135 -20.87 -13.79 -19.65
N LEU B 136 -19.82 -13.39 -18.96
CA LEU B 136 -18.46 -13.64 -19.45
C LEU B 136 -18.25 -15.14 -19.66
N ALA B 137 -18.88 -16.00 -18.87
CA ALA B 137 -18.68 -17.45 -18.99
C ALA B 137 -19.28 -17.98 -20.29
N ALA B 138 -20.23 -17.28 -20.88
CA ALA B 138 -20.89 -17.73 -22.15
C ALA B 138 -20.07 -17.20 -23.32
N LEU B 139 -19.51 -16.04 -23.15
CA LEU B 139 -18.67 -15.38 -24.16
C LEU B 139 -17.33 -16.14 -24.30
N TYR B 140 -16.82 -16.69 -23.21
CA TYR B 140 -15.45 -17.27 -23.11
C TYR B 140 -15.53 -18.53 -22.26
N SER B 141 -15.58 -19.68 -22.90
CA SER B 141 -15.88 -20.97 -22.22
C SER B 141 -14.71 -21.40 -21.34
N THR B 142 -13.49 -21.17 -21.82
CA THR B 142 -12.23 -21.42 -21.07
C THR B 142 -11.43 -20.13 -20.95
N SER B 143 -10.61 -20.14 -19.92
CA SER B 143 -9.74 -19.01 -19.57
C SER B 143 -10.62 -17.74 -19.55
N THR B 144 -11.78 -17.82 -18.92
CA THR B 144 -12.86 -16.79 -19.04
C THR B 144 -12.31 -15.39 -18.70
N MET B 145 -11.75 -15.22 -17.51
CA MET B 145 -11.31 -13.87 -17.11
C MET B 145 -10.17 -13.44 -18.03
N GLU B 146 -9.26 -14.35 -18.32
CA GLU B 146 -8.03 -13.99 -19.04
C GLU B 146 -8.41 -13.47 -20.45
N GLN B 147 -9.32 -14.14 -21.14
CA GLN B 147 -9.81 -13.64 -22.45
C GLN B 147 -10.41 -12.24 -22.25
N HIS B 148 -11.12 -12.03 -21.14
CA HIS B 148 -11.70 -10.73 -20.76
C HIS B 148 -10.58 -9.70 -20.56
N HIS B 149 -9.49 -10.09 -19.91
CA HIS B 149 -8.42 -9.13 -19.57
C HIS B 149 -7.86 -8.65 -20.90
N PHE B 150 -7.71 -9.55 -21.85
CA PHE B 150 -7.14 -9.19 -23.18
C PHE B 150 -8.12 -8.24 -23.90
N SER B 151 -9.37 -8.65 -23.98
CA SER B 151 -10.44 -7.82 -24.61
C SER B 151 -10.47 -6.42 -24.00
N GLN B 152 -10.35 -6.27 -22.69
CA GLN B 152 -10.27 -4.96 -22.03
C GLN B 152 -9.01 -4.21 -22.45
N THR B 153 -7.90 -4.92 -22.56
CA THR B 153 -6.62 -4.36 -23.02
C THR B 153 -6.83 -3.74 -24.41
N VAL B 154 -7.43 -4.48 -25.35
CA VAL B 154 -7.63 -4.00 -26.75
C VAL B 154 -8.60 -2.80 -26.78
N SER B 155 -9.68 -2.83 -26.01
CA SER B 155 -10.61 -1.69 -25.86
C SER B 155 -9.87 -0.42 -25.46
N ILE B 156 -9.00 -0.51 -24.47
CA ILE B 156 -8.29 0.68 -23.97
C ILE B 156 -7.33 1.18 -25.04
N LEU B 157 -6.68 0.27 -25.78
CA LEU B 157 -5.75 0.64 -26.89
C LEU B 157 -6.44 1.50 -27.96
N GLN B 158 -7.74 1.30 -28.15
CA GLN B 158 -8.56 1.87 -29.24
C GLN B 158 -9.31 3.13 -28.79
N LEU B 159 -9.04 3.60 -27.58
CA LEU B 159 -9.52 4.88 -27.03
C LEU B 159 -8.69 5.97 -27.71
N GLU B 160 -9.37 7.03 -28.18
CA GLU B 160 -8.69 8.16 -28.86
C GLU B 160 -7.52 8.57 -27.96
N GLY B 161 -6.32 8.60 -28.53
CA GLY B 161 -5.11 9.10 -27.86
C GLY B 161 -4.48 8.06 -26.97
N HIS B 162 -4.89 6.79 -27.07
CA HIS B 162 -4.37 5.73 -26.17
C HIS B 162 -3.48 4.70 -26.88
N ASN B 163 -3.40 4.76 -28.20
CA ASN B 163 -2.65 3.72 -28.93
C ASN B 163 -1.16 3.99 -28.88
N ILE B 164 -0.56 3.52 -27.80
CA ILE B 164 0.92 3.49 -27.56
C ILE B 164 1.68 2.73 -28.66
N PHE B 165 1.03 1.92 -29.47
CA PHE B 165 1.67 1.12 -30.54
C PHE B 165 1.52 1.80 -31.90
N SER B 166 1.07 3.07 -31.94
CA SER B 166 0.70 3.83 -33.16
C SER B 166 1.87 3.81 -34.16
N THR B 167 3.11 3.89 -33.69
CA THR B 167 4.33 4.02 -34.54
C THR B 167 4.63 2.71 -35.30
N LEU B 168 4.16 1.56 -34.81
CA LEU B 168 4.44 0.19 -35.35
C LEU B 168 3.74 -0.01 -36.72
N SER B 169 4.34 -0.80 -37.63
CA SER B 169 3.70 -1.27 -38.89
C SER B 169 2.52 -2.16 -38.58
N SER B 170 1.56 -2.28 -39.48
CA SER B 170 0.45 -3.27 -39.45
C SER B 170 0.95 -4.58 -38.83
N SER B 171 2.14 -4.97 -39.25
CA SER B 171 2.82 -6.27 -38.99
C SER B 171 3.30 -6.34 -37.55
N GLU B 172 4.22 -5.46 -37.18
CA GLU B 172 4.67 -5.36 -35.79
C GLU B 172 3.42 -5.29 -34.89
N TYR B 173 2.43 -4.48 -35.25
CA TYR B 173 1.25 -4.18 -34.42
C TYR B 173 0.53 -5.50 -34.15
N GLU B 174 0.33 -6.30 -35.18
CA GLU B 174 -0.40 -7.58 -35.04
C GLU B 174 0.45 -8.54 -34.17
N GLN B 175 1.74 -8.47 -34.38
CA GLN B 175 2.73 -9.27 -33.67
C GLN B 175 2.68 -8.99 -32.17
N VAL B 176 2.79 -7.70 -31.79
CA VAL B 176 2.83 -7.22 -30.38
C VAL B 176 1.45 -7.51 -29.76
N LEU B 177 0.36 -7.39 -30.49
CA LEU B 177 -0.95 -7.82 -29.94
C LEU B 177 -0.99 -9.33 -29.70
N GLU B 178 -0.26 -10.12 -30.51
CA GLU B 178 -0.21 -11.60 -30.36
CA GLU B 178 -0.25 -11.60 -30.34
C GLU B 178 0.66 -11.99 -29.16
N ILE B 179 1.75 -11.26 -28.97
CA ILE B 179 2.59 -11.44 -27.75
C ILE B 179 1.68 -11.22 -26.53
N ILE B 180 0.89 -10.15 -26.55
CA ILE B 180 0.18 -9.67 -25.35
C ILE B 180 -0.95 -10.66 -25.11
N ARG B 181 -1.62 -11.07 -26.16
CA ARG B 181 -2.71 -12.04 -26.04
C ARG B 181 -2.19 -13.34 -25.39
N LYS B 182 -1.17 -13.93 -25.97
CA LYS B 182 -0.62 -15.19 -25.43
C LYS B 182 -0.10 -14.99 -24.01
N ALA B 183 0.56 -13.85 -23.73
CA ALA B 183 1.12 -13.61 -22.39
C ALA B 183 -0.06 -13.62 -21.39
N ILE B 184 -1.16 -12.97 -21.74
CA ILE B 184 -2.29 -12.78 -20.78
C ILE B 184 -3.02 -14.11 -20.58
N ILE B 185 -3.25 -14.85 -21.65
CA ILE B 185 -3.90 -16.19 -21.56
C ILE B 185 -3.06 -17.11 -20.67
N ALA B 186 -1.74 -17.00 -20.72
CA ALA B 186 -0.81 -17.87 -19.98
C ALA B 186 -0.97 -17.65 -18.48
N THR B 187 -1.52 -16.52 -18.06
CA THR B 187 -1.68 -16.24 -16.61
C THR B 187 -2.85 -17.05 -16.07
N ASP B 188 -3.58 -17.75 -16.92
CA ASP B 188 -4.59 -18.73 -16.46
C ASP B 188 -3.85 -19.89 -15.80
N LEU B 189 -3.88 -20.02 -14.49
CA LEU B 189 -3.00 -20.98 -13.80
C LEU B 189 -3.32 -22.44 -14.19
N ALA B 190 -4.54 -22.72 -14.68
CA ALA B 190 -4.92 -24.03 -15.21
C ALA B 190 -4.04 -24.37 -16.40
N LEU B 191 -3.43 -23.40 -17.11
CA LEU B 191 -2.62 -23.73 -18.32
C LEU B 191 -1.16 -23.87 -17.92
N TYR B 192 -0.80 -23.37 -16.76
CA TYR B 192 0.60 -23.35 -16.28
C TYR B 192 1.12 -24.80 -16.22
N PHE B 193 0.43 -25.69 -15.51
CA PHE B 193 0.88 -27.09 -15.22
C PHE B 193 1.40 -27.77 -16.50
N GLY B 194 0.58 -27.80 -17.55
CA GLY B 194 0.95 -28.30 -18.88
C GLY B 194 2.13 -27.54 -19.46
N ASN B 195 2.09 -26.21 -19.40
CA ASN B 195 3.12 -25.43 -20.12
C ASN B 195 4.48 -25.70 -19.44
N ARG B 196 4.51 -25.66 -18.12
CA ARG B 196 5.75 -25.99 -17.41
C ARG B 196 6.22 -27.43 -17.64
N LYS B 197 5.32 -28.39 -17.69
CA LYS B 197 5.69 -29.81 -17.91
C LYS B 197 6.40 -29.92 -19.27
N GLN B 198 5.84 -29.34 -20.31
CA GLN B 198 6.49 -29.35 -21.65
C GLN B 198 7.85 -28.64 -21.63
N LEU B 199 7.98 -27.56 -20.88
CA LEU B 199 9.26 -26.82 -20.91
C LEU B 199 10.34 -27.62 -20.17
N GLU B 200 9.97 -28.20 -19.02
CA GLU B 200 10.83 -29.08 -18.20
C GLU B 200 11.37 -30.22 -19.08
N GLU B 201 10.53 -30.75 -19.95
CA GLU B 201 10.89 -31.87 -20.84
C GLU B 201 11.84 -31.37 -21.92
N MET B 202 11.52 -30.26 -22.57
CA MET B 202 12.40 -29.67 -23.61
C MET B 202 13.72 -29.26 -22.95
N TYR B 203 13.66 -28.73 -21.76
CA TYR B 203 14.92 -28.26 -21.16
C TYR B 203 15.83 -29.46 -20.91
N GLN B 204 15.29 -30.44 -20.18
CA GLN B 204 16.09 -31.57 -19.69
C GLN B 204 16.54 -32.50 -20.84
N THR B 205 15.96 -32.50 -22.03
CA THR B 205 16.45 -33.26 -23.19
C THR B 205 17.24 -32.36 -24.14
N GLY B 206 17.42 -31.08 -23.84
CA GLY B 206 18.12 -30.09 -24.68
C GLY B 206 17.45 -29.87 -26.03
N SER B 207 16.18 -30.19 -26.21
CA SER B 207 15.45 -29.94 -27.47
C SER B 207 14.86 -28.49 -27.47
N LEU B 208 15.05 -27.74 -26.37
CA LEU B 208 14.51 -26.37 -26.17
C LEU B 208 15.28 -25.44 -27.10
N ASN B 209 14.55 -24.66 -27.90
CA ASN B 209 15.13 -23.86 -29.00
C ASN B 209 14.46 -22.48 -29.00
N LEU B 210 15.14 -21.45 -28.51
CA LEU B 210 14.55 -20.09 -28.40
C LEU B 210 14.36 -19.44 -29.79
N ASN B 211 14.90 -19.98 -30.87
CA ASN B 211 14.61 -19.50 -32.24
C ASN B 211 13.35 -20.17 -32.78
N ASN B 212 12.77 -21.07 -32.00
CA ASN B 212 11.49 -21.72 -32.35
C ASN B 212 10.37 -20.90 -31.67
N GLN B 213 9.48 -20.29 -32.43
CA GLN B 213 8.46 -19.32 -31.92
C GLN B 213 7.57 -19.99 -30.88
N SER B 214 7.22 -21.23 -31.13
CA SER B 214 6.33 -22.03 -30.28
C SER B 214 7.02 -22.28 -28.95
N HIS B 215 8.32 -22.47 -28.94
CA HIS B 215 9.12 -22.59 -27.71
C HIS B 215 9.21 -21.25 -27.02
N ARG B 216 9.48 -20.17 -27.77
CA ARG B 216 9.54 -18.80 -27.18
C ARG B 216 8.21 -18.50 -26.46
N ASP B 217 7.07 -18.78 -27.11
CA ASP B 217 5.72 -18.63 -26.57
C ASP B 217 5.64 -19.32 -25.21
N ARG B 218 6.20 -20.52 -25.10
CA ARG B 218 6.02 -21.29 -23.86
C ARG B 218 6.87 -20.66 -22.77
N VAL B 219 8.09 -20.24 -23.11
CA VAL B 219 9.00 -19.65 -22.11
C VAL B 219 8.38 -18.33 -21.64
N ILE B 220 7.70 -17.62 -22.54
CA ILE B 220 7.04 -16.33 -22.17
C ILE B 220 5.88 -16.65 -21.21
N GLY B 221 5.12 -17.71 -21.52
CA GLY B 221 4.03 -18.14 -20.64
C GLY B 221 4.54 -18.36 -19.24
N LEU B 222 5.69 -19.00 -19.13
CA LEU B 222 6.16 -19.39 -17.79
C LEU B 222 6.68 -18.13 -17.09
N MET B 223 7.32 -17.25 -17.83
CA MET B 223 7.76 -15.93 -17.29
C MET B 223 6.52 -15.23 -16.73
N MET B 224 5.42 -15.35 -17.45
CA MET B 224 4.17 -14.65 -17.00
C MET B 224 3.68 -15.30 -15.71
N THR B 225 3.60 -16.65 -15.66
CA THR B 225 3.22 -17.33 -14.39
C THR B 225 4.15 -16.82 -13.27
N ALA B 226 5.47 -16.80 -13.48
CA ALA B 226 6.44 -16.47 -12.41
C ALA B 226 6.24 -15.05 -11.90
N CYS B 227 6.03 -14.11 -12.81
CA CYS B 227 5.67 -12.72 -12.42
C CYS B 227 4.34 -12.70 -11.66
N ASP B 228 3.36 -13.45 -12.13
CA ASP B 228 2.02 -13.51 -11.49
C ASP B 228 2.10 -14.05 -10.04
N LEU B 229 3.04 -14.96 -9.74
CA LEU B 229 3.15 -15.59 -8.42
C LEU B 229 4.21 -14.90 -7.56
N CYS B 230 4.75 -13.78 -8.03
CA CYS B 230 6.02 -13.22 -7.51
C CYS B 230 5.88 -12.76 -6.07
N SER B 231 4.68 -12.79 -5.52
CA SER B 231 4.48 -12.47 -4.09
C SER B 231 5.18 -13.48 -3.17
N VAL B 232 5.47 -14.68 -3.69
CA VAL B 232 6.17 -15.76 -2.93
C VAL B 232 7.69 -15.56 -3.04
N THR B 233 8.11 -14.52 -3.76
CA THR B 233 9.55 -14.22 -3.99
C THR B 233 9.99 -12.95 -3.28
N LYS B 234 9.14 -12.41 -2.43
CA LYS B 234 9.41 -11.15 -1.74
C LYS B 234 9.97 -11.53 -0.38
N LEU B 235 10.40 -10.51 0.33
CA LEU B 235 10.83 -10.67 1.72
C LEU B 235 9.63 -11.12 2.53
N TRP B 236 9.88 -12.02 3.48
CA TRP B 236 8.83 -12.73 4.26
C TRP B 236 7.68 -11.81 4.68
N PRO B 237 7.88 -10.62 5.28
CA PRO B 237 6.76 -9.77 5.68
C PRO B 237 5.80 -9.32 4.58
N VAL B 238 6.35 -9.08 3.38
CA VAL B 238 5.55 -8.75 2.17
C VAL B 238 4.76 -10.02 1.81
N THR B 239 5.47 -11.14 1.75
CA THR B 239 4.92 -12.46 1.37
C THR B 239 3.76 -12.81 2.33
N LYS B 240 3.95 -12.68 3.65
CA LYS B 240 2.94 -13.06 4.68
C LYS B 240 1.71 -12.15 4.54
N LEU B 241 1.94 -10.85 4.46
CA LEU B 241 0.84 -9.85 4.39
C LEU B 241 0.15 -9.95 3.05
N THR B 242 0.85 -10.29 1.96
CA THR B 242 0.17 -10.41 0.65
C THR B 242 -0.75 -11.63 0.63
N ALA B 243 -0.37 -12.72 1.32
CA ALA B 243 -1.21 -13.93 1.43
C ALA B 243 -2.53 -13.59 2.11
N ASN B 244 -2.56 -12.67 3.08
CA ASN B 244 -3.85 -12.25 3.71
C ASN B 244 -4.79 -11.72 2.63
N ASP B 245 -4.27 -10.92 1.71
CA ASP B 245 -5.05 -10.24 0.66
C ASP B 245 -5.66 -11.30 -0.23
N ILE B 246 -4.87 -12.27 -0.63
CA ILE B 246 -5.39 -13.26 -1.61
C ILE B 246 -6.45 -14.12 -0.92
N TYR B 247 -6.28 -14.46 0.33
CA TYR B 247 -7.25 -15.30 1.06
C TYR B 247 -8.51 -14.48 1.32
N ALA B 248 -8.43 -13.16 1.42
CA ALA B 248 -9.63 -12.33 1.60
C ALA B 248 -10.51 -12.56 0.38
N GLU B 249 -9.93 -12.55 -0.84
CA GLU B 249 -10.68 -12.85 -2.08
C GLU B 249 -11.16 -14.30 -2.06
N PHE B 250 -10.26 -15.23 -1.88
CA PHE B 250 -10.63 -16.66 -1.95
C PHE B 250 -11.76 -16.89 -0.95
N TRP B 251 -11.73 -16.31 0.25
CA TRP B 251 -12.77 -16.62 1.26
C TRP B 251 -14.10 -15.96 0.84
N ALA B 252 -14.06 -14.78 0.22
CA ALA B 252 -15.32 -14.14 -0.21
C ALA B 252 -15.89 -14.97 -1.34
N GLU B 253 -15.03 -15.52 -2.19
CA GLU B 253 -15.51 -16.41 -3.29
C GLU B 253 -16.11 -17.70 -2.68
N GLY B 254 -15.46 -18.28 -1.69
CA GLY B 254 -16.05 -19.36 -0.85
C GLY B 254 -17.45 -19.02 -0.33
N ASP B 255 -17.65 -17.83 0.19
CA ASP B 255 -18.96 -17.39 0.72
C ASP B 255 -19.99 -17.42 -0.42
N GLU B 256 -19.58 -17.03 -1.62
CA GLU B 256 -20.51 -16.87 -2.75
C GLU B 256 -20.86 -18.25 -3.28
N MET B 257 -19.91 -19.19 -3.31
CA MET B 257 -20.21 -20.58 -3.64
C MET B 257 -21.29 -21.08 -2.67
N LYS B 258 -21.11 -20.86 -1.36
CA LYS B 258 -22.04 -21.31 -0.32
C LYS B 258 -23.38 -20.71 -0.61
N LYS B 259 -23.43 -19.44 -1.04
CA LYS B 259 -24.71 -18.77 -1.29
C LYS B 259 -25.39 -19.39 -2.50
N LEU B 260 -24.63 -19.98 -3.42
CA LEU B 260 -25.21 -20.75 -4.55
C LEU B 260 -25.61 -22.16 -4.10
N GLY B 261 -25.26 -22.58 -2.89
CA GLY B 261 -25.59 -23.95 -2.44
C GLY B 261 -24.44 -24.92 -2.75
N ILE B 262 -23.23 -24.41 -2.94
CA ILE B 262 -22.08 -25.28 -3.31
C ILE B 262 -21.02 -25.23 -2.22
N GLN B 263 -20.58 -26.38 -1.72
CA GLN B 263 -19.50 -26.38 -0.73
C GLN B 263 -18.24 -25.97 -1.47
N PRO B 264 -17.54 -24.90 -1.07
CA PRO B 264 -16.34 -24.53 -1.82
C PRO B 264 -15.19 -25.50 -1.52
N ILE B 265 -14.17 -25.50 -2.38
CA ILE B 265 -12.88 -26.18 -2.06
C ILE B 265 -12.36 -25.53 -0.81
N PRO B 266 -11.57 -26.26 -0.02
CA PRO B 266 -11.04 -25.75 1.25
C PRO B 266 -10.30 -24.42 1.20
N MET B 267 -9.51 -24.25 0.16
CA MET B 267 -8.72 -23.03 -0.11
C MET B 267 -9.61 -21.77 0.03
N MET B 268 -10.89 -21.88 -0.30
CA MET B 268 -11.89 -20.81 -0.39
C MET B 268 -12.85 -20.85 0.79
N ASP B 269 -12.61 -21.75 1.73
CA ASP B 269 -13.51 -21.87 2.91
C ASP B 269 -12.86 -21.14 4.09
N ARG B 270 -13.46 -20.03 4.53
CA ARG B 270 -12.89 -19.25 5.65
C ARG B 270 -12.98 -20.12 6.91
N ASP B 271 -13.81 -21.16 6.89
CA ASP B 271 -13.89 -22.06 8.08
C ASP B 271 -12.59 -22.86 8.14
N LYS B 272 -11.76 -22.88 7.10
CA LYS B 272 -10.53 -23.70 7.11
C LYS B 272 -9.30 -22.83 7.24
N LYS B 273 -9.48 -21.65 7.79
CA LYS B 273 -8.41 -20.66 8.11
C LYS B 273 -7.18 -21.30 8.77
N ASP B 274 -7.40 -22.23 9.69
CA ASP B 274 -6.35 -22.92 10.49
C ASP B 274 -5.39 -23.67 9.53
N GLU B 275 -5.87 -24.12 8.36
CA GLU B 275 -5.15 -24.94 7.35
C GLU B 275 -4.43 -24.06 6.30
N VAL B 276 -4.30 -22.75 6.50
CA VAL B 276 -3.57 -21.88 5.55
C VAL B 276 -2.10 -22.28 5.46
N PRO B 277 -1.32 -22.41 6.56
CA PRO B 277 0.11 -22.71 6.44
C PRO B 277 0.36 -24.01 5.65
N GLN B 278 -0.39 -25.06 5.97
CA GLN B 278 -0.29 -26.33 5.22
C GLN B 278 -0.64 -26.09 3.76
N GLY B 279 -1.63 -25.22 3.51
CA GLY B 279 -2.12 -24.90 2.16
C GLY B 279 -1.02 -24.21 1.34
N GLN B 280 -0.33 -23.27 1.95
CA GLN B 280 0.79 -22.55 1.32
C GLN B 280 1.95 -23.54 1.04
N LEU B 281 2.32 -24.37 2.03
CA LEU B 281 3.28 -25.49 1.82
C LEU B 281 2.91 -26.24 0.52
N GLY B 282 1.65 -26.66 0.38
CA GLY B 282 1.22 -27.46 -0.78
C GLY B 282 1.37 -26.65 -2.06
N PHE B 283 1.09 -25.35 -1.97
CA PHE B 283 1.09 -24.42 -3.13
C PHE B 283 2.56 -24.25 -3.61
N TYR B 284 3.47 -24.04 -2.67
CA TYR B 284 4.93 -23.94 -2.97
C TYR B 284 5.45 -25.24 -3.59
N ASN B 285 5.11 -26.38 -2.99
CA ASN B 285 5.64 -27.69 -3.45
C ASN B 285 5.07 -28.01 -4.83
N ALA B 286 3.79 -27.71 -5.07
CA ALA B 286 3.05 -28.15 -6.27
C ALA B 286 3.08 -27.12 -7.41
N VAL B 287 3.30 -25.84 -7.14
CA VAL B 287 3.18 -24.78 -8.19
C VAL B 287 4.41 -23.87 -8.18
N ALA B 288 4.62 -23.17 -7.07
CA ALA B 288 5.61 -22.06 -7.05
C ALA B 288 7.04 -22.61 -7.21
N ILE B 289 7.45 -23.66 -6.47
CA ILE B 289 8.89 -24.12 -6.54
C ILE B 289 9.18 -24.66 -7.93
N PRO B 290 8.34 -25.55 -8.48
CA PRO B 290 8.57 -26.03 -9.84
C PRO B 290 8.60 -24.89 -10.86
N CYS B 291 7.71 -23.92 -10.66
CA CYS B 291 7.64 -22.74 -11.58
C CYS B 291 9.02 -22.09 -11.65
N TYR B 292 9.55 -21.68 -10.52
CA TYR B 292 10.82 -20.91 -10.50
C TYR B 292 12.04 -21.83 -10.74
N THR B 293 11.87 -23.12 -10.48
CA THR B 293 12.97 -24.09 -10.68
C THR B 293 13.17 -24.18 -12.18
N THR B 294 12.11 -24.47 -12.95
CA THR B 294 12.18 -24.53 -14.44
C THR B 294 12.57 -23.16 -14.97
N LEU B 295 12.13 -22.07 -14.36
CA LEU B 295 12.49 -20.76 -14.97
C LEU B 295 14.00 -20.52 -14.82
N THR B 296 14.54 -20.88 -13.67
CA THR B 296 15.96 -20.68 -13.33
C THR B 296 16.83 -21.54 -14.26
N GLN B 297 16.40 -22.76 -14.50
CA GLN B 297 17.09 -23.63 -15.48
C GLN B 297 17.15 -22.91 -16.82
N ILE B 298 16.03 -22.40 -17.32
CA ILE B 298 16.01 -21.83 -18.70
C ILE B 298 16.69 -20.45 -18.69
N LEU B 299 16.53 -19.70 -17.62
CA LEU B 299 17.03 -18.29 -17.51
C LEU B 299 17.73 -18.17 -16.19
N PRO B 300 18.97 -18.72 -16.14
CA PRO B 300 19.76 -18.72 -14.90
C PRO B 300 19.80 -17.44 -14.11
N PRO B 301 19.86 -16.23 -14.69
CA PRO B 301 19.82 -15.01 -13.88
C PRO B 301 18.50 -14.81 -13.09
N THR B 302 17.44 -15.64 -13.28
CA THR B 302 16.18 -15.58 -12.48
C THR B 302 16.26 -16.33 -11.15
N GLU B 303 17.42 -16.84 -10.85
CA GLU B 303 17.68 -17.67 -9.67
C GLU B 303 17.21 -17.02 -8.38
N PRO B 304 17.45 -15.69 -8.18
CA PRO B 304 17.01 -15.06 -6.93
C PRO B 304 15.51 -15.25 -6.66
N LEU B 305 14.67 -15.48 -7.68
CA LEU B 305 13.21 -15.76 -7.50
C LEU B 305 13.07 -17.13 -6.82
N LEU B 306 13.75 -18.13 -7.34
CA LEU B 306 13.75 -19.50 -6.75
C LEU B 306 14.34 -19.43 -5.35
N LYS B 307 15.42 -18.68 -5.17
CA LYS B 307 16.03 -18.64 -3.84
C LYS B 307 15.03 -18.05 -2.85
N ALA B 308 14.43 -16.90 -3.19
CA ALA B 308 13.46 -16.18 -2.32
C ALA B 308 12.28 -17.12 -2.05
N CYS B 309 11.91 -17.90 -3.06
CA CYS B 309 10.77 -18.81 -2.92
C CYS B 309 11.05 -19.91 -1.90
N ARG B 310 12.25 -20.48 -1.97
CA ARG B 310 12.68 -21.56 -1.05
C ARG B 310 12.75 -20.99 0.36
N ASP B 311 13.22 -19.76 0.49
CA ASP B 311 13.28 -19.08 1.82
C ASP B 311 11.87 -18.95 2.40
N ASN B 312 10.89 -18.60 1.57
CA ASN B 312 9.51 -18.36 2.04
C ASN B 312 8.85 -19.71 2.35
N LEU B 313 9.10 -20.76 1.57
CA LEU B 313 8.63 -22.14 1.89
C LEU B 313 9.10 -22.47 3.31
N SER B 314 10.35 -22.17 3.58
CA SER B 314 10.99 -22.48 4.89
C SER B 314 10.28 -21.70 6.00
N GLN B 315 10.00 -20.42 5.77
CA GLN B 315 9.19 -19.63 6.73
C GLN B 315 7.80 -20.24 6.97
N TRP B 316 7.14 -20.78 5.95
CA TRP B 316 5.81 -21.42 6.14
C TRP B 316 5.97 -22.70 6.97
N GLU B 317 7.08 -23.39 6.76
CA GLU B 317 7.38 -24.63 7.54
C GLU B 317 7.50 -24.27 9.03
N LYS B 318 8.21 -23.17 9.32
CA LYS B 318 8.38 -22.63 10.68
C LYS B 318 7.01 -22.36 11.30
N VAL B 319 6.13 -21.66 10.59
CA VAL B 319 4.76 -21.34 11.07
C VAL B 319 3.99 -22.64 11.35
N ILE B 320 4.01 -23.62 10.44
CA ILE B 320 3.31 -24.92 10.67
C ILE B 320 3.77 -25.58 11.95
N ARG B 321 5.05 -25.43 12.32
CA ARG B 321 5.69 -26.04 13.51
C ARG B 321 5.49 -25.15 14.75
N GLY B 322 5.25 -23.85 14.59
CA GLY B 322 5.03 -22.94 15.73
C GLY B 322 6.29 -22.18 16.08
N GLU B 323 7.47 -22.65 15.66
CA GLU B 323 8.73 -21.89 15.61
C GLU B 323 8.38 -20.53 14.98
N GLY C 12 -24.79 38.00 2.91
CA GLY C 12 -24.26 38.31 4.27
C GLY C 12 -25.32 38.23 5.36
N LEU C 13 -26.60 38.12 4.97
CA LEU C 13 -27.78 37.94 5.86
C LEU C 13 -27.93 36.47 6.35
N MET C 14 -27.21 35.51 5.75
CA MET C 14 -27.34 34.05 5.95
C MET C 14 -26.39 33.60 7.05
N GLN C 15 -26.92 33.28 8.23
CA GLN C 15 -26.14 32.73 9.35
C GLN C 15 -26.41 31.24 9.46
N PHE C 16 -25.38 30.47 9.81
CA PHE C 16 -25.57 29.04 10.04
C PHE C 16 -26.18 28.85 11.43
N THR C 17 -27.12 27.94 11.51
CA THR C 17 -27.72 27.42 12.76
C THR C 17 -27.48 25.93 12.83
N LEU C 18 -27.63 25.40 14.01
CA LEU C 18 -27.42 23.98 14.29
C LEU C 18 -28.68 23.56 15.04
N PRO C 19 -29.15 22.31 14.91
CA PRO C 19 -30.17 21.82 15.81
C PRO C 19 -29.79 22.20 17.23
N VAL C 20 -30.78 22.27 18.07
CA VAL C 20 -30.63 22.73 19.48
C VAL C 20 -29.51 21.98 20.18
N ARG C 21 -29.53 20.65 20.19
CA ARG C 21 -28.51 19.89 20.99
C ARG C 21 -27.13 20.31 20.49
N LEU C 22 -26.92 20.55 19.19
CA LEU C 22 -25.55 20.83 18.67
C LEU C 22 -25.16 22.27 19.07
N CYS C 23 -26.10 23.23 18.98
CA CYS C 23 -25.93 24.69 19.32
CA CYS C 23 -25.95 24.68 19.34
C CYS C 23 -25.42 24.78 20.77
N LYS C 24 -25.97 23.95 21.63
CA LYS C 24 -25.66 23.91 23.09
C LYS C 24 -24.33 23.17 23.30
N GLU C 25 -24.17 21.97 22.80
CA GLU C 25 -23.03 21.06 23.10
C GLU C 25 -21.76 21.56 22.40
N ILE C 26 -21.89 22.26 21.27
CA ILE C 26 -20.71 22.66 20.45
C ILE C 26 -19.83 23.61 21.27
N GLU C 27 -20.36 24.16 22.37
CA GLU C 27 -19.64 25.22 23.13
C GLU C 27 -18.72 24.55 24.13
N LEU C 28 -18.84 23.23 24.27
CA LEU C 28 -18.08 22.40 25.22
C LEU C 28 -16.86 21.81 24.54
N PHE C 29 -15.80 21.75 25.30
CA PHE C 29 -14.52 21.19 24.86
C PHE C 29 -14.71 19.73 24.38
N HIS C 30 -15.56 18.94 25.02
CA HIS C 30 -15.62 17.48 24.79
C HIS C 30 -16.63 17.14 23.65
N PHE C 31 -17.28 18.13 23.08
CA PHE C 31 -18.21 17.91 21.94
C PHE C 31 -17.57 16.99 20.90
N ASP C 32 -18.37 16.06 20.40
CA ASP C 32 -18.04 15.16 19.29
C ASP C 32 -18.87 15.57 18.08
N ILE C 33 -18.25 15.74 16.91
CA ILE C 33 -18.96 16.33 15.75
C ILE C 33 -19.95 15.32 15.13
N GLY C 34 -19.94 14.07 15.56
CA GLY C 34 -20.93 13.07 15.11
C GLY C 34 -20.58 12.44 13.74
N PRO C 35 -21.33 11.37 13.35
CA PRO C 35 -20.94 10.49 12.25
C PRO C 35 -21.45 10.96 10.88
N PHE C 36 -22.21 12.06 10.82
CA PHE C 36 -22.81 12.56 9.57
C PHE C 36 -21.84 13.52 8.89
N GLU C 37 -21.07 13.01 7.95
CA GLU C 37 -20.07 13.79 7.19
C GLU C 37 -20.70 15.07 6.64
N ASN C 38 -21.91 15.00 6.10
CA ASN C 38 -22.48 16.16 5.37
C ASN C 38 -22.84 17.30 6.29
N MET C 39 -22.84 17.10 7.60
CA MET C 39 -23.01 18.18 8.61
C MET C 39 -21.71 18.90 8.98
N TRP C 40 -20.55 18.30 8.73
CA TRP C 40 -19.24 18.82 9.21
C TRP C 40 -18.98 20.18 8.58
N PRO C 41 -19.12 20.36 7.25
CA PRO C 41 -18.90 21.65 6.62
C PRO C 41 -19.73 22.74 7.30
N GLY C 42 -21.04 22.54 7.46
CA GLY C 42 -21.92 23.53 8.10
C GLY C 42 -21.54 23.78 9.57
N ILE C 43 -21.05 22.77 10.26
CA ILE C 43 -20.57 22.92 11.67
C ILE C 43 -19.35 23.83 11.69
N PHE C 44 -18.48 23.70 10.69
CA PHE C 44 -17.23 24.49 10.59
C PHE C 44 -17.60 25.93 10.25
N VAL C 45 -18.55 26.10 9.33
CA VAL C 45 -19.01 27.46 8.95
C VAL C 45 -19.66 28.09 10.19
N TYR C 46 -20.47 27.37 10.96
CA TYR C 46 -21.07 27.89 12.21
C TYR C 46 -19.97 28.43 13.14
N MET C 47 -18.89 27.64 13.31
CA MET C 47 -17.78 28.01 14.22
C MET C 47 -17.08 29.25 13.68
N VAL C 48 -16.89 29.38 12.39
CA VAL C 48 -16.23 30.56 11.80
C VAL C 48 -17.15 31.76 12.07
N HIS C 49 -18.46 31.64 11.80
CA HIS C 49 -19.41 32.77 11.95
C HIS C 49 -19.38 33.25 13.40
N ARG C 50 -19.38 32.33 14.34
CA ARG C 50 -19.45 32.70 15.77
C ARG C 50 -18.08 33.16 16.28
N SER C 51 -17.01 32.60 15.74
CA SER C 51 -15.62 32.72 16.25
C SER C 51 -14.92 33.97 15.72
N CYS C 52 -15.21 34.25 14.47
CA CYS C 52 -14.53 35.25 13.64
C CYS C 52 -15.56 36.34 13.35
N GLY C 53 -16.70 35.97 12.76
CA GLY C 53 -17.79 36.86 12.33
C GLY C 53 -18.36 36.39 11.01
N THR C 54 -19.61 36.74 10.71
CA THR C 54 -20.31 36.42 9.43
C THR C 54 -19.64 37.18 8.27
N SER C 55 -18.89 38.22 8.62
CA SER C 55 -18.22 39.15 7.70
C SER C 55 -16.79 38.68 7.35
N CYS C 56 -16.11 37.83 8.13
CA CYS C 56 -14.66 37.54 7.91
C CYS C 56 -14.40 36.94 6.53
N PHE C 57 -15.33 36.15 6.00
CA PHE C 57 -15.12 35.46 4.71
C PHE C 57 -16.39 35.60 3.89
N GLU C 58 -16.25 35.76 2.58
CA GLU C 58 -17.36 35.63 1.63
C GLU C 58 -17.84 34.16 1.67
N LEU C 59 -19.13 33.93 1.94
CA LEU C 59 -19.69 32.57 2.15
C LEU C 59 -19.43 31.68 0.94
N GLU C 60 -19.67 32.11 -0.29
CA GLU C 60 -19.48 31.27 -1.51
C GLU C 60 -18.04 30.77 -1.57
N LYS C 61 -17.10 31.64 -1.26
CA LYS C 61 -15.66 31.33 -1.39
C LYS C 61 -15.28 30.38 -0.27
N LEU C 62 -15.84 30.60 0.93
CA LEU C 62 -15.57 29.78 2.11
C LEU C 62 -16.04 28.36 1.73
N CME C 63 -17.25 28.26 1.18
CA CME C 63 -17.93 26.99 0.85
CB CME C 63 -19.43 27.11 0.53
SG CME C 63 -20.50 27.15 2.01
SD CME C 63 -20.23 25.31 2.97
CE CME C 63 -21.85 24.89 3.66
CZ CME C 63 -22.30 23.60 3.07
OH CME C 63 -23.61 23.72 2.58
C CME C 63 -17.10 26.28 -0.21
O CME C 63 -16.90 25.05 -0.08
N ARG C 64 -16.59 26.96 -1.22
CA ARG C 64 -15.81 26.14 -2.17
C ARG C 64 -14.40 25.85 -1.59
N PHE C 65 -13.84 26.71 -0.73
CA PHE C 65 -12.55 26.41 -0.06
C PHE C 65 -12.72 25.14 0.78
N ILE C 66 -13.79 25.10 1.57
CA ILE C 66 -14.04 23.96 2.49
C ILE C 66 -14.19 22.69 1.66
N MET C 67 -14.93 22.76 0.55
CA MET C 67 -15.22 21.54 -0.24
C MET C 67 -13.94 21.09 -0.95
N SER C 68 -13.04 22.00 -1.34
CA SER C 68 -11.74 21.59 -1.98
C SER C 68 -10.76 21.00 -0.94
N VAL C 69 -10.75 21.56 0.27
CA VAL C 69 -9.99 21.00 1.41
C VAL C 69 -10.49 19.59 1.71
N LYS C 70 -11.79 19.37 1.83
CA LYS C 70 -12.35 18.03 2.15
C LYS C 70 -11.91 17.02 1.09
N LYS C 71 -12.04 17.41 -0.18
CA LYS C 71 -11.71 16.52 -1.32
C LYS C 71 -10.20 16.16 -1.26
N ASN C 72 -9.36 16.88 -0.53
CA ASN C 72 -7.91 16.61 -0.52
C ASN C 72 -7.51 15.94 0.79
N TYR C 73 -8.46 15.57 1.64
CA TYR C 73 -8.24 14.57 2.71
C TYR C 73 -8.52 13.17 2.13
N ARG C 74 -7.74 12.19 2.55
CA ARG C 74 -7.89 10.79 2.13
C ARG C 74 -8.73 10.01 3.13
N ARG C 75 -9.27 8.91 2.65
CA ARG C 75 -10.13 8.02 3.45
C ARG C 75 -9.18 7.07 4.16
N VAL C 76 -8.38 7.63 5.04
CA VAL C 76 -7.52 6.85 5.94
C VAL C 76 -8.28 6.73 7.25
N PRO C 77 -7.84 5.82 8.11
CA PRO C 77 -8.62 5.57 9.33
C PRO C 77 -8.66 6.75 10.30
N TYR C 78 -7.59 7.51 10.42
CA TYR C 78 -7.49 8.53 11.50
C TYR C 78 -7.33 9.92 10.88
N HIS C 79 -6.29 10.10 10.07
CA HIS C 79 -5.91 11.43 9.51
C HIS C 79 -6.77 11.80 8.31
N ASN C 80 -8.05 11.98 8.59
CA ASN C 80 -9.13 12.14 7.61
C ASN C 80 -9.85 13.45 7.88
N TRP C 81 -10.82 13.72 7.02
CA TRP C 81 -11.68 14.92 7.13
C TRP C 81 -12.26 15.05 8.52
N LYS C 82 -12.69 13.95 9.14
CA LYS C 82 -13.33 14.03 10.46
C LYS C 82 -12.32 14.58 11.47
N HIS C 83 -11.06 14.19 11.38
CA HIS C 83 -9.98 14.66 12.28
C HIS C 83 -9.75 16.17 12.08
N ALA C 84 -9.77 16.62 10.85
CA ALA C 84 -9.60 18.05 10.50
C ALA C 84 -10.68 18.90 11.21
N VAL C 85 -11.93 18.54 11.04
CA VAL C 85 -13.06 19.29 11.63
C VAL C 85 -13.07 19.19 13.17
N THR C 86 -12.73 18.04 13.72
CA THR C 86 -12.65 17.81 15.19
C THR C 86 -11.55 18.73 15.73
N VAL C 87 -10.41 18.82 15.02
CA VAL C 87 -9.30 19.72 15.43
C VAL C 87 -9.73 21.18 15.35
N ALA C 88 -10.48 21.57 14.36
CA ALA C 88 -10.97 22.96 14.24
C ALA C 88 -11.90 23.27 15.40
N HIS C 89 -12.71 22.31 15.82
CA HIS C 89 -13.70 22.50 16.89
C HIS C 89 -12.95 22.74 18.20
N CYS C 90 -11.88 22.00 18.45
CA CYS C 90 -11.12 22.26 19.70
C CYS C 90 -10.56 23.69 19.65
N MET C 91 -9.99 24.10 18.53
CA MET C 91 -9.57 25.50 18.38
C MET C 91 -10.76 26.45 18.64
N TYR C 92 -11.91 26.18 18.05
CA TYR C 92 -13.15 26.97 18.22
C TYR C 92 -13.37 27.21 19.72
N ALA C 93 -13.38 26.13 20.48
CA ALA C 93 -13.58 26.17 21.93
C ALA C 93 -12.48 26.99 22.63
N ILE C 94 -11.22 26.84 22.25
CA ILE C 94 -10.15 27.56 22.99
C ILE C 94 -10.36 29.04 22.75
N LEU C 95 -10.62 29.41 21.51
CA LEU C 95 -10.80 30.81 21.08
C LEU C 95 -12.02 31.41 21.78
N GLN C 96 -13.14 30.70 21.89
CA GLN C 96 -14.40 31.31 22.43
C GLN C 96 -14.25 31.45 23.95
N ASN C 97 -13.39 30.67 24.59
CA ASN C 97 -13.20 30.72 26.07
C ASN C 97 -12.03 31.64 26.44
N ASN C 98 -11.41 32.27 25.45
CA ASN C 98 -10.24 33.14 25.66
C ASN C 98 -10.40 34.30 24.67
N HIS C 99 -11.58 34.85 24.50
CA HIS C 99 -11.88 35.63 23.26
C HIS C 99 -11.13 36.99 23.23
N THR C 100 -10.73 37.49 24.40
CA THR C 100 -10.06 38.80 24.53
C THR C 100 -8.61 38.69 24.06
N LEU C 101 -7.99 37.48 24.03
CA LEU C 101 -6.52 37.36 23.86
C LEU C 101 -6.09 37.34 22.38
N PHE C 102 -6.97 37.13 21.40
CA PHE C 102 -6.50 36.88 20.02
C PHE C 102 -6.97 37.98 19.07
N THR C 103 -6.09 38.23 18.10
CA THR C 103 -6.34 39.22 17.03
C THR C 103 -7.38 38.64 16.07
N ASP C 104 -7.87 39.54 15.24
CA ASP C 104 -8.81 39.23 14.14
C ASP C 104 -8.13 38.27 13.13
N LEU C 105 -6.89 38.59 12.76
CA LEU C 105 -6.11 37.78 11.82
C LEU C 105 -6.01 36.39 12.43
N GLU C 106 -5.65 36.34 13.71
CA GLU C 106 -5.42 35.04 14.41
C GLU C 106 -6.71 34.24 14.41
N ARG C 107 -7.86 34.85 14.65
CA ARG C 107 -9.13 34.09 14.73
C ARG C 107 -9.44 33.46 13.34
N LYS C 108 -9.40 34.28 12.29
CA LYS C 108 -9.46 33.85 10.86
C LYS C 108 -8.49 32.71 10.53
N GLY C 109 -7.22 32.92 10.86
CA GLY C 109 -6.14 32.00 10.50
C GLY C 109 -6.26 30.64 11.12
N LEU C 110 -6.60 30.59 12.40
CA LEU C 110 -6.33 29.42 13.26
C LEU C 110 -7.37 28.36 12.94
N LEU C 111 -8.61 28.74 12.73
CA LEU C 111 -9.66 27.77 12.38
C LEU C 111 -9.33 27.18 11.01
N ILE C 112 -8.91 28.02 10.08
CA ILE C 112 -8.49 27.59 8.72
C ILE C 112 -7.27 26.67 8.85
N ALA C 113 -6.29 27.06 9.65
CA ALA C 113 -5.06 26.24 9.81
C ALA C 113 -5.43 24.85 10.33
N CYS C 114 -6.37 24.79 11.27
CA CYS C 114 -6.75 23.53 11.92
C CYS C 114 -7.47 22.66 10.89
N LEU C 115 -8.34 23.25 10.11
CA LEU C 115 -9.04 22.48 9.06
C LEU C 115 -8.02 21.90 8.10
N CYS C 116 -6.96 22.64 7.83
CA CYS C 116 -6.03 22.32 6.72
C CYS C 116 -4.81 21.52 7.21
N HIS C 117 -4.65 21.32 8.51
CA HIS C 117 -3.33 20.99 9.10
C HIS C 117 -2.89 19.58 8.74
N ASP C 118 -3.77 18.73 8.19
CA ASP C 118 -3.37 17.35 7.80
C ASP C 118 -3.76 17.10 6.33
N LEU C 119 -3.92 18.19 5.56
CA LEU C 119 -4.27 18.08 4.12
C LEU C 119 -3.38 17.06 3.42
N ASP C 120 -4.02 16.09 2.80
CA ASP C 120 -3.39 15.10 1.90
C ASP C 120 -2.50 14.15 2.70
N HIS C 121 -2.85 13.88 3.94
CA HIS C 121 -2.14 12.89 4.78
C HIS C 121 -2.34 11.51 4.17
N ARG C 122 -1.30 10.70 4.18
CA ARG C 122 -1.39 9.34 3.59
C ARG C 122 -1.56 8.28 4.67
N GLY C 123 -1.65 8.62 5.93
CA GLY C 123 -1.72 7.63 7.03
C GLY C 123 -0.34 7.16 7.51
N PHE C 124 0.73 7.88 7.13
CA PHE C 124 2.14 7.55 7.43
C PHE C 124 2.85 8.77 8.03
N SER C 125 3.71 8.49 8.99
CA SER C 125 4.55 9.45 9.75
C SER C 125 5.72 9.89 8.91
N ASN C 126 6.29 11.01 9.33
CA ASN C 126 7.49 11.62 8.70
C ASN C 126 8.59 10.55 8.67
N SER C 127 8.73 9.79 9.74
CA SER C 127 9.76 8.70 9.82
CA SER C 127 9.74 8.70 9.83
C SER C 127 9.62 7.75 8.61
N TYR C 128 8.39 7.29 8.34
CA TYR C 128 8.15 6.30 7.27
C TYR C 128 8.47 6.89 5.89
N LEU C 129 7.97 8.09 5.57
CA LEU C 129 8.30 8.78 4.30
C LEU C 129 9.83 8.84 4.19
N GLN C 130 10.50 9.10 5.31
CA GLN C 130 11.96 9.33 5.29
C GLN C 130 12.64 7.99 5.00
N LYS C 131 12.27 6.93 5.70
CA LYS C 131 12.85 5.58 5.50
C LYS C 131 12.48 5.03 4.12
N PHE C 132 11.28 5.32 3.63
CA PHE C 132 10.78 4.86 2.31
C PHE C 132 11.55 5.59 1.22
N ASP C 133 12.00 6.83 1.52
CA ASP C 133 12.67 7.74 0.56
C ASP C 133 11.61 8.29 -0.39
N HIS C 134 10.47 8.68 0.18
CA HIS C 134 9.39 9.32 -0.59
C HIS C 134 9.92 10.66 -1.10
N PRO C 135 9.54 11.07 -2.32
CA PRO C 135 9.98 12.35 -2.87
C PRO C 135 9.77 13.57 -1.95
N LEU C 136 8.62 13.62 -1.26
CA LEU C 136 8.30 14.67 -0.26
C LEU C 136 9.45 14.81 0.75
N ALA C 137 10.10 13.74 1.13
CA ALA C 137 11.20 13.76 2.13
C ALA C 137 12.46 14.41 1.59
N ALA C 138 12.64 14.45 0.26
CA ALA C 138 13.77 15.14 -0.44
C ALA C 138 13.42 16.62 -0.55
N LEU C 139 12.17 16.93 -0.83
CA LEU C 139 11.68 18.35 -0.89
C LEU C 139 11.61 18.98 0.51
N TYR C 140 11.15 18.24 1.52
CA TYR C 140 10.99 18.73 2.92
C TYR C 140 11.72 17.80 3.88
N SER C 141 12.94 18.20 4.22
CA SER C 141 13.89 17.33 4.96
CA SER C 141 13.92 17.38 4.99
C SER C 141 13.44 17.17 6.42
N THR C 142 12.73 18.14 7.00
CA THR C 142 12.14 17.96 8.37
C THR C 142 10.71 18.43 8.31
N SER C 143 9.93 18.14 9.36
CA SER C 143 8.46 18.35 9.37
C SER C 143 7.89 18.08 7.97
N THR C 144 8.38 17.01 7.34
CA THR C 144 8.03 16.64 5.94
C THR C 144 6.53 16.84 5.66
N MET C 145 5.66 16.10 6.36
CA MET C 145 4.22 16.09 5.99
C MET C 145 3.63 17.48 6.26
N GLU C 146 4.09 18.10 7.35
CA GLU C 146 3.57 19.41 7.82
C GLU C 146 3.95 20.48 6.79
N GLN C 147 5.15 20.47 6.25
CA GLN C 147 5.45 21.40 5.11
C GLN C 147 4.52 21.09 3.91
N HIS C 148 4.22 19.81 3.64
CA HIS C 148 3.28 19.45 2.55
C HIS C 148 1.89 20.03 2.82
N HIS C 149 1.40 19.92 4.06
CA HIS C 149 0.02 20.32 4.45
C HIS C 149 -0.12 21.80 4.14
N PHE C 150 0.89 22.57 4.56
CA PHE C 150 0.88 24.02 4.36
C PHE C 150 0.91 24.30 2.85
N SER C 151 1.82 23.64 2.16
CA SER C 151 1.95 23.78 0.69
C SER C 151 0.60 23.45 0.02
N GLN C 152 -0.12 22.45 0.50
CA GLN C 152 -1.40 22.04 -0.12
C GLN C 152 -2.45 23.09 0.23
N THR C 153 -2.30 23.70 1.40
CA THR C 153 -3.21 24.77 1.84
C THR C 153 -3.15 25.96 0.88
N VAL C 154 -1.94 26.41 0.58
CA VAL C 154 -1.65 27.55 -0.37
C VAL C 154 -2.19 27.20 -1.78
N SER C 155 -1.95 25.98 -2.26
CA SER C 155 -2.44 25.49 -3.58
C SER C 155 -3.94 25.68 -3.74
N ILE C 156 -4.70 25.31 -2.71
CA ILE C 156 -6.18 25.40 -2.69
C ILE C 156 -6.58 26.87 -2.65
N LEU C 157 -5.91 27.68 -1.83
CA LEU C 157 -6.21 29.14 -1.81
C LEU C 157 -5.97 29.80 -3.15
N GLN C 158 -5.05 29.26 -3.95
CA GLN C 158 -4.66 29.84 -5.27
C GLN C 158 -5.54 29.31 -6.39
N LEU C 159 -6.52 28.46 -6.09
CA LEU C 159 -7.52 27.97 -7.06
C LEU C 159 -8.52 29.10 -7.31
N GLU C 160 -9.00 29.20 -8.54
CA GLU C 160 -9.98 30.24 -8.91
C GLU C 160 -11.22 30.10 -8.01
N GLY C 161 -11.68 31.23 -7.45
CA GLY C 161 -12.82 31.32 -6.54
C GLY C 161 -12.55 30.80 -5.13
N HIS C 162 -11.30 30.48 -4.75
CA HIS C 162 -11.02 29.84 -3.43
C HIS C 162 -10.32 30.81 -2.49
N ASN C 163 -9.98 32.02 -2.92
CA ASN C 163 -9.15 32.88 -2.05
C ASN C 163 -10.07 33.56 -1.07
N ILE C 164 -10.35 32.86 0.02
CA ILE C 164 -11.13 33.38 1.16
C ILE C 164 -10.47 34.61 1.79
N PHE C 165 -9.19 34.89 1.53
CA PHE C 165 -8.44 36.02 2.16
C PHE C 165 -8.31 37.20 1.18
N SER C 166 -9.18 37.27 0.16
CA SER C 166 -8.98 38.10 -1.07
C SER C 166 -9.10 39.57 -0.68
N THR C 167 -9.94 39.88 0.30
CA THR C 167 -10.23 41.24 0.77
C THR C 167 -9.15 41.75 1.74
N LEU C 168 -8.15 40.97 2.13
CA LEU C 168 -7.16 41.43 3.13
C LEU C 168 -6.20 42.35 2.39
N SER C 169 -5.63 43.35 3.07
CA SER C 169 -4.44 44.13 2.60
C SER C 169 -3.29 43.16 2.31
N SER C 170 -2.36 43.50 1.43
CA SER C 170 -1.22 42.60 1.08
C SER C 170 -0.48 42.20 2.37
N SER C 171 -0.40 43.14 3.27
CA SER C 171 0.29 42.99 4.58
C SER C 171 -0.38 41.91 5.41
N GLU C 172 -1.69 42.08 5.62
CA GLU C 172 -2.55 41.19 6.41
C GLU C 172 -2.45 39.79 5.82
N TYR C 173 -2.40 39.72 4.50
CA TYR C 173 -2.47 38.48 3.72
C TYR C 173 -1.19 37.74 4.01
N GLU C 174 -0.07 38.44 3.98
CA GLU C 174 1.22 37.77 4.23
C GLU C 174 1.20 37.34 5.72
N GLN C 175 0.58 38.13 6.57
CA GLN C 175 0.54 37.86 8.03
C GLN C 175 -0.21 36.56 8.32
N VAL C 176 -1.39 36.39 7.72
CA VAL C 176 -2.35 35.32 8.08
C VAL C 176 -1.77 34.04 7.48
N LEU C 177 -1.11 34.14 6.32
CA LEU C 177 -0.38 32.99 5.73
C LEU C 177 0.75 32.55 6.67
N GLU C 178 1.41 33.48 7.31
CA GLU C 178 2.51 33.17 8.24
C GLU C 178 1.97 32.53 9.54
N ILE C 179 0.80 32.97 9.98
CA ILE C 179 0.13 32.43 11.17
C ILE C 179 -0.23 30.98 10.86
N ILE C 180 -0.76 30.75 9.66
CA ILE C 180 -1.23 29.43 9.20
C ILE C 180 -0.02 28.51 9.04
N ARG C 181 1.06 29.01 8.44
CA ARG C 181 2.29 28.20 8.23
C ARG C 181 2.80 27.71 9.58
N LYS C 182 3.10 28.63 10.45
CA LYS C 182 3.67 28.29 11.79
C LYS C 182 2.73 27.35 12.54
N ALA C 183 1.43 27.61 12.52
CA ALA C 183 0.43 26.81 13.23
C ALA C 183 0.49 25.36 12.73
N ILE C 184 0.61 25.18 11.42
CA ILE C 184 0.58 23.83 10.80
C ILE C 184 1.92 23.11 11.02
N ILE C 185 3.01 23.83 10.93
CA ILE C 185 4.36 23.23 11.24
C ILE C 185 4.35 22.79 12.71
N ALA C 186 3.68 23.52 13.61
CA ALA C 186 3.69 23.25 15.07
C ALA C 186 3.02 21.89 15.35
N THR C 187 2.16 21.40 14.42
CA THR C 187 1.51 20.09 14.55
C THR C 187 2.49 18.94 14.36
N ASP C 188 3.74 19.25 14.05
CA ASP C 188 4.80 18.22 14.05
C ASP C 188 5.13 17.91 15.50
N LEU C 189 4.69 16.76 15.97
CA LEU C 189 4.85 16.47 17.40
C LEU C 189 6.34 16.49 17.75
N ALA C 190 7.25 16.22 16.82
CA ALA C 190 8.69 16.21 17.12
C ALA C 190 9.07 17.62 17.62
N LEU C 191 8.30 18.66 17.28
CA LEU C 191 8.66 20.05 17.65
C LEU C 191 7.94 20.42 18.96
N TYR C 192 6.85 19.74 19.27
CA TYR C 192 6.04 20.04 20.46
C TYR C 192 6.97 20.02 21.69
N PHE C 193 7.91 19.08 21.79
CA PHE C 193 8.64 18.83 23.07
C PHE C 193 9.45 20.06 23.50
N GLY C 194 10.32 20.50 22.57
CA GLY C 194 11.09 21.77 22.62
C GLY C 194 10.18 22.98 22.83
N ASN C 195 9.06 23.06 22.11
CA ASN C 195 8.17 24.22 22.21
C ASN C 195 7.66 24.29 23.65
N ARG C 196 7.16 23.18 24.15
CA ARG C 196 6.44 23.14 25.42
C ARG C 196 7.44 23.50 26.54
N LYS C 197 8.64 22.91 26.46
CA LYS C 197 9.69 23.10 27.50
C LYS C 197 10.03 24.60 27.54
N GLN C 198 10.29 25.21 26.39
CA GLN C 198 10.50 26.67 26.30
C GLN C 198 9.31 27.40 26.88
N LEU C 199 8.09 27.05 26.49
CA LEU C 199 6.94 27.84 26.95
C LEU C 199 6.82 27.73 28.47
N GLU C 200 7.08 26.54 29.01
CA GLU C 200 6.97 26.25 30.45
C GLU C 200 7.97 27.15 31.20
N GLU C 201 9.19 27.22 30.72
CA GLU C 201 10.26 28.06 31.30
C GLU C 201 9.81 29.53 31.26
N MET C 202 9.28 29.99 30.15
CA MET C 202 8.84 31.41 30.04
C MET C 202 7.74 31.69 31.05
N TYR C 203 6.82 30.76 31.18
CA TYR C 203 5.65 30.91 32.06
C TYR C 203 6.10 30.99 33.52
N GLN C 204 6.98 30.08 33.92
CA GLN C 204 7.42 29.86 35.31
C GLN C 204 8.30 31.04 35.74
N THR C 205 9.08 31.61 34.83
CA THR C 205 9.99 32.74 35.11
C THR C 205 9.23 34.05 35.00
N GLY C 206 7.98 34.01 34.59
CA GLY C 206 7.18 35.23 34.40
C GLY C 206 7.71 36.09 33.25
N SER C 207 8.60 35.57 32.38
CA SER C 207 9.07 36.24 31.14
C SER C 207 8.05 36.10 29.96
N LEU C 208 6.98 35.32 30.10
CA LEU C 208 5.96 35.14 29.03
C LEU C 208 5.25 36.46 28.73
N ASN C 209 5.24 36.87 27.46
CA ASN C 209 4.72 38.19 27.05
C ASN C 209 3.98 38.03 25.73
N LEU C 210 2.66 38.18 25.76
CA LEU C 210 1.80 38.01 24.56
C LEU C 210 1.94 39.19 23.60
N ASN C 211 2.68 40.25 23.94
CA ASN C 211 2.95 41.38 23.00
C ASN C 211 4.22 41.08 22.22
N ASN C 212 4.95 40.05 22.61
CA ASN C 212 6.11 39.54 21.87
C ASN C 212 5.63 38.49 20.85
N GLN C 213 5.86 38.74 19.56
CA GLN C 213 5.31 37.92 18.46
C GLN C 213 5.85 36.48 18.57
N SER C 214 7.14 36.29 18.83
CA SER C 214 7.78 34.96 19.00
C SER C 214 7.15 34.16 20.18
N HIS C 215 6.83 34.81 21.29
CA HIS C 215 6.08 34.17 22.40
C HIS C 215 4.66 33.78 21.94
N ARG C 216 3.97 34.67 21.25
CA ARG C 216 2.59 34.40 20.81
C ARG C 216 2.65 33.18 19.90
N ASP C 217 3.68 33.12 19.03
CA ASP C 217 3.92 32.02 18.07
C ASP C 217 4.03 30.69 18.84
N ARG C 218 4.75 30.69 19.93
CA ARG C 218 4.92 29.47 20.75
C ARG C 218 3.61 29.07 21.40
N VAL C 219 2.81 30.03 21.91
CA VAL C 219 1.51 29.72 22.55
C VAL C 219 0.55 29.12 21.49
N ILE C 220 0.47 29.73 20.31
CA ILE C 220 -0.34 29.18 19.19
C ILE C 220 0.17 27.76 18.89
N GLY C 221 1.48 27.52 18.89
CA GLY C 221 2.02 26.19 18.62
C GLY C 221 1.45 25.19 19.61
N LEU C 222 1.49 25.53 20.90
CA LEU C 222 0.95 24.65 21.94
C LEU C 222 -0.55 24.49 21.76
N MET C 223 -1.28 25.57 21.49
CA MET C 223 -2.74 25.45 21.18
C MET C 223 -2.93 24.43 20.03
N MET C 224 -2.10 24.46 19.00
CA MET C 224 -2.23 23.52 17.85
C MET C 224 -2.01 22.07 18.30
N THR C 225 -0.97 21.78 19.08
CA THR C 225 -0.75 20.42 19.60
C THR C 225 -1.98 20.00 20.44
N ALA C 226 -2.48 20.90 21.28
CA ALA C 226 -3.58 20.58 22.22
C ALA C 226 -4.79 20.17 21.37
N CYS C 227 -5.06 20.94 20.32
CA CYS C 227 -6.22 20.67 19.41
C CYS C 227 -5.99 19.36 18.64
N ASP C 228 -4.76 19.09 18.22
CA ASP C 228 -4.38 17.89 17.45
C ASP C 228 -4.60 16.64 18.31
N LEU C 229 -4.28 16.72 19.60
CA LEU C 229 -4.37 15.56 20.51
C LEU C 229 -5.75 15.48 21.12
N CYS C 230 -6.71 16.31 20.71
CA CYS C 230 -7.94 16.52 21.51
C CYS C 230 -8.82 15.25 21.57
N SER C 231 -8.48 14.18 20.86
CA SER C 231 -9.17 12.86 21.00
C SER C 231 -9.06 12.33 22.41
N VAL C 232 -8.02 12.74 23.15
CA VAL C 232 -7.76 12.24 24.53
C VAL C 232 -8.60 13.03 25.52
N THR C 233 -9.45 13.97 25.06
CA THR C 233 -10.20 14.88 25.96
C THR C 233 -11.70 14.67 25.79
N LYS C 234 -12.08 13.64 25.03
CA LYS C 234 -13.49 13.35 24.72
C LYS C 234 -14.02 12.39 25.80
N LEU C 235 -15.31 12.19 25.82
CA LEU C 235 -15.95 11.11 26.61
C LEU C 235 -15.27 9.81 26.28
N TRP C 236 -15.17 8.96 27.30
CA TRP C 236 -14.36 7.72 27.21
C TRP C 236 -14.67 6.89 25.95
N PRO C 237 -15.95 6.66 25.60
CA PRO C 237 -16.27 5.86 24.41
C PRO C 237 -15.75 6.53 23.14
N VAL C 238 -15.72 7.87 23.07
CA VAL C 238 -15.15 8.56 21.88
C VAL C 238 -13.64 8.27 21.84
N THR C 239 -12.98 8.44 22.98
CA THR C 239 -11.52 8.39 23.13
C THR C 239 -11.06 6.96 22.78
N LYS C 240 -11.76 5.98 23.33
CA LYS C 240 -11.40 4.56 23.09
C LYS C 240 -11.61 4.17 21.61
N LEU C 241 -12.75 4.52 21.02
CA LEU C 241 -12.99 4.24 19.57
C LEU C 241 -11.99 5.03 18.71
N THR C 242 -11.64 6.26 19.06
CA THR C 242 -10.66 7.01 18.25
C THR C 242 -9.28 6.33 18.34
N ALA C 243 -8.93 5.73 19.49
CA ALA C 243 -7.60 5.12 19.65
C ALA C 243 -7.48 3.93 18.69
N ASN C 244 -8.56 3.17 18.50
CA ASN C 244 -8.63 2.09 17.47
C ASN C 244 -8.28 2.61 16.08
N ASP C 245 -8.82 3.77 15.69
CA ASP C 245 -8.56 4.34 14.36
C ASP C 245 -7.09 4.70 14.22
N ILE C 246 -6.46 5.29 15.26
CA ILE C 246 -5.04 5.72 15.17
C ILE C 246 -4.08 4.53 15.12
N TYR C 247 -4.37 3.50 15.87
CA TYR C 247 -3.56 2.27 15.84
C TYR C 247 -3.77 1.55 14.50
N ALA C 248 -4.94 1.64 13.88
CA ALA C 248 -5.12 1.01 12.56
C ALA C 248 -4.04 1.61 11.67
N GLU C 249 -3.87 2.93 11.70
CA GLU C 249 -2.81 3.60 10.91
C GLU C 249 -1.42 3.20 11.39
N PHE C 250 -1.19 3.25 12.69
CA PHE C 250 0.14 2.93 13.20
C PHE C 250 0.54 1.52 12.74
N TRP C 251 -0.38 0.56 12.84
CA TRP C 251 -0.01 -0.85 12.61
C TRP C 251 0.20 -1.04 11.09
N ALA C 252 -0.59 -0.39 10.24
CA ALA C 252 -0.33 -0.38 8.78
C ALA C 252 1.07 0.16 8.52
N GLU C 253 1.48 1.22 9.22
CA GLU C 253 2.83 1.81 9.02
C GLU C 253 3.88 0.80 9.48
N GLY C 254 3.66 0.18 10.64
CA GLY C 254 4.54 -0.92 11.14
C GLY C 254 4.71 -2.05 10.12
N ASP C 255 3.60 -2.49 9.52
CA ASP C 255 3.58 -3.46 8.41
C ASP C 255 4.50 -2.97 7.32
N GLU C 256 4.41 -1.69 6.98
CA GLU C 256 5.19 -1.16 5.84
C GLU C 256 6.66 -1.11 6.26
N MET C 257 6.94 -0.82 7.53
CA MET C 257 8.35 -0.77 7.99
C MET C 257 8.94 -2.18 7.81
N LYS C 258 8.20 -3.21 8.20
CA LYS C 258 8.63 -4.62 8.14
C LYS C 258 8.87 -5.02 6.69
N LYS C 259 8.06 -4.53 5.77
CA LYS C 259 8.26 -4.77 4.32
C LYS C 259 9.57 -4.14 3.84
N LEU C 260 10.02 -3.04 4.44
CA LEU C 260 11.28 -2.35 4.09
C LEU C 260 12.48 -3.04 4.75
N GLY C 261 12.26 -3.97 5.69
CA GLY C 261 13.34 -4.70 6.38
C GLY C 261 13.71 -4.08 7.72
N ILE C 262 12.85 -3.25 8.28
CA ILE C 262 13.05 -2.56 9.57
C ILE C 262 12.00 -3.05 10.57
N GLN C 263 12.40 -3.43 11.78
CA GLN C 263 11.44 -3.81 12.86
C GLN C 263 10.82 -2.49 13.29
N PRO C 264 9.49 -2.28 13.32
CA PRO C 264 9.00 -0.97 13.76
C PRO C 264 9.20 -0.78 15.28
N ILE C 265 9.06 0.45 15.73
CA ILE C 265 8.83 0.72 17.17
C ILE C 265 7.57 -0.02 17.61
N PRO C 266 7.52 -0.46 18.88
CA PRO C 266 6.38 -1.23 19.40
C PRO C 266 4.99 -0.59 19.14
N MET C 267 4.96 0.74 19.16
CA MET C 267 3.67 1.49 19.00
C MET C 267 3.04 1.15 17.63
N MET C 268 3.85 0.73 16.65
CA MET C 268 3.44 0.45 15.25
C MET C 268 3.53 -1.05 14.95
N ASP C 269 3.71 -1.87 15.97
CA ASP C 269 3.74 -3.34 15.78
C ASP C 269 2.40 -3.94 16.16
N ARG C 270 1.68 -4.52 15.22
CA ARG C 270 0.34 -5.09 15.54
C ARG C 270 0.53 -6.32 16.42
N ASP C 271 1.72 -6.91 16.43
CA ASP C 271 2.05 -8.08 17.29
C ASP C 271 2.08 -7.63 18.74
N LYS C 272 2.26 -6.34 19.02
CA LYS C 272 2.34 -5.82 20.41
C LYS C 272 1.07 -5.05 20.77
N LYS C 273 -0.05 -5.43 20.15
CA LYS C 273 -1.44 -4.98 20.42
C LYS C 273 -1.81 -4.99 21.92
N ASP C 274 -1.21 -5.89 22.69
CA ASP C 274 -1.57 -6.25 24.09
C ASP C 274 -1.02 -5.15 25.00
N GLU C 275 0.07 -4.50 24.56
CA GLU C 275 0.79 -3.40 25.24
C GLU C 275 0.10 -2.05 24.99
N VAL C 276 -1.11 -2.03 24.43
CA VAL C 276 -1.75 -0.76 23.98
C VAL C 276 -2.15 0.01 25.22
N PRO C 277 -2.85 -0.59 26.21
CA PRO C 277 -3.22 0.15 27.41
C PRO C 277 -2.01 0.78 28.08
N GLN C 278 -0.90 0.08 28.15
CA GLN C 278 0.33 0.58 28.84
C GLN C 278 0.91 1.70 27.98
N GLY C 279 0.72 1.58 26.68
CA GLY C 279 1.30 2.49 25.69
C GLY C 279 0.60 3.82 25.77
N GLN C 280 -0.72 3.79 25.84
CA GLN C 280 -1.57 4.97 26.11
C GLN C 280 -1.17 5.63 27.46
N LEU C 281 -0.90 4.86 28.53
CA LEU C 281 -0.45 5.44 29.82
C LEU C 281 0.79 6.29 29.57
N GLY C 282 1.80 5.65 28.99
CA GLY C 282 3.05 6.31 28.64
C GLY C 282 2.79 7.55 27.80
N PHE C 283 1.79 7.51 26.91
CA PHE C 283 1.48 8.61 25.98
C PHE C 283 0.87 9.78 26.77
N TYR C 284 -0.11 9.45 27.60
CA TYR C 284 -0.75 10.48 28.45
C TYR C 284 0.29 11.11 29.40
N ASN C 285 1.14 10.30 30.03
CA ASN C 285 2.10 10.80 31.06
C ASN C 285 3.16 11.70 30.42
N ALA C 286 3.70 11.30 29.27
CA ALA C 286 4.89 11.94 28.65
C ALA C 286 4.48 13.01 27.64
N VAL C 287 3.25 13.01 27.14
CA VAL C 287 2.88 13.93 26.02
C VAL C 287 1.62 14.69 26.40
N ALA C 288 0.49 13.99 26.49
CA ALA C 288 -0.82 14.64 26.56
C ALA C 288 -0.94 15.46 27.86
N ILE C 289 -0.63 14.85 29.02
CA ILE C 289 -0.84 15.53 30.35
C ILE C 289 0.03 16.78 30.41
N PRO C 290 1.34 16.73 30.12
CA PRO C 290 2.14 17.94 30.16
C PRO C 290 1.61 19.00 29.18
N CYS C 291 1.08 18.56 28.03
CA CYS C 291 0.64 19.50 27.00
C CYS C 291 -0.54 20.31 27.52
N TYR C 292 -1.58 19.65 28.00
CA TYR C 292 -2.78 20.30 28.58
C TYR C 292 -2.45 21.01 29.89
N THR C 293 -1.39 20.57 30.58
CA THR C 293 -0.99 21.19 31.88
C THR C 293 -0.41 22.60 31.61
N THR C 294 0.60 22.70 30.75
CA THR C 294 1.19 23.99 30.30
C THR C 294 0.12 24.88 29.67
N LEU C 295 -0.81 24.30 28.91
CA LEU C 295 -1.81 25.13 28.20
C LEU C 295 -2.77 25.77 29.23
N THR C 296 -3.23 24.98 30.18
CA THR C 296 -4.09 25.46 31.28
C THR C 296 -3.37 26.55 32.10
N GLN C 297 -2.08 26.43 32.40
CA GLN C 297 -1.36 27.51 33.14
C GLN C 297 -1.41 28.81 32.33
N ILE C 298 -1.14 28.75 31.02
CA ILE C 298 -1.13 29.98 30.18
C ILE C 298 -2.58 30.43 29.89
N LEU C 299 -3.49 29.49 29.66
CA LEU C 299 -4.90 29.80 29.32
C LEU C 299 -5.79 28.98 30.26
N PRO C 300 -6.05 29.50 31.49
CA PRO C 300 -6.82 28.78 32.49
C PRO C 300 -8.18 28.30 32.02
N PRO C 301 -8.98 29.05 31.22
CA PRO C 301 -10.26 28.54 30.71
C PRO C 301 -10.16 27.27 29.85
N THR C 302 -8.95 26.76 29.56
CA THR C 302 -8.77 25.51 28.78
C THR C 302 -8.68 24.36 29.74
N GLU C 303 -8.91 24.63 31.01
CA GLU C 303 -8.85 23.60 32.08
C GLU C 303 -9.66 22.34 31.80
N PRO C 304 -10.92 22.40 31.31
CA PRO C 304 -11.68 21.18 30.96
C PRO C 304 -10.92 20.16 30.05
N LEU C 305 -10.04 20.61 29.15
CA LEU C 305 -9.20 19.67 28.37
C LEU C 305 -8.31 18.89 29.30
N LEU C 306 -7.66 19.58 30.24
CA LEU C 306 -6.70 18.90 31.17
C LEU C 306 -7.45 17.84 31.99
N LYS C 307 -8.62 18.24 32.50
CA LYS C 307 -9.47 17.45 33.41
C LYS C 307 -9.98 16.21 32.63
N ALA C 308 -10.35 16.40 31.37
CA ALA C 308 -10.92 15.32 30.55
C ALA C 308 -9.79 14.35 30.21
N CYS C 309 -8.61 14.90 29.96
CA CYS C 309 -7.40 14.05 29.72
C CYS C 309 -7.08 13.16 30.94
N ARG C 310 -7.06 13.74 32.14
CA ARG C 310 -6.81 12.96 33.40
CA ARG C 310 -6.88 13.01 33.44
C ARG C 310 -7.92 11.90 33.61
N ASP C 311 -9.18 12.21 33.38
CA ASP C 311 -10.25 11.19 33.48
C ASP C 311 -10.00 10.01 32.55
N ASN C 312 -9.60 10.26 31.30
CA ASN C 312 -9.29 9.19 30.33
C ASN C 312 -8.02 8.45 30.76
N LEU C 313 -7.02 9.15 31.29
CA LEU C 313 -5.80 8.49 31.83
C LEU C 313 -6.23 7.44 32.88
N SER C 314 -7.14 7.83 33.77
CA SER C 314 -7.69 6.95 34.83
C SER C 314 -8.53 5.82 34.20
N GLN C 315 -9.24 6.06 33.09
CA GLN C 315 -9.94 4.95 32.38
C GLN C 315 -8.94 3.94 31.81
N TRP C 316 -7.81 4.37 31.29
CA TRP C 316 -6.80 3.45 30.70
C TRP C 316 -6.17 2.64 31.85
N GLU C 317 -5.96 3.26 32.99
CA GLU C 317 -5.48 2.60 34.23
C GLU C 317 -6.45 1.44 34.58
N LYS C 318 -7.74 1.72 34.65
CA LYS C 318 -8.74 0.67 34.90
C LYS C 318 -8.65 -0.44 33.86
N VAL C 319 -8.51 -0.14 32.56
CA VAL C 319 -8.29 -1.18 31.50
C VAL C 319 -7.03 -1.99 31.84
N ILE C 320 -5.90 -1.37 32.18
CA ILE C 320 -4.59 -2.05 32.46
C ILE C 320 -4.78 -3.04 33.62
N ARG C 321 -5.67 -2.69 34.56
CA ARG C 321 -5.92 -3.49 35.77
C ARG C 321 -7.00 -4.56 35.47
N GLY C 322 -7.19 -4.94 34.21
CA GLY C 322 -8.22 -5.91 33.81
C GLY C 322 -9.60 -5.57 34.39
N GLU C 323 -9.81 -4.34 34.89
CA GLU C 323 -11.11 -3.89 35.45
C GLU C 323 -12.06 -3.57 34.28
N LEU D 13 51.11 23.68 5.40
CA LEU D 13 50.90 24.63 4.24
C LEU D 13 51.07 23.88 2.92
N MET D 14 51.27 22.57 2.95
CA MET D 14 51.81 21.81 1.81
C MET D 14 50.81 20.71 1.43
N GLN D 15 49.94 21.03 0.48
CA GLN D 15 48.84 20.13 0.07
C GLN D 15 49.22 19.51 -1.26
N PHE D 16 48.63 18.36 -1.56
CA PHE D 16 48.77 17.69 -2.87
C PHE D 16 47.65 18.17 -3.77
N THR D 17 47.96 18.30 -5.05
CA THR D 17 46.97 18.67 -6.09
C THR D 17 47.20 17.78 -7.32
N LEU D 18 46.11 17.35 -7.92
CA LEU D 18 46.20 16.61 -9.19
C LEU D 18 46.01 17.62 -10.30
N PRO D 19 46.40 17.31 -11.55
CA PRO D 19 45.90 18.03 -12.70
C PRO D 19 44.36 17.96 -12.69
N VAL D 20 43.69 18.91 -13.34
CA VAL D 20 42.21 19.11 -13.25
C VAL D 20 41.47 17.81 -13.64
N ARG D 21 41.80 17.21 -14.78
CA ARG D 21 41.04 16.00 -15.20
C ARG D 21 41.12 14.98 -14.06
N LEU D 22 42.28 14.79 -13.41
CA LEU D 22 42.42 13.75 -12.36
C LEU D 22 41.70 14.21 -11.09
N CYS D 23 41.85 15.49 -10.81
CA CYS D 23 41.25 16.17 -9.63
C CYS D 23 39.73 15.97 -9.70
N LYS D 24 39.13 16.18 -10.87
CA LYS D 24 37.69 15.92 -11.09
C LYS D 24 37.40 14.41 -11.10
N GLU D 25 38.25 13.57 -11.69
CA GLU D 25 37.78 12.22 -12.13
C GLU D 25 38.05 11.16 -11.06
N ILE D 26 38.96 11.46 -10.14
CA ILE D 26 39.37 10.59 -8.99
C ILE D 26 38.19 10.41 -8.04
N GLU D 27 37.21 11.30 -8.10
CA GLU D 27 36.00 11.19 -7.25
C GLU D 27 35.08 10.11 -7.78
N LEU D 28 35.12 9.82 -9.09
CA LEU D 28 34.31 8.73 -9.70
C LEU D 28 34.84 7.33 -9.27
N PHE D 29 33.96 6.41 -8.91
CA PHE D 29 34.31 5.00 -8.64
C PHE D 29 35.11 4.39 -9.81
N HIS D 30 34.80 4.72 -11.06
CA HIS D 30 35.36 4.03 -12.26
C HIS D 30 36.71 4.67 -12.68
N PHE D 31 37.21 5.64 -11.93
CA PHE D 31 38.55 6.23 -12.20
C PHE D 31 39.64 5.14 -12.40
N ASP D 32 40.48 5.38 -13.41
CA ASP D 32 41.71 4.59 -13.70
C ASP D 32 42.89 5.49 -13.35
N ILE D 33 43.84 5.00 -12.55
CA ILE D 33 45.00 5.80 -12.00
C ILE D 33 46.00 6.08 -13.15
N GLY D 34 45.87 5.39 -14.29
CA GLY D 34 46.64 5.70 -15.52
C GLY D 34 47.92 4.89 -15.57
N PRO D 35 48.70 5.00 -16.66
CA PRO D 35 49.90 4.17 -16.85
C PRO D 35 51.22 4.78 -16.32
N PHE D 36 51.19 6.02 -15.79
CA PHE D 36 52.35 6.74 -15.20
C PHE D 36 52.56 6.30 -13.74
N GLU D 37 53.33 5.24 -13.58
CA GLU D 37 53.87 4.65 -12.33
C GLU D 37 54.24 5.75 -11.32
N ASN D 38 54.85 6.83 -11.77
CA ASN D 38 55.43 7.85 -10.86
C ASN D 38 54.35 8.82 -10.38
N MET D 39 53.17 8.81 -10.96
CA MET D 39 52.04 9.62 -10.44
C MET D 39 51.31 8.88 -9.31
N TRP D 40 51.52 7.57 -9.17
CA TRP D 40 50.70 6.74 -8.24
C TRP D 40 50.95 7.16 -6.80
N PRO D 41 52.19 7.36 -6.33
CA PRO D 41 52.39 7.74 -4.93
C PRO D 41 51.68 9.07 -4.62
N GLY D 42 51.79 10.06 -5.51
CA GLY D 42 51.15 11.38 -5.30
C GLY D 42 49.64 11.25 -5.23
N ILE D 43 49.09 10.46 -6.14
CA ILE D 43 47.63 10.19 -6.19
C ILE D 43 47.22 9.59 -4.85
N PHE D 44 48.03 8.72 -4.29
CA PHE D 44 47.68 8.03 -3.02
C PHE D 44 47.68 9.04 -1.87
N VAL D 45 48.75 9.82 -1.76
CA VAL D 45 48.85 10.92 -0.77
C VAL D 45 47.62 11.82 -0.87
N TYR D 46 47.29 12.27 -2.08
CA TYR D 46 46.11 13.15 -2.33
C TYR D 46 44.90 12.51 -1.66
N MET D 47 44.74 11.22 -1.92
CA MET D 47 43.53 10.51 -1.46
C MET D 47 43.51 10.49 0.07
N VAL D 48 44.69 10.33 0.71
CA VAL D 48 44.81 10.16 2.18
C VAL D 48 44.47 11.52 2.84
N HIS D 49 44.91 12.62 2.24
CA HIS D 49 44.61 14.03 2.64
C HIS D 49 43.10 14.31 2.61
N ARG D 50 42.47 14.13 1.46
CA ARG D 50 41.02 14.41 1.29
C ARG D 50 40.19 13.36 2.05
N SER D 51 40.79 12.22 2.37
CA SER D 51 40.08 11.03 2.89
C SER D 51 39.97 11.10 4.42
N CYS D 52 41.04 11.55 5.11
CA CYS D 52 41.04 11.62 6.60
C CYS D 52 41.77 12.87 7.13
N GLY D 53 42.54 13.60 6.31
CA GLY D 53 43.03 14.94 6.68
C GLY D 53 44.52 15.10 6.41
N THR D 54 44.94 16.37 6.24
CA THR D 54 46.33 16.79 5.91
C THR D 54 47.27 16.39 7.07
N SER D 55 46.70 16.03 8.21
CA SER D 55 47.36 15.94 9.53
C SER D 55 47.38 14.51 10.05
N CYS D 56 46.55 13.59 9.54
CA CYS D 56 46.50 12.23 10.12
CA CYS D 56 46.47 12.15 9.93
C CYS D 56 47.88 11.55 9.98
N PHE D 57 48.71 11.90 8.99
CA PHE D 57 50.09 11.34 8.90
C PHE D 57 51.07 12.46 8.63
N GLU D 58 52.28 12.27 9.18
CA GLU D 58 53.46 13.11 8.98
C GLU D 58 53.94 12.80 7.55
N LEU D 59 54.03 13.81 6.68
CA LEU D 59 54.24 13.63 5.23
C LEU D 59 55.44 12.72 4.92
N GLU D 60 56.54 12.84 5.65
CA GLU D 60 57.86 12.26 5.26
C GLU D 60 57.87 10.77 5.61
N LYS D 61 57.26 10.38 6.73
CA LYS D 61 57.02 8.97 7.12
C LYS D 61 56.16 8.28 6.06
N LEU D 62 55.06 8.93 5.69
CA LEU D 62 54.09 8.42 4.71
C LEU D 62 54.83 8.21 3.40
N CME D 63 55.50 9.25 2.89
CA CME D 63 56.32 9.17 1.66
CB CME D 63 57.01 10.46 1.24
SG CME D 63 56.04 11.57 0.17
SD CME D 63 55.31 10.41 -1.38
CE CME D 63 56.29 10.81 -2.86
CZ CME D 63 55.65 11.86 -3.74
OH CME D 63 56.62 12.81 -4.14
C CME D 63 57.29 7.97 1.78
O CME D 63 57.28 7.12 0.88
N ARG D 64 58.05 7.85 2.86
CA ARG D 64 59.01 6.72 2.91
C ARG D 64 58.24 5.38 3.09
N PHE D 65 57.13 5.32 3.84
CA PHE D 65 56.25 4.11 3.92
C PHE D 65 55.80 3.65 2.50
N ILE D 66 55.19 4.55 1.74
CA ILE D 66 54.70 4.30 0.36
C ILE D 66 55.82 3.69 -0.51
N MET D 67 57.02 4.22 -0.39
CA MET D 67 58.16 3.85 -1.28
C MET D 67 58.70 2.47 -0.92
N SER D 68 58.70 2.14 0.37
CA SER D 68 59.08 0.79 0.86
C SER D 68 57.95 -0.19 0.55
N VAL D 69 56.68 0.22 0.65
CA VAL D 69 55.55 -0.62 0.20
C VAL D 69 55.74 -0.96 -1.28
N LYS D 70 55.90 0.06 -2.11
CA LYS D 70 56.04 -0.11 -3.58
C LYS D 70 57.16 -1.12 -3.86
N LYS D 71 58.26 -0.97 -3.12
CA LYS D 71 59.51 -1.69 -3.44
C LYS D 71 59.28 -3.18 -3.08
N ASN D 72 58.29 -3.51 -2.24
CA ASN D 72 58.00 -4.90 -1.80
C ASN D 72 56.82 -5.51 -2.57
N TYR D 73 56.32 -4.83 -3.61
CA TYR D 73 55.45 -5.43 -4.66
C TYR D 73 56.35 -5.90 -5.81
N ARG D 74 56.02 -7.01 -6.45
CA ARG D 74 56.87 -7.56 -7.51
C ARG D 74 56.28 -7.20 -8.86
N ARG D 75 57.09 -7.36 -9.92
CA ARG D 75 56.75 -6.99 -11.33
C ARG D 75 56.04 -8.21 -11.93
N VAL D 76 54.86 -8.53 -11.39
CA VAL D 76 54.00 -9.65 -11.85
C VAL D 76 52.93 -8.99 -12.68
N PRO D 77 52.25 -9.74 -13.57
CA PRO D 77 51.32 -9.13 -14.52
C PRO D 77 50.10 -8.44 -13.88
N TYR D 78 49.65 -8.91 -12.74
CA TYR D 78 48.38 -8.42 -12.14
C TYR D 78 48.61 -7.94 -10.70
N HIS D 79 49.08 -8.81 -9.82
CA HIS D 79 49.22 -8.57 -8.35
C HIS D 79 50.42 -7.67 -8.06
N ASN D 80 50.33 -6.42 -8.51
CA ASN D 80 51.49 -5.50 -8.55
C ASN D 80 51.10 -4.15 -7.96
N TRP D 81 52.09 -3.25 -7.92
CA TRP D 81 51.94 -1.92 -7.30
C TRP D 81 50.67 -1.25 -7.85
N LYS D 82 50.43 -1.38 -9.15
CA LYS D 82 49.26 -0.72 -9.81
C LYS D 82 47.92 -1.26 -9.25
N HIS D 83 47.82 -2.57 -9.00
CA HIS D 83 46.66 -3.19 -8.34
C HIS D 83 46.52 -2.59 -6.92
N ALA D 84 47.62 -2.44 -6.21
CA ALA D 84 47.65 -1.92 -4.82
C ALA D 84 46.88 -0.61 -4.78
N VAL D 85 47.28 0.34 -5.63
CA VAL D 85 46.80 1.74 -5.61
C VAL D 85 45.39 1.81 -6.20
N THR D 86 45.10 0.97 -7.17
CA THR D 86 43.77 0.88 -7.80
C THR D 86 42.80 0.48 -6.70
N VAL D 87 43.14 -0.55 -5.95
CA VAL D 87 42.29 -1.03 -4.82
C VAL D 87 42.17 0.08 -3.77
N ALA D 88 43.23 0.82 -3.49
CA ALA D 88 43.15 1.96 -2.55
C ALA D 88 42.22 3.05 -3.10
N HIS D 89 42.33 3.41 -4.39
CA HIS D 89 41.38 4.37 -5.02
C HIS D 89 39.90 3.95 -4.84
N CYS D 90 39.52 2.69 -5.08
CA CYS D 90 38.13 2.23 -4.89
C CYS D 90 37.71 2.45 -3.44
N MET D 91 38.58 2.11 -2.49
CA MET D 91 38.26 2.25 -1.07
C MET D 91 38.08 3.74 -0.82
N TYR D 92 38.90 4.57 -1.46
CA TYR D 92 38.83 6.05 -1.31
C TYR D 92 37.41 6.51 -1.67
N ALA D 93 36.96 6.15 -2.89
CA ALA D 93 35.62 6.54 -3.40
C ALA D 93 34.55 6.05 -2.43
N ILE D 94 34.63 4.81 -1.92
CA ILE D 94 33.65 4.26 -0.94
C ILE D 94 33.67 5.15 0.30
N LEU D 95 34.87 5.47 0.84
CA LEU D 95 34.96 6.27 2.09
C LEU D 95 34.40 7.68 1.85
N GLN D 96 34.69 8.31 0.70
CA GLN D 96 34.23 9.70 0.42
C GLN D 96 32.71 9.78 0.27
N ASN D 97 32.04 8.70 -0.13
CA ASN D 97 30.59 8.69 -0.50
C ASN D 97 29.78 8.08 0.65
N ASN D 98 30.46 7.66 1.72
CA ASN D 98 29.87 7.07 2.93
C ASN D 98 30.56 7.71 4.16
N HIS D 99 30.90 9.01 4.07
CA HIS D 99 31.87 9.72 4.95
C HIS D 99 31.40 9.80 6.43
N THR D 100 30.09 9.77 6.71
CA THR D 100 29.52 9.90 8.09
C THR D 100 29.56 8.54 8.80
N LEU D 101 29.76 7.44 8.06
CA LEU D 101 29.61 6.03 8.53
C LEU D 101 30.90 5.54 9.22
N PHE D 102 32.07 6.12 8.92
CA PHE D 102 33.39 5.54 9.31
C PHE D 102 34.10 6.37 10.37
N THR D 103 34.60 5.70 11.41
CA THR D 103 35.51 6.28 12.44
C THR D 103 36.80 6.81 11.80
N ASP D 104 37.59 7.56 12.56
CA ASP D 104 38.82 8.28 12.11
C ASP D 104 39.96 7.26 11.86
N LEU D 105 39.97 6.20 12.67
CA LEU D 105 40.90 5.04 12.63
C LEU D 105 40.59 4.17 11.42
N GLU D 106 39.31 3.89 11.19
CA GLU D 106 38.89 3.13 9.98
C GLU D 106 39.38 3.90 8.75
N ARG D 107 39.23 5.23 8.72
CA ARG D 107 39.63 6.03 7.54
C ARG D 107 41.14 5.81 7.25
N LYS D 108 41.98 6.05 8.26
CA LYS D 108 43.47 5.87 8.23
C LYS D 108 43.80 4.44 7.81
N GLY D 109 43.31 3.48 8.60
CA GLY D 109 43.61 2.05 8.43
C GLY D 109 43.24 1.46 7.08
N LEU D 110 42.17 1.92 6.42
CA LEU D 110 41.56 1.15 5.29
C LEU D 110 42.31 1.41 3.99
N LEU D 111 42.65 2.68 3.73
CA LEU D 111 43.53 3.06 2.63
C LEU D 111 44.88 2.35 2.79
N ILE D 112 45.48 2.39 3.98
CA ILE D 112 46.79 1.71 4.23
C ILE D 112 46.55 0.23 3.96
N ALA D 113 45.46 -0.34 4.48
CA ALA D 113 45.24 -1.78 4.30
C ALA D 113 45.14 -2.09 2.82
N CYS D 114 44.48 -1.22 2.05
CA CYS D 114 44.28 -1.49 0.58
C CYS D 114 45.65 -1.39 -0.12
N LEU D 115 46.47 -0.41 0.25
CA LEU D 115 47.81 -0.24 -0.35
C LEU D 115 48.70 -1.46 -0.09
N CYS D 116 48.45 -2.17 1.02
CA CYS D 116 49.34 -3.22 1.54
C CYS D 116 48.76 -4.60 1.27
N HIS D 117 47.52 -4.70 0.82
CA HIS D 117 46.73 -5.95 0.94
C HIS D 117 47.36 -7.08 0.14
N ASP D 118 48.20 -6.79 -0.86
CA ASP D 118 48.80 -7.88 -1.66
C ASP D 118 50.34 -7.86 -1.57
N LEU D 119 50.91 -7.26 -0.53
CA LEU D 119 52.39 -7.04 -0.43
C LEU D 119 53.13 -8.35 -0.70
N ASP D 120 54.11 -8.31 -1.62
CA ASP D 120 55.06 -9.43 -1.86
C ASP D 120 54.33 -10.60 -2.52
N HIS D 121 53.22 -10.36 -3.21
CA HIS D 121 52.56 -11.40 -4.02
C HIS D 121 53.54 -11.93 -5.09
N ARG D 122 53.53 -13.23 -5.33
CA ARG D 122 54.42 -13.89 -6.32
C ARG D 122 53.62 -14.25 -7.58
N GLY D 123 52.31 -14.00 -7.58
CA GLY D 123 51.46 -14.28 -8.73
C GLY D 123 50.88 -15.68 -8.68
N PHE D 124 50.81 -16.25 -7.50
CA PHE D 124 50.33 -17.64 -7.22
C PHE D 124 49.30 -17.59 -6.09
N SER D 125 48.22 -18.34 -6.27
CA SER D 125 47.13 -18.62 -5.30
C SER D 125 47.69 -19.37 -4.08
N ASN D 126 46.98 -19.25 -2.97
CA ASN D 126 47.13 -20.07 -1.73
C ASN D 126 47.23 -21.57 -2.07
N SER D 127 46.45 -22.05 -3.05
CA SER D 127 46.30 -23.51 -3.32
C SER D 127 47.61 -23.97 -3.96
N TYR D 128 48.20 -23.12 -4.83
CA TYR D 128 49.47 -23.46 -5.52
C TYR D 128 50.58 -23.52 -4.45
N LEU D 129 50.64 -22.56 -3.52
CA LEU D 129 51.69 -22.59 -2.47
C LEU D 129 51.53 -23.92 -1.71
N GLN D 130 50.28 -24.31 -1.47
CA GLN D 130 49.94 -25.51 -0.67
C GLN D 130 50.45 -26.76 -1.41
N LYS D 131 50.20 -26.83 -2.73
CA LYS D 131 50.55 -28.01 -3.54
C LYS D 131 52.05 -28.05 -3.80
N PHE D 132 52.68 -26.87 -3.92
CA PHE D 132 54.15 -26.76 -4.11
C PHE D 132 54.86 -27.17 -2.81
N ASP D 133 54.16 -27.01 -1.69
CA ASP D 133 54.70 -27.26 -0.33
C ASP D 133 55.63 -26.09 -0.02
N HIS D 134 55.16 -24.86 -0.27
CA HIS D 134 55.96 -23.64 -0.08
C HIS D 134 56.03 -23.38 1.42
N PRO D 135 57.20 -22.96 1.94
CA PRO D 135 57.37 -22.71 3.38
C PRO D 135 56.31 -21.78 4.00
N LEU D 136 55.83 -20.77 3.26
CA LEU D 136 54.70 -19.93 3.75
C LEU D 136 53.47 -20.80 4.05
N ALA D 137 53.30 -21.95 3.39
CA ALA D 137 52.12 -22.84 3.62
C ALA D 137 52.28 -23.59 4.95
N ALA D 138 53.51 -23.80 5.40
CA ALA D 138 53.79 -24.42 6.71
C ALA D 138 53.47 -23.40 7.80
N LEU D 139 53.83 -22.16 7.57
CA LEU D 139 53.80 -21.08 8.58
C LEU D 139 52.33 -20.65 8.75
N TYR D 140 51.59 -20.56 7.66
CA TYR D 140 50.19 -20.04 7.61
C TYR D 140 49.36 -21.05 6.83
N SER D 141 48.68 -21.95 7.53
CA SER D 141 47.91 -23.09 6.92
C SER D 141 46.66 -22.59 6.17
N THR D 142 46.11 -21.43 6.54
CA THR D 142 44.89 -20.82 6.01
C THR D 142 45.20 -19.37 5.63
N SER D 143 44.57 -18.88 4.55
CA SER D 143 44.70 -17.50 4.01
C SER D 143 46.20 -17.14 3.94
N THR D 144 46.94 -18.09 3.36
CA THR D 144 48.42 -18.21 3.41
C THR D 144 49.04 -16.88 2.97
N MET D 145 48.75 -16.46 1.73
CA MET D 145 49.38 -15.26 1.15
C MET D 145 48.92 -14.09 2.00
N GLU D 146 47.64 -14.10 2.41
CA GLU D 146 46.99 -12.95 3.10
C GLU D 146 47.65 -12.72 4.48
N GLN D 147 47.94 -13.77 5.24
CA GLN D 147 48.70 -13.64 6.53
C GLN D 147 50.12 -13.12 6.22
N HIS D 148 50.70 -13.53 5.08
CA HIS D 148 52.05 -13.08 4.65
C HIS D 148 51.99 -11.59 4.33
N HIS D 149 50.90 -11.11 3.71
CA HIS D 149 50.81 -9.68 3.29
C HIS D 149 50.78 -8.79 4.55
N PHE D 150 50.01 -9.21 5.55
CA PHE D 150 49.85 -8.47 6.83
C PHE D 150 51.20 -8.45 7.57
N SER D 151 51.91 -9.56 7.51
CA SER D 151 53.25 -9.74 8.11
C SER D 151 54.24 -8.78 7.44
N GLN D 152 54.24 -8.72 6.09
CA GLN D 152 55.02 -7.73 5.31
C GLN D 152 54.63 -6.31 5.72
N THR D 153 53.33 -6.03 5.82
CA THR D 153 52.84 -4.70 6.26
C THR D 153 53.51 -4.28 7.61
N VAL D 154 53.46 -5.14 8.62
CA VAL D 154 54.01 -4.86 9.99
C VAL D 154 55.56 -4.69 9.91
N SER D 155 56.28 -5.56 9.21
CA SER D 155 57.74 -5.41 8.99
C SER D 155 58.08 -4.00 8.50
N ILE D 156 57.30 -3.50 7.53
CA ILE D 156 57.59 -2.19 6.89
C ILE D 156 57.30 -1.09 7.91
N LEU D 157 56.19 -1.16 8.66
CA LEU D 157 55.82 -0.13 9.67
C LEU D 157 56.91 0.01 10.74
N GLN D 158 57.65 -1.07 10.97
CA GLN D 158 58.70 -1.18 12.02
C GLN D 158 60.08 -0.87 11.45
N LEU D 159 60.17 -0.63 10.15
CA LEU D 159 61.37 0.01 9.55
C LEU D 159 61.53 1.38 10.22
N GLU D 160 62.77 1.79 10.44
CA GLU D 160 63.11 3.12 11.00
C GLU D 160 62.51 4.22 10.11
N GLY D 161 61.81 5.19 10.72
CA GLY D 161 61.23 6.36 10.06
C GLY D 161 59.96 6.06 9.27
N HIS D 162 59.39 4.83 9.35
CA HIS D 162 58.22 4.37 8.54
C HIS D 162 56.95 4.27 9.40
N ASN D 163 57.02 4.40 10.73
CA ASN D 163 55.77 4.25 11.54
C ASN D 163 54.91 5.51 11.38
N ILE D 164 53.99 5.44 10.41
CA ILE D 164 52.97 6.48 10.08
C ILE D 164 51.93 6.53 11.22
N PHE D 165 51.85 5.49 12.05
CA PHE D 165 50.94 5.43 13.24
C PHE D 165 51.64 5.83 14.57
N SER D 166 52.83 6.45 14.53
CA SER D 166 53.66 6.93 15.69
C SER D 166 52.91 7.91 16.59
N THR D 167 51.88 8.56 16.09
CA THR D 167 51.14 9.64 16.78
C THR D 167 49.89 9.07 17.47
N LEU D 168 49.63 7.76 17.31
CA LEU D 168 48.43 7.14 17.93
C LEU D 168 48.85 6.65 19.31
N SER D 169 47.99 6.84 20.32
CA SER D 169 48.05 6.12 21.62
C SER D 169 48.34 4.65 21.36
N SER D 170 48.74 3.93 22.40
CA SER D 170 49.07 2.48 22.36
C SER D 170 47.82 1.65 21.98
N SER D 171 46.64 2.19 22.32
CA SER D 171 45.32 1.53 22.17
C SER D 171 44.74 1.82 20.79
N GLU D 172 44.79 3.10 20.40
CA GLU D 172 44.44 3.57 19.04
C GLU D 172 45.29 2.78 18.06
N TYR D 173 46.58 2.66 18.35
CA TYR D 173 47.55 2.01 17.46
C TYR D 173 47.23 0.53 17.31
N GLU D 174 46.93 -0.13 18.40
CA GLU D 174 46.60 -1.55 18.36
C GLU D 174 45.27 -1.76 17.62
N GLN D 175 44.43 -0.75 17.69
CA GLN D 175 43.07 -0.73 17.07
C GLN D 175 43.22 -0.64 15.55
N VAL D 176 44.06 0.26 15.03
CA VAL D 176 44.20 0.44 13.55
C VAL D 176 44.85 -0.82 12.98
N LEU D 177 45.84 -1.39 13.68
CA LEU D 177 46.61 -2.53 13.13
C LEU D 177 45.65 -3.70 12.97
N GLU D 178 44.72 -3.80 13.92
CA GLU D 178 43.63 -4.82 13.98
C GLU D 178 42.64 -4.65 12.82
N ILE D 179 42.14 -3.42 12.56
CA ILE D 179 41.37 -3.00 11.36
C ILE D 179 42.13 -3.48 10.10
N ILE D 180 43.45 -3.22 10.05
CA ILE D 180 44.32 -3.58 8.87
C ILE D 180 44.42 -5.10 8.71
N ARG D 181 44.62 -5.81 9.81
CA ARG D 181 44.74 -7.27 9.75
C ARG D 181 43.45 -7.88 9.18
N LYS D 182 42.33 -7.51 9.74
CA LYS D 182 41.03 -8.13 9.37
C LYS D 182 40.74 -7.80 7.90
N ALA D 183 40.89 -6.52 7.55
CA ALA D 183 40.72 -6.03 6.17
C ALA D 183 41.61 -6.85 5.23
N ILE D 184 42.89 -7.07 5.55
CA ILE D 184 43.82 -7.76 4.60
C ILE D 184 43.43 -9.23 4.50
N ILE D 185 43.17 -9.88 5.63
CA ILE D 185 42.70 -11.31 5.68
C ILE D 185 41.43 -11.47 4.84
N ALA D 186 40.51 -10.50 4.90
CA ALA D 186 39.19 -10.60 4.22
C ALA D 186 39.37 -10.61 2.69
N THR D 187 40.52 -10.17 2.14
CA THR D 187 40.82 -10.26 0.67
C THR D 187 41.07 -11.71 0.21
N ASP D 188 41.10 -12.68 1.11
CA ASP D 188 41.09 -14.13 0.79
C ASP D 188 39.69 -14.46 0.27
N LEU D 189 39.55 -14.69 -1.03
CA LEU D 189 38.21 -14.79 -1.66
C LEU D 189 37.48 -16.01 -1.09
N ALA D 190 38.18 -17.07 -0.74
CA ALA D 190 37.61 -18.25 -0.04
C ALA D 190 36.67 -17.83 1.13
N LEU D 191 37.04 -16.77 1.87
CA LEU D 191 36.32 -16.28 3.08
C LEU D 191 35.15 -15.38 2.63
N TYR D 192 35.28 -14.74 1.46
CA TYR D 192 34.30 -13.72 0.99
C TYR D 192 32.89 -14.32 1.02
N PHE D 193 32.78 -15.58 0.55
CA PHE D 193 31.49 -16.26 0.24
C PHE D 193 30.67 -16.38 1.53
N GLY D 194 31.26 -17.00 2.56
CA GLY D 194 30.73 -17.11 3.94
C GLY D 194 30.33 -15.75 4.50
N ASN D 195 31.19 -14.74 4.32
CA ASN D 195 30.98 -13.37 4.87
C ASN D 195 29.83 -12.66 4.15
N ARG D 196 29.71 -12.81 2.83
CA ARG D 196 28.60 -12.13 2.11
C ARG D 196 27.23 -12.72 2.52
N LYS D 197 27.10 -14.08 2.51
CA LYS D 197 25.87 -14.84 2.88
C LYS D 197 25.38 -14.42 4.27
N GLN D 198 26.31 -14.23 5.21
CA GLN D 198 26.00 -13.72 6.59
C GLN D 198 25.40 -12.32 6.53
N LEU D 199 26.07 -11.40 5.83
CA LEU D 199 25.61 -9.99 5.76
C LEU D 199 24.21 -9.99 5.14
N GLU D 200 24.01 -10.82 4.11
CA GLU D 200 22.77 -10.94 3.30
C GLU D 200 21.61 -11.16 4.27
N GLU D 201 21.73 -12.23 5.07
CA GLU D 201 20.77 -12.60 6.13
C GLU D 201 20.52 -11.45 7.10
N MET D 202 21.57 -10.98 7.79
CA MET D 202 21.50 -9.85 8.75
C MET D 202 20.77 -8.66 8.11
N TYR D 203 21.12 -8.25 6.89
CA TYR D 203 20.57 -7.00 6.26
C TYR D 203 19.08 -7.15 5.90
N GLN D 204 18.69 -8.36 5.48
CA GLN D 204 17.36 -8.70 4.91
C GLN D 204 16.40 -8.93 6.09
N THR D 205 16.83 -9.65 7.14
CA THR D 205 16.06 -9.86 8.40
C THR D 205 16.16 -8.65 9.35
N GLY D 206 16.84 -7.56 8.96
CA GLY D 206 16.88 -6.28 9.70
C GLY D 206 17.70 -6.34 10.99
N SER D 207 18.50 -7.38 11.24
CA SER D 207 19.42 -7.48 12.40
C SER D 207 20.79 -6.80 12.16
N LEU D 208 21.06 -6.24 10.97
CA LEU D 208 22.39 -5.60 10.70
C LEU D 208 22.52 -4.36 11.58
N ASN D 209 23.57 -4.31 12.38
CA ASN D 209 23.78 -3.20 13.35
C ASN D 209 25.25 -2.78 13.30
N LEU D 210 25.54 -1.64 12.68
CA LEU D 210 26.90 -1.08 12.50
C LEU D 210 27.52 -0.65 13.85
N ASN D 211 26.75 -0.49 14.92
CA ASN D 211 27.32 -0.21 16.28
C ASN D 211 27.94 -1.50 16.82
N ASN D 212 27.66 -2.65 16.22
CA ASN D 212 28.23 -3.96 16.62
C ASN D 212 29.54 -4.14 15.85
N GLN D 213 30.69 -3.99 16.52
CA GLN D 213 32.06 -4.17 15.95
C GLN D 213 32.14 -5.36 14.97
N SER D 214 31.64 -6.51 15.41
CA SER D 214 31.69 -7.81 14.70
C SER D 214 30.92 -7.71 13.36
N HIS D 215 29.87 -6.89 13.30
CA HIS D 215 29.10 -6.61 12.06
C HIS D 215 29.94 -5.69 11.18
N ARG D 216 30.61 -4.71 11.78
CA ARG D 216 31.42 -3.69 11.07
C ARG D 216 32.55 -4.37 10.33
N ASP D 217 33.20 -5.32 10.99
CA ASP D 217 34.29 -6.12 10.41
C ASP D 217 33.75 -6.83 9.17
N ARG D 218 32.53 -7.38 9.26
CA ARG D 218 31.90 -8.06 8.10
C ARG D 218 31.71 -7.06 6.94
N VAL D 219 31.18 -5.89 7.25
CA VAL D 219 30.94 -4.84 6.21
C VAL D 219 32.29 -4.44 5.60
N ILE D 220 33.29 -4.18 6.44
CA ILE D 220 34.67 -3.83 5.96
C ILE D 220 35.21 -4.97 5.06
N GLY D 221 35.11 -6.22 5.53
CA GLY D 221 35.49 -7.40 4.74
C GLY D 221 34.85 -7.37 3.36
N LEU D 222 33.55 -7.07 3.28
CA LEU D 222 32.87 -7.02 1.96
C LEU D 222 33.43 -5.83 1.17
N MET D 223 33.67 -4.71 1.83
CA MET D 223 34.24 -3.51 1.15
C MET D 223 35.63 -3.85 0.56
N MET D 224 36.43 -4.62 1.30
CA MET D 224 37.74 -5.15 0.82
C MET D 224 37.50 -5.99 -0.44
N THR D 225 36.60 -6.97 -0.41
CA THR D 225 36.35 -7.78 -1.63
C THR D 225 35.97 -6.88 -2.82
N ALA D 226 35.01 -5.98 -2.61
CA ALA D 226 34.51 -5.02 -3.60
C ALA D 226 35.69 -4.23 -4.21
N CYS D 227 36.51 -3.64 -3.34
CA CYS D 227 37.77 -2.92 -3.68
C CYS D 227 38.73 -3.84 -4.45
N ASP D 228 38.92 -5.04 -3.96
CA ASP D 228 39.82 -6.02 -4.59
C ASP D 228 39.36 -6.40 -6.00
N LEU D 229 38.05 -6.38 -6.29
CA LEU D 229 37.51 -6.93 -7.57
C LEU D 229 37.23 -5.78 -8.50
N CYS D 230 37.64 -4.56 -8.16
CA CYS D 230 37.08 -3.33 -8.76
C CYS D 230 37.52 -3.16 -10.22
N SER D 231 38.36 -4.04 -10.76
CA SER D 231 38.62 -4.00 -12.22
C SER D 231 37.35 -4.31 -13.02
N VAL D 232 36.40 -5.06 -12.42
CA VAL D 232 35.12 -5.43 -13.08
C VAL D 232 34.14 -4.27 -13.07
N THR D 233 34.51 -3.13 -12.47
CA THR D 233 33.65 -1.93 -12.35
C THR D 233 34.23 -0.76 -13.13
N LYS D 234 35.21 -0.98 -13.97
CA LYS D 234 35.84 0.09 -14.79
C LYS D 234 35.19 0.14 -16.18
N LEU D 235 35.49 1.22 -16.91
CA LEU D 235 35.23 1.31 -18.37
C LEU D 235 35.70 0.02 -19.02
N TRP D 236 34.86 -0.46 -19.95
CA TRP D 236 34.99 -1.79 -20.58
C TRP D 236 36.42 -2.08 -21.07
N PRO D 237 37.11 -1.14 -21.77
CA PRO D 237 38.49 -1.34 -22.22
C PRO D 237 39.52 -1.55 -21.07
N VAL D 238 39.35 -0.83 -19.94
CA VAL D 238 40.13 -1.07 -18.69
C VAL D 238 39.83 -2.49 -18.21
N THR D 239 38.55 -2.85 -18.11
CA THR D 239 38.10 -4.16 -17.59
C THR D 239 38.64 -5.32 -18.43
N LYS D 240 38.55 -5.23 -19.76
CA LYS D 240 38.96 -6.29 -20.70
C LYS D 240 40.49 -6.44 -20.70
N LEU D 241 41.24 -5.33 -20.74
CA LEU D 241 42.73 -5.34 -20.71
C LEU D 241 43.25 -5.85 -19.34
N THR D 242 42.55 -5.59 -18.24
CA THR D 242 43.01 -6.05 -16.91
C THR D 242 42.80 -7.57 -16.80
N ALA D 243 41.72 -8.08 -17.39
CA ALA D 243 41.45 -9.52 -17.46
C ALA D 243 42.65 -10.23 -18.07
N ASN D 244 43.26 -9.63 -19.11
CA ASN D 244 44.40 -10.29 -19.82
C ASN D 244 45.55 -10.48 -18.79
N ASP D 245 45.87 -9.41 -18.06
CA ASP D 245 46.87 -9.42 -16.96
C ASP D 245 46.56 -10.54 -15.98
N ILE D 246 45.36 -10.59 -15.40
CA ILE D 246 45.08 -11.61 -14.36
C ILE D 246 45.21 -13.01 -14.98
N TYR D 247 44.80 -13.18 -16.25
CA TYR D 247 44.79 -14.53 -16.87
C TYR D 247 46.23 -14.98 -17.13
N ALA D 248 47.11 -14.03 -17.47
CA ALA D 248 48.55 -14.31 -17.62
C ALA D 248 49.06 -14.93 -16.30
N GLU D 249 48.58 -14.45 -15.15
CA GLU D 249 48.98 -15.10 -13.86
C GLU D 249 48.39 -16.50 -13.74
N PHE D 250 47.08 -16.64 -13.95
CA PHE D 250 46.32 -17.90 -13.76
C PHE D 250 46.94 -19.01 -14.62
N TRP D 251 47.27 -18.68 -15.86
CA TRP D 251 47.83 -19.68 -16.82
C TRP D 251 49.27 -20.05 -16.43
N ALA D 252 50.08 -19.07 -15.98
CA ALA D 252 51.44 -19.35 -15.42
C ALA D 252 51.25 -20.33 -14.27
N GLU D 253 50.24 -20.10 -13.44
CA GLU D 253 49.98 -20.96 -12.26
C GLU D 253 49.53 -22.35 -12.73
N GLY D 254 48.71 -22.39 -13.76
CA GLY D 254 48.23 -23.69 -14.28
C GLY D 254 49.40 -24.41 -14.86
N ASP D 255 50.27 -23.72 -15.62
CA ASP D 255 51.55 -24.31 -16.14
C ASP D 255 52.38 -24.92 -15.01
N GLU D 256 52.51 -24.26 -13.85
CA GLU D 256 53.27 -24.76 -12.67
C GLU D 256 52.56 -25.97 -12.03
N MET D 257 51.22 -26.00 -12.08
CA MET D 257 50.42 -27.17 -11.62
C MET D 257 50.72 -28.38 -12.53
N LYS D 258 50.76 -28.17 -13.85
CA LYS D 258 51.11 -29.23 -14.81
C LYS D 258 52.54 -29.70 -14.52
N LYS D 259 53.45 -28.79 -14.16
CA LYS D 259 54.84 -29.20 -13.89
C LYS D 259 54.87 -30.12 -12.65
N LEU D 260 53.93 -29.93 -11.71
CA LEU D 260 53.83 -30.76 -10.48
C LEU D 260 53.12 -32.09 -10.77
N GLY D 261 52.69 -32.36 -11.99
CA GLY D 261 51.97 -33.59 -12.37
C GLY D 261 50.46 -33.46 -12.18
N ILE D 262 49.94 -32.24 -11.98
CA ILE D 262 48.50 -31.99 -11.66
C ILE D 262 47.81 -31.21 -12.79
N GLN D 263 46.69 -31.76 -13.29
CA GLN D 263 45.80 -31.03 -14.23
C GLN D 263 45.19 -29.88 -13.44
N PRO D 264 45.40 -28.61 -13.83
CA PRO D 264 44.78 -27.51 -13.09
C PRO D 264 43.29 -27.38 -13.42
N ILE D 265 42.53 -26.65 -12.59
CA ILE D 265 41.17 -26.13 -12.93
C ILE D 265 41.23 -25.32 -14.22
N PRO D 266 40.17 -25.37 -15.05
CA PRO D 266 40.14 -24.76 -16.38
C PRO D 266 40.50 -23.26 -16.43
N MET D 267 40.08 -22.55 -15.39
CA MET D 267 40.39 -21.10 -15.21
C MET D 267 41.89 -20.86 -15.40
N MET D 268 42.72 -21.79 -14.93
CA MET D 268 44.20 -21.68 -14.90
C MET D 268 44.83 -22.48 -16.05
N ASP D 269 44.03 -23.05 -16.96
CA ASP D 269 44.54 -23.85 -18.11
C ASP D 269 44.58 -22.97 -19.36
N ARG D 270 45.78 -22.64 -19.89
CA ARG D 270 45.93 -21.76 -21.08
C ARG D 270 45.45 -22.53 -22.33
N ASP D 271 45.20 -23.84 -22.22
CA ASP D 271 44.58 -24.61 -23.33
C ASP D 271 43.08 -24.30 -23.43
N LYS D 272 42.50 -23.65 -22.41
CA LYS D 272 41.05 -23.31 -22.39
C LYS D 272 40.93 -21.79 -22.50
N LYS D 273 41.95 -21.15 -23.09
CA LYS D 273 41.98 -19.72 -23.52
C LYS D 273 40.65 -19.27 -24.17
N ASP D 274 40.17 -20.05 -25.15
CA ASP D 274 38.91 -19.86 -25.93
C ASP D 274 37.76 -19.62 -24.93
N GLU D 275 37.70 -20.37 -23.82
CA GLU D 275 36.57 -20.48 -22.83
C GLU D 275 36.58 -19.28 -21.86
N VAL D 276 37.37 -18.23 -22.14
CA VAL D 276 37.53 -17.07 -21.20
C VAL D 276 36.20 -16.32 -21.08
N PRO D 277 35.57 -15.87 -22.19
CA PRO D 277 34.34 -15.09 -22.09
C PRO D 277 33.28 -15.79 -21.21
N GLN D 278 33.09 -17.09 -21.37
CA GLN D 278 32.16 -17.93 -20.56
C GLN D 278 32.62 -17.93 -19.09
N GLY D 279 33.91 -18.10 -18.81
CA GLY D 279 34.45 -18.08 -17.44
C GLY D 279 34.19 -16.77 -16.69
N GLN D 280 34.35 -15.63 -17.36
CA GLN D 280 34.01 -14.28 -16.82
C GLN D 280 32.51 -14.19 -16.52
N LEU D 281 31.71 -14.61 -17.50
CA LEU D 281 30.24 -14.69 -17.36
C LEU D 281 29.96 -15.37 -16.03
N GLY D 282 30.58 -16.56 -15.82
CA GLY D 282 30.44 -17.35 -14.59
C GLY D 282 30.85 -16.55 -13.36
N PHE D 283 31.98 -15.84 -13.47
CA PHE D 283 32.65 -15.10 -12.37
C PHE D 283 31.72 -13.96 -11.89
N TYR D 284 31.21 -13.16 -12.84
CA TYR D 284 30.29 -12.04 -12.56
C TYR D 284 29.01 -12.54 -11.86
N ASN D 285 28.42 -13.58 -12.46
CA ASN D 285 27.18 -14.20 -11.95
C ASN D 285 27.43 -14.77 -10.55
N ALA D 286 28.47 -15.60 -10.37
CA ALA D 286 28.76 -16.34 -9.11
C ALA D 286 29.53 -15.49 -8.06
N VAL D 287 30.18 -14.36 -8.40
CA VAL D 287 31.09 -13.65 -7.42
C VAL D 287 30.85 -12.16 -7.44
N ALA D 288 31.19 -11.54 -8.55
CA ALA D 288 31.19 -10.06 -8.64
C ALA D 288 29.78 -9.46 -8.42
N ILE D 289 28.72 -9.99 -9.07
CA ILE D 289 27.38 -9.34 -9.05
C ILE D 289 26.84 -9.52 -7.61
N PRO D 290 26.85 -10.73 -7.02
CA PRO D 290 26.41 -10.88 -5.64
C PRO D 290 27.23 -9.97 -4.70
N CYS D 291 28.52 -9.81 -4.96
CA CYS D 291 29.39 -8.97 -4.11
C CYS D 291 28.85 -7.54 -4.08
N TYR D 292 28.77 -6.91 -5.25
CA TYR D 292 28.39 -5.47 -5.35
C TYR D 292 26.91 -5.30 -5.07
N THR D 293 26.12 -6.39 -5.13
CA THR D 293 24.65 -6.33 -4.88
C THR D 293 24.49 -6.19 -3.37
N THR D 294 25.06 -7.10 -2.62
CA THR D 294 25.02 -6.98 -1.15
C THR D 294 25.62 -5.65 -0.69
N LEU D 295 26.71 -5.22 -1.33
CA LEU D 295 27.42 -4.01 -0.86
C LEU D 295 26.52 -2.78 -1.07
N THR D 296 25.94 -2.62 -2.26
CA THR D 296 24.99 -1.52 -2.59
C THR D 296 23.75 -1.56 -1.68
N GLN D 297 23.27 -2.73 -1.32
CA GLN D 297 22.18 -2.86 -0.31
C GLN D 297 22.64 -2.11 0.96
N ILE D 298 23.81 -2.45 1.50
CA ILE D 298 24.29 -1.98 2.85
C ILE D 298 24.79 -0.53 2.80
N LEU D 299 25.42 -0.10 1.69
CA LEU D 299 26.00 1.25 1.52
C LEU D 299 25.52 1.77 0.16
N PRO D 300 24.26 2.23 0.11
CA PRO D 300 23.64 2.63 -1.16
C PRO D 300 24.46 3.50 -2.10
N PRO D 301 25.32 4.44 -1.62
CA PRO D 301 26.12 5.27 -2.51
C PRO D 301 27.23 4.51 -3.26
N THR D 302 27.42 3.20 -2.97
CA THR D 302 28.34 2.28 -3.71
C THR D 302 27.69 1.69 -4.96
N GLU D 303 26.41 2.02 -5.19
CA GLU D 303 25.62 1.51 -6.35
C GLU D 303 26.38 1.65 -7.68
N PRO D 304 27.08 2.75 -8.02
CA PRO D 304 27.77 2.85 -9.31
C PRO D 304 28.75 1.68 -9.59
N LEU D 305 29.39 1.12 -8.57
CA LEU D 305 30.16 -0.13 -8.76
C LEU D 305 29.25 -1.20 -9.37
N LEU D 306 28.03 -1.35 -8.85
CA LEU D 306 27.11 -2.45 -9.25
C LEU D 306 26.65 -2.21 -10.70
N LYS D 307 26.21 -0.97 -10.95
CA LYS D 307 25.85 -0.55 -12.33
C LYS D 307 26.97 -0.97 -13.29
N ALA D 308 28.20 -0.50 -13.05
CA ALA D 308 29.37 -0.70 -13.95
C ALA D 308 29.69 -2.22 -14.05
N CYS D 309 29.56 -2.99 -12.96
CA CYS D 309 29.78 -4.46 -13.02
C CYS D 309 28.78 -5.08 -14.00
N ARG D 310 27.51 -4.63 -13.97
CA ARG D 310 26.41 -5.13 -14.81
C ARG D 310 26.66 -4.75 -16.28
N ASP D 311 27.14 -3.53 -16.55
CA ASP D 311 27.44 -3.11 -17.95
C ASP D 311 28.54 -4.03 -18.49
N ASN D 312 29.56 -4.32 -17.68
CA ASN D 312 30.72 -5.16 -18.07
C ASN D 312 30.21 -6.58 -18.30
N LEU D 313 29.30 -7.08 -17.45
CA LEU D 313 28.67 -8.43 -17.63
C LEU D 313 28.07 -8.52 -19.04
N SER D 314 27.37 -7.46 -19.45
CA SER D 314 26.66 -7.44 -20.76
C SER D 314 27.70 -7.30 -21.88
N GLN D 315 28.84 -6.69 -21.59
CA GLN D 315 29.97 -6.60 -22.53
C GLN D 315 30.55 -8.00 -22.76
N TRP D 316 30.70 -8.84 -21.72
CA TRP D 316 31.22 -10.22 -21.85
C TRP D 316 30.20 -11.07 -22.64
N GLU D 317 28.90 -10.94 -22.34
CA GLU D 317 27.75 -11.54 -23.10
C GLU D 317 27.85 -11.23 -24.61
N LYS D 318 28.05 -9.95 -24.97
CA LYS D 318 28.37 -9.56 -26.37
C LYS D 318 29.61 -10.27 -26.93
N VAL D 319 30.71 -10.42 -26.17
CA VAL D 319 31.93 -11.12 -26.69
C VAL D 319 31.53 -12.56 -27.07
N ILE D 320 30.74 -13.22 -26.20
CA ILE D 320 30.37 -14.66 -26.31
C ILE D 320 29.69 -14.94 -27.67
N ARG D 321 29.04 -13.96 -28.29
CA ARG D 321 28.56 -14.03 -29.71
C ARG D 321 29.34 -13.06 -30.61
N GLY D 322 28.98 -11.78 -30.58
CA GLY D 322 29.53 -10.70 -31.42
C GLY D 322 28.76 -9.39 -31.23
ZN ZN E . -34.91 -1.62 3.66
MG MG F . -35.61 1.45 5.77
N3 KIS G . -33.98 -6.55 10.43
C4 KIS G . -33.45 -7.16 12.56
C5 KIS G . -34.63 -5.74 11.24
C6 KIS G . -35.02 -5.47 13.67
C7 KIS G . -32.40 -8.42 10.78
C8 KIS G . -35.72 -6.28 14.61
C10 KIS G . -36.40 -5.60 15.66
C15 KIS G . -32.85 -7.83 13.77
C17 KIS G . -36.42 -4.20 15.79
C20 KIS G . -35.74 -3.43 14.83
C21 KIS G . -31.47 -9.54 9.05
C22 KIS G . -30.54 -8.89 8.03
C1 KIS G . -33.29 -7.41 11.24
N2 KIS G . -34.37 -6.10 12.57
O12 KIS G . -31.64 -9.11 11.51
O14 KIS G . -32.36 -8.52 9.46
C16 KIS G . -35.00 -4.04 13.75
C30 KIS G . -31.40 -8.65 19.24
N31 KIS G . -33.42 -8.61 18.52
N32 KIS G . -31.23 -8.98 17.90
C33 KIS G . -32.67 -8.42 19.70
C34 KIS G . -32.52 -8.92 17.43
C35 KIS G . -34.80 -8.44 18.40
C36 KIS G . -30.27 -8.62 20.04
C37 KIS G . -35.66 -9.31 19.09
C38 KIS G . -37.05 -9.17 18.91
O39 KIS G . -30.23 -8.22 21.18
O40 KIS G . -29.13 -9.08 19.54
C41 KIS G . -33.28 -8.07 21.03
C42 KIS G . -35.25 -7.42 17.55
C43 KIS G . -37.56 -8.20 18.06
C44 KIS G . -36.65 -7.34 17.41
O35 KIS G . -37.17 -6.34 16.58
C45 KIS G . -28.06 -8.89 20.46
C46 KIS G . -26.77 -8.40 19.71
ZN ZN H . -2.42 -11.74 -11.69
MG MG I . -5.41 -13.43 -13.62
C1 GOL J . -19.48 -5.69 -10.77
O1 GOL J . -19.85 -6.50 -11.89
C2 GOL J . -18.27 -6.21 -10.02
O2 GOL J . -18.03 -7.55 -10.43
C3 GOL J . -18.39 -6.12 -8.52
O3 GOL J . -17.70 -7.17 -7.86
N3 KIS K . -1.86 -17.82 -5.74
C4 KIS K . -2.47 -19.58 -4.36
C5 KIS K . -2.51 -18.68 -6.47
C6 KIS K . -3.50 -21.03 -6.12
C7 KIS K . -1.16 -17.65 -3.49
C8 KIS K . -2.95 -22.28 -5.84
C10 KIS K . -3.67 -23.36 -6.38
C15 KIS K . -2.79 -20.60 -3.28
C17 KIS K . -4.84 -23.28 -7.14
C20 KIS K . -5.35 -22.00 -7.38
C21 KIS K . -0.03 -15.71 -2.82
C22 KIS K . -0.57 -14.23 -2.90
C1 KIS K . -1.84 -18.37 -4.50
N2 KIS K . -2.86 -19.82 -5.65
O12 KIS K . -1.08 -17.95 -2.26
O14 KIS K . -0.55 -16.51 -3.96
C16 KIS K . -4.68 -20.88 -6.88
C30 KIS K . -5.06 -24.18 0.44
N31 KIS K . -3.94 -24.58 -1.39
N32 KIS K . -4.35 -23.01 0.25
C33 KIS K . -4.83 -25.19 -0.51
C34 KIS K . -3.67 -23.27 -0.87
C35 KIS K . -3.33 -25.17 -2.59
C36 KIS K . -5.91 -24.26 1.58
C37 KIS K . -2.48 -26.30 -2.44
C38 KIS K . -1.92 -26.85 -3.61
O39 KIS K . -6.68 -25.17 1.86
O40 KIS K . -5.88 -23.24 2.44
C41 KIS K . -5.34 -26.58 -0.81
C42 KIS K . -3.56 -24.56 -3.85
C43 KIS K . -2.06 -26.28 -4.87
C44 KIS K . -2.90 -25.16 -4.95
O35 KIS K . -3.18 -24.63 -6.22
C45 KIS K . -6.98 -23.24 3.41
C46 KIS K . -7.95 -21.97 3.49
ZN ZN L . -3.57 16.11 13.10
MG MG M . -0.18 15.99 11.14
N3 KIS N . -1.35 10.49 19.13
C4 KIS N . -0.27 8.71 20.12
C5 KIS N . -0.04 10.67 18.93
C6 KIS N . 2.09 9.52 19.63
C7 KIS N . -2.77 8.78 20.27
C8 KIS N . 2.72 9.31 20.89
C10 KIS N . 4.14 9.27 20.88
C15 KIS N . 0.08 7.47 20.91
C17 KIS N . 4.93 9.44 19.71
C20 KIS N . 4.28 9.65 18.46
C21 KIS N . -5.13 9.16 20.35
C22 KIS N . -5.82 8.89 18.98
C1 KIS N . -1.48 9.30 19.86
N2 KIS N . 0.65 9.58 19.56
O12 KIS N . -3.00 7.65 20.78
O14 KIS N . -3.81 9.66 20.06
C16 KIS N . 2.84 9.67 18.43
C30 KIS N . 2.59 2.71 22.52
N31 KIS N . 3.20 4.73 23.04
N32 KIS N . 1.41 3.46 22.36
C33 KIS N . 3.69 3.44 22.93
C34 KIS N . 1.81 4.68 22.67
C35 KIS N . 3.90 5.93 23.47
C36 KIS N . 2.72 1.28 22.34
C37 KIS N . 4.37 6.05 24.83
C38 KIS N . 4.97 7.23 25.26
O39 KIS N . 3.76 0.60 22.39
O40 KIS N . 1.57 0.64 22.06
C41 KIS N . 5.10 3.02 23.21
C42 KIS N . 4.00 6.96 22.54
C43 KIS N . 5.10 8.28 24.34
C44 KIS N . 4.62 8.14 23.03
O35 KIS N . 4.81 9.18 22.13
C45 KIS N . 1.79 -0.75 21.69
C46 KIS N . 0.94 -1.16 20.47
ZN ZN O . 44.36 -7.87 -4.44
MG MG P . 45.50 -11.06 -2.58
N3 KIS Q . 39.32 -12.15 -9.96
C4 KIS Q . 38.69 -13.91 -11.37
C5 KIS Q . 39.14 -13.21 -9.22
C6 KIS Q . 38.42 -15.62 -9.44
C7 KIS Q . 39.09 -11.73 -12.44
C8 KIS Q . 37.15 -16.18 -9.64
C10 KIS Q . 36.86 -17.40 -9.01
C15 KIS Q . 38.32 -14.78 -12.54
C17 KIS Q . 37.80 -18.06 -8.20
C20 KIS Q . 39.06 -17.48 -8.01
C21 KIS Q . 39.30 -9.52 -13.34
C22 KIS Q . 40.79 -9.23 -13.59
C1 KIS Q . 39.06 -12.59 -11.28
N2 KIS Q . 38.74 -14.33 -10.03
O12 KIS Q . 38.89 -12.18 -13.60
O14 KIS Q . 39.29 -10.38 -12.20
C16 KIS Q . 39.37 -16.22 -8.62
C30 KIS Q . 37.01 -19.27 -15.89
N31 KIS Q . 36.07 -18.64 -13.99
N32 KIS Q . 37.33 -17.95 -15.78
C33 KIS Q . 36.24 -19.77 -14.82
C34 KIS Q . 36.78 -17.58 -14.63
C35 KIS Q . 35.27 -18.60 -12.76
C36 KIS Q . 37.53 -20.01 -17.04
C37 KIS Q . 33.88 -18.92 -12.84
C38 KIS Q . 33.07 -18.92 -11.70
O39 KIS Q . 37.36 -21.22 -17.10
O40 KIS Q . 38.33 -19.40 -18.02
C41 KIS Q . 35.62 -21.11 -14.44
C42 KIS Q . 35.85 -18.27 -11.54
C43 KIS Q . 33.63 -18.62 -10.45
C44 KIS Q . 35.01 -18.30 -10.41
O35 KIS Q . 35.59 -18.00 -9.17
C45 KIS Q . 39.09 -20.31 -18.88
C46 KIS Q . 40.63 -20.19 -18.83
#